data_7TAV
#
_entry.id   7TAV
#
_cell.length_a   113.715
_cell.length_b   113.715
_cell.length_c   114.598
_cell.angle_alpha   90.000
_cell.angle_beta   90.000
_cell.angle_gamma   120.000
#
_symmetry.space_group_name_H-M   'P 32'
#
loop_
_entity.id
_entity.type
_entity.pdbx_description
1 polymer 'Molybdate ABC transporter substrate-binding protein'
2 non-polymer GLYCEROL
3 non-polymer 'CALCIUM ION'
4 non-polymer 'SULFATE ION'
5 non-polymer 'CHLORIDE ION'
6 water water
#
_entity_poly.entity_id   1
_entity_poly.type   'polypeptide(L)'
_entity_poly.pdbx_seq_one_letter_code
;SNAQTTTIHISAAASLKDSIDDVKPLFEKANPTIKLSFDFGGSGQIRERVESGAPIDGVLLASKKDADTLIKQNLAEKTK
EFAGNELVLIEPKNVDQKTEANLEQLLNDASKIAIGDPESVPAGAYAKQTLENLNLYNAEKAKLVLATDVRQVLSYVEAG
NADAGFVYQTDALLSKKVQVKAKIDEKLHDPIAYYSAQVSDSDKKEETATFLDFMNKSEAQKILEKYGFKAAN
;
_entity_poly.pdbx_strand_id   A,B,C,D,E,F
#
# COMPACT_ATOMS: atom_id res chain seq x y z
N GLN A 4 -0.36 56.26 -21.75
CA GLN A 4 -0.92 56.18 -20.41
C GLN A 4 -0.72 54.77 -19.84
N THR A 5 -1.15 54.57 -18.61
CA THR A 5 -1.05 53.28 -17.95
C THR A 5 -2.25 52.40 -18.29
N THR A 6 -2.02 51.09 -18.30
CA THR A 6 -3.06 50.11 -18.61
C THR A 6 -2.94 48.95 -17.64
N THR A 7 -4.04 48.59 -17.00
CA THR A 7 -4.06 47.52 -16.01
C THR A 7 -4.61 46.24 -16.65
N ILE A 8 -3.87 45.15 -16.51
CA ILE A 8 -4.32 43.83 -16.95
C ILE A 8 -4.44 42.94 -15.71
N HIS A 9 -5.41 42.03 -15.75
CA HIS A 9 -5.70 41.15 -14.63
C HIS A 9 -5.31 39.72 -14.99
N ILE A 10 -4.45 39.13 -14.17
CA ILE A 10 -3.97 37.77 -14.36
C ILE A 10 -4.48 36.89 -13.23
N SER A 11 -4.99 35.71 -13.58
CA SER A 11 -5.45 34.73 -12.61
C SER A 11 -4.44 33.59 -12.58
N ALA A 12 -3.61 33.57 -11.56
CA ALA A 12 -2.54 32.58 -11.44
C ALA A 12 -2.90 31.54 -10.38
N ALA A 13 -2.24 30.39 -10.48
CA ALA A 13 -2.43 29.31 -9.51
C ALA A 13 -1.91 29.75 -8.14
N ALA A 14 -2.42 29.08 -7.11
CA ALA A 14 -2.05 29.46 -5.74
C ALA A 14 -0.58 29.20 -5.44
N SER A 15 0.02 28.22 -6.13
CA SER A 15 1.41 27.87 -5.87
C SER A 15 2.40 28.90 -6.40
N LEU A 16 1.94 29.90 -7.16
CA LEU A 16 2.79 30.94 -7.71
C LEU A 16 2.67 32.26 -6.95
N LYS A 17 2.11 32.24 -5.74
CA LYS A 17 1.79 33.48 -5.06
C LYS A 17 3.04 34.26 -4.67
N ASP A 18 4.05 33.56 -4.14
CA ASP A 18 5.23 34.23 -3.63
C ASP A 18 6.26 34.55 -4.70
N SER A 19 6.33 33.75 -5.77
CA SER A 19 7.28 34.04 -6.83
C SER A 19 6.80 35.19 -7.71
N ILE A 20 5.49 35.29 -7.94
CA ILE A 20 4.94 36.42 -8.68
C ILE A 20 5.12 37.71 -7.90
N ASP A 21 5.15 37.62 -6.56
CA ASP A 21 5.37 38.81 -5.73
C ASP A 21 6.63 39.56 -6.13
N ASP A 22 7.66 38.85 -6.60
CA ASP A 22 8.90 39.47 -7.03
C ASP A 22 8.97 39.72 -8.53
N VAL A 23 8.18 39.00 -9.32
CA VAL A 23 8.16 39.22 -10.76
C VAL A 23 7.45 40.52 -11.09
N LYS A 24 6.39 40.84 -10.35
CA LYS A 24 5.58 42.02 -10.65
C LYS A 24 6.38 43.33 -10.62
N PRO A 25 7.18 43.64 -9.59
CA PRO A 25 7.91 44.92 -9.63
C PRO A 25 8.96 44.97 -10.73
N LEU A 26 9.59 43.84 -11.08
CA LEU A 26 10.57 43.85 -12.16
C LEU A 26 9.91 44.05 -13.52
N PHE A 27 8.70 43.52 -13.70
CA PHE A 27 8.00 43.70 -14.97
C PHE A 27 7.49 45.12 -15.12
N GLU A 28 6.81 45.64 -14.10
CA GLU A 28 6.26 46.99 -14.17
C GLU A 28 7.36 48.03 -14.34
N LYS A 29 8.55 47.76 -13.80
CA LYS A 29 9.69 48.66 -14.02
C LYS A 29 10.08 48.68 -15.49
N ALA A 30 10.16 47.50 -16.12
CA ALA A 30 10.52 47.40 -17.52
C ALA A 30 9.37 47.76 -18.46
N ASN A 31 8.17 47.94 -17.94
CA ASN A 31 7.00 48.30 -18.75
C ASN A 31 6.18 49.33 -17.98
N PRO A 32 6.58 50.61 -18.03
CA PRO A 32 5.88 51.63 -17.24
C PRO A 32 4.45 51.90 -17.69
N THR A 33 3.98 51.29 -18.77
CA THR A 33 2.63 51.49 -19.26
C THR A 33 1.71 50.31 -18.97
N ILE A 34 2.23 49.24 -18.37
CA ILE A 34 1.44 48.05 -18.06
C ILE A 34 1.53 47.81 -16.56
N LYS A 35 0.36 47.74 -15.90
CA LYS A 35 0.28 47.43 -14.49
C LYS A 35 -0.48 46.11 -14.31
N LEU A 36 -0.10 45.34 -13.29
CA LEU A 36 -0.60 43.99 -13.11
C LEU A 36 -1.52 43.90 -11.90
N SER A 37 -2.58 43.12 -12.04
CA SER A 37 -3.49 42.78 -10.95
C SER A 37 -3.63 41.27 -10.92
N PHE A 38 -3.35 40.66 -9.76
CA PHE A 38 -3.27 39.22 -9.63
C PHE A 38 -4.31 38.70 -8.64
N ASP A 39 -4.91 37.57 -8.97
CA ASP A 39 -5.72 36.79 -8.05
C ASP A 39 -5.23 35.35 -8.09
N PHE A 40 -5.11 34.73 -6.93
CA PHE A 40 -4.52 33.40 -6.79
C PHE A 40 -5.54 32.42 -6.25
N GLY A 41 -5.52 31.21 -6.79
CA GLY A 41 -6.46 30.18 -6.37
C GLY A 41 -6.21 28.90 -7.12
N GLY A 42 -7.12 27.95 -6.93
CA GLY A 42 -6.99 26.67 -7.63
C GLY A 42 -7.15 26.84 -9.12
N SER A 43 -6.32 26.11 -9.88
CA SER A 43 -6.31 26.26 -11.33
C SER A 43 -7.64 25.82 -11.94
N GLY A 44 -8.24 24.77 -11.41
CA GLY A 44 -9.54 24.33 -11.91
C GLY A 44 -10.62 25.36 -11.68
N GLN A 45 -10.58 26.03 -10.53
CA GLN A 45 -11.53 27.11 -10.28
C GLN A 45 -11.25 28.32 -11.15
N ILE A 46 -9.98 28.55 -11.50
CA ILE A 46 -9.67 29.57 -12.50
C ILE A 46 -10.24 29.17 -13.85
N ARG A 47 -10.22 27.87 -14.16
CA ARG A 47 -10.78 27.39 -15.42
C ARG A 47 -12.29 27.62 -15.47
N GLU A 48 -12.99 27.39 -14.35
CA GLU A 48 -14.43 27.58 -14.33
C GLU A 48 -14.81 29.04 -14.54
N ARG A 49 -14.04 29.96 -13.97
CA ARG A 49 -14.37 31.38 -14.09
C ARG A 49 -14.23 31.86 -15.53
N VAL A 50 -13.18 31.40 -16.22
CA VAL A 50 -13.04 31.73 -17.64
C VAL A 50 -14.21 31.15 -18.44
N GLU A 51 -14.66 29.95 -18.06
CA GLU A 51 -15.80 29.34 -18.72
C GLU A 51 -17.13 29.96 -18.30
N SER A 52 -17.11 30.88 -17.33
CA SER A 52 -18.31 31.57 -16.88
C SER A 52 -18.38 33.01 -17.37
N GLY A 53 -17.37 33.48 -18.10
CA GLY A 53 -17.37 34.83 -18.59
C GLY A 53 -16.68 35.85 -17.71
N ALA A 54 -15.81 35.40 -16.81
CA ALA A 54 -15.11 36.33 -15.93
C ALA A 54 -14.16 37.21 -16.73
N PRO A 55 -14.12 38.50 -16.46
CA PRO A 55 -13.27 39.43 -17.24
C PRO A 55 -11.80 39.32 -16.86
N ILE A 56 -11.17 38.22 -17.26
CA ILE A 56 -9.77 37.98 -16.99
C ILE A 56 -8.98 38.17 -18.27
N ASP A 57 -7.81 38.80 -18.17
CA ASP A 57 -7.00 39.03 -19.36
C ASP A 57 -6.11 37.84 -19.67
N GLY A 58 -5.37 37.35 -18.67
CA GLY A 58 -4.54 36.18 -18.84
C GLY A 58 -4.61 35.29 -17.61
N VAL A 59 -4.19 34.05 -17.79
CA VAL A 59 -4.24 33.05 -16.73
C VAL A 59 -2.92 32.32 -16.65
N LEU A 60 -2.59 31.86 -15.44
CA LEU A 60 -1.41 31.04 -15.19
C LEU A 60 -1.87 29.79 -14.45
N LEU A 61 -1.88 28.65 -15.14
CA LEU A 61 -2.45 27.42 -14.61
C LEU A 61 -1.35 26.40 -14.34
N ALA A 62 -1.59 25.55 -13.34
CA ALA A 62 -0.67 24.51 -12.94
C ALA A 62 -1.00 23.15 -13.54
N SER A 63 -1.84 23.12 -14.58
CA SER A 63 -2.31 21.88 -15.17
C SER A 63 -2.36 22.01 -16.69
N LYS A 64 -1.73 21.07 -17.38
CA LYS A 64 -1.87 21.01 -18.83
C LYS A 64 -3.29 20.65 -19.24
N LYS A 65 -3.98 19.85 -18.42
CA LYS A 65 -5.36 19.49 -18.71
C LYS A 65 -6.27 20.71 -18.68
N ASP A 66 -6.11 21.57 -17.66
CA ASP A 66 -6.93 22.77 -17.56
C ASP A 66 -6.62 23.75 -18.69
N ALA A 67 -5.37 23.80 -19.14
CA ALA A 67 -5.03 24.68 -20.26
C ALA A 67 -5.60 24.15 -21.57
N ASP A 68 -5.50 22.84 -21.80
CA ASP A 68 -6.07 22.26 -23.01
C ASP A 68 -7.57 22.40 -23.06
N THR A 69 -8.23 22.42 -21.89
CA THR A 69 -9.68 22.56 -21.85
C THR A 69 -10.11 23.94 -22.33
N LEU A 70 -9.40 24.98 -21.92
CA LEU A 70 -9.75 26.34 -22.36
C LEU A 70 -9.43 26.55 -23.83
N ILE A 71 -8.38 25.91 -24.34
CA ILE A 71 -8.04 26.05 -25.76
C ILE A 71 -9.10 25.39 -26.62
N LYS A 72 -9.58 24.21 -26.22
CA LYS A 72 -10.53 23.47 -27.04
C LYS A 72 -11.86 24.19 -27.16
N GLN A 73 -12.26 24.94 -26.13
CA GLN A 73 -13.47 25.74 -26.17
C GLN A 73 -13.24 27.12 -26.78
N ASN A 74 -12.05 27.37 -27.31
CA ASN A 74 -11.68 28.66 -27.87
C ASN A 74 -11.87 29.79 -26.87
N LEU A 75 -11.65 29.50 -25.58
CA LEU A 75 -11.67 30.53 -24.55
C LEU A 75 -10.29 31.10 -24.26
N ALA A 76 -9.24 30.30 -24.49
CA ALA A 76 -7.86 30.74 -24.33
C ALA A 76 -7.12 30.57 -25.64
N GLU A 77 -5.90 31.10 -25.69
CA GLU A 77 -5.07 31.00 -26.88
C GLU A 77 -3.62 31.23 -26.49
N LYS A 78 -2.72 30.66 -27.29
CA LYS A 78 -1.28 30.78 -27.10
C LYS A 78 -0.86 30.20 -25.74
N THR A 79 -0.94 28.87 -25.66
CA THR A 79 -0.45 28.18 -24.48
C THR A 79 1.07 28.12 -24.51
N LYS A 80 1.66 28.06 -23.32
CA LYS A 80 3.12 28.12 -23.19
C LYS A 80 3.52 27.64 -21.79
N GLU A 81 4.26 26.54 -21.73
CA GLU A 81 4.78 26.05 -20.47
C GLU A 81 5.96 26.92 -20.04
N PHE A 82 5.97 27.33 -18.78
CA PHE A 82 7.03 28.19 -18.28
C PHE A 82 7.69 27.70 -16.99
N ALA A 83 7.17 26.66 -16.34
CA ALA A 83 7.76 26.19 -15.10
C ALA A 83 7.30 24.76 -14.84
N GLY A 84 8.00 24.10 -13.90
CA GLY A 84 7.62 22.78 -13.45
C GLY A 84 7.71 22.70 -11.93
N ASN A 85 7.24 21.59 -11.40
CA ASN A 85 7.23 21.41 -9.95
C ASN A 85 7.18 19.92 -9.62
N GLU A 86 7.33 19.62 -8.34
CA GLU A 86 7.26 18.26 -7.84
C GLU A 86 6.34 18.22 -6.62
N LEU A 87 5.79 17.04 -6.36
CA LEU A 87 4.87 16.83 -5.26
C LEU A 87 5.58 16.22 -4.07
N VAL A 88 5.18 16.63 -2.86
CA VAL A 88 5.77 16.13 -1.62
C VAL A 88 4.67 15.91 -0.60
N LEU A 89 4.97 15.06 0.38
CA LEU A 89 4.11 14.88 1.54
C LEU A 89 4.72 15.62 2.72
N ILE A 90 3.93 16.49 3.34
CA ILE A 90 4.39 17.29 4.47
C ILE A 90 3.57 16.93 5.70
N GLU A 91 4.17 17.09 6.86
CA GLU A 91 3.56 16.85 8.15
C GLU A 91 3.98 17.96 9.09
N PRO A 92 3.23 18.21 10.17
CA PRO A 92 3.62 19.24 11.13
C PRO A 92 4.98 18.93 11.75
N LYS A 93 5.60 19.97 12.29
CA LYS A 93 6.94 19.85 12.86
C LYS A 93 6.87 19.43 14.32
N THR A 99 11.11 9.00 13.15
CA THR A 99 11.05 7.58 12.83
C THR A 99 11.20 7.36 11.33
N GLU A 100 11.91 6.29 10.96
CA GLU A 100 12.11 5.95 9.54
C GLU A 100 10.86 5.26 9.00
N ALA A 101 9.78 6.03 8.92
CA ALA A 101 8.50 5.53 8.44
C ALA A 101 8.39 5.76 6.94
N ASN A 102 7.83 4.78 6.24
CA ASN A 102 7.60 4.90 4.81
C ASN A 102 6.30 5.67 4.55
N LEU A 103 6.05 5.96 3.28
CA LEU A 103 4.88 6.76 2.91
C LEU A 103 3.58 6.09 3.37
N GLU A 104 3.48 4.77 3.17
CA GLU A 104 2.30 4.04 3.61
C GLU A 104 2.14 4.12 5.12
N GLN A 105 3.25 4.02 5.86
CA GLN A 105 3.17 4.11 7.32
C GLN A 105 2.81 5.52 7.76
N LEU A 106 3.30 6.54 7.05
CA LEU A 106 2.92 7.91 7.35
C LEU A 106 1.43 8.11 7.17
N LEU A 107 0.85 7.56 6.10
CA LEU A 107 -0.57 7.68 5.87
C LEU A 107 -1.39 6.78 6.79
N ASN A 108 -0.78 5.72 7.34
CA ASN A 108 -1.49 4.87 8.29
C ASN A 108 -1.72 5.61 9.60
N ASP A 109 -0.67 6.22 10.15
CA ASP A 109 -0.80 6.93 11.42
C ASP A 109 -1.60 8.22 11.29
N ALA A 110 -1.70 8.78 10.09
CA ALA A 110 -2.41 10.04 9.90
C ALA A 110 -3.92 9.82 9.99
N SER A 111 -4.61 10.72 10.70
CA SER A 111 -6.05 10.65 10.80
C SER A 111 -6.74 11.58 9.80
N LYS A 112 -6.07 12.66 9.41
CA LYS A 112 -6.57 13.59 8.40
C LYS A 112 -5.45 13.86 7.41
N ILE A 113 -5.70 13.59 6.14
CA ILE A 113 -4.73 13.81 5.06
C ILE A 113 -5.33 14.88 4.15
N ALA A 114 -4.70 16.04 4.12
CA ALA A 114 -5.20 17.18 3.36
C ALA A 114 -4.66 17.15 1.94
N ILE A 115 -5.55 17.18 0.96
CA ILE A 115 -5.18 17.33 -0.44
C ILE A 115 -6.11 18.36 -1.06
N GLY A 116 -5.64 18.96 -2.16
CA GLY A 116 -6.51 19.82 -2.94
C GLY A 116 -7.67 19.06 -3.52
N ASP A 117 -8.74 19.78 -3.81
CA ASP A 117 -9.90 19.16 -4.44
C ASP A 117 -9.50 18.64 -5.82
N PRO A 118 -9.50 17.32 -6.01
CA PRO A 118 -9.03 16.78 -7.31
C PRO A 118 -9.86 17.22 -8.49
N GLU A 119 -11.07 17.74 -8.26
CA GLU A 119 -11.95 18.22 -9.31
C GLU A 119 -11.67 19.65 -9.74
N SER A 120 -10.96 20.42 -8.90
CA SER A 120 -10.65 21.81 -9.25
C SER A 120 -9.27 22.26 -8.82
N VAL A 121 -8.44 21.37 -8.25
CA VAL A 121 -7.10 21.72 -7.81
C VAL A 121 -6.13 20.71 -8.43
N PRO A 122 -5.14 21.15 -9.22
CA PRO A 122 -4.18 20.18 -9.77
C PRO A 122 -3.38 19.44 -8.71
N ALA A 123 -2.92 20.16 -7.67
CA ALA A 123 -2.14 19.51 -6.62
C ALA A 123 -2.91 18.36 -5.97
N GLY A 124 -4.24 18.48 -5.89
CA GLY A 124 -5.04 17.36 -5.45
C GLY A 124 -5.22 16.31 -6.51
N ALA A 125 -5.17 16.70 -7.78
CA ALA A 125 -5.25 15.71 -8.86
C ALA A 125 -3.97 14.89 -8.97
N TYR A 126 -2.81 15.56 -8.87
CA TYR A 126 -1.55 14.82 -8.88
C TYR A 126 -1.43 13.91 -7.67
N ALA A 127 -1.91 14.36 -6.51
CA ALA A 127 -1.85 13.54 -5.30
C ALA A 127 -2.75 12.31 -5.41
N LYS A 128 -3.89 12.44 -6.10
CA LYS A 128 -4.78 11.30 -6.26
C LYS A 128 -4.17 10.27 -7.22
N GLN A 129 -3.51 10.74 -8.28
CA GLN A 129 -2.85 9.82 -9.20
C GLN A 129 -1.69 9.10 -8.53
N THR A 130 -1.06 9.74 -7.54
CA THR A 130 0.02 9.07 -6.80
C THR A 130 -0.55 7.95 -5.94
N LEU A 131 -1.65 8.21 -5.22
CA LEU A 131 -2.23 7.20 -4.36
C LEU A 131 -2.82 6.05 -5.16
N GLU A 132 -3.42 6.34 -6.32
CA GLU A 132 -3.96 5.27 -7.16
C GLU A 132 -2.86 4.39 -7.71
N ASN A 133 -1.76 4.99 -8.19
CA ASN A 133 -0.64 4.23 -8.72
C ASN A 133 0.18 3.55 -7.63
N LEU A 134 -0.08 3.84 -6.36
CA LEU A 134 0.54 3.15 -5.26
C LEU A 134 -0.40 2.17 -4.57
N ASN A 135 -1.62 2.01 -5.08
CA ASN A 135 -2.65 1.17 -4.46
C ASN A 135 -2.90 1.60 -3.02
N LEU A 136 -3.03 2.92 -2.83
CA LEU A 136 -3.26 3.48 -1.51
C LEU A 136 -4.49 4.38 -1.45
N TYR A 137 -5.18 4.60 -2.57
CA TYR A 137 -6.28 5.55 -2.57
C TYR A 137 -7.46 5.05 -1.75
N ASN A 138 -7.91 3.81 -2.01
CA ASN A 138 -9.03 3.27 -1.26
C ASN A 138 -8.69 3.06 0.21
N ALA A 139 -7.41 2.85 0.53
CA ALA A 139 -7.01 2.67 1.92
C ALA A 139 -7.17 3.95 2.72
N GLU A 140 -6.70 5.07 2.17
CA GLU A 140 -6.80 6.37 2.81
C GLU A 140 -7.95 7.19 2.26
N LYS A 141 -8.97 6.53 1.69
CA LYS A 141 -10.05 7.24 1.02
C LYS A 141 -10.90 8.03 2.01
N ALA A 142 -11.23 7.43 3.16
CA ALA A 142 -12.10 8.08 4.13
C ALA A 142 -11.37 9.09 5.01
N LYS A 143 -10.06 9.27 4.83
CA LYS A 143 -9.28 10.18 5.65
C LYS A 143 -8.86 11.44 4.92
N LEU A 144 -9.24 11.60 3.65
CA LEU A 144 -8.86 12.76 2.88
C LEU A 144 -9.78 13.94 3.15
N VAL A 145 -9.20 15.13 3.24
CA VAL A 145 -9.93 16.38 3.41
C VAL A 145 -9.59 17.28 2.23
N LEU A 146 -10.60 17.63 1.43
CA LEU A 146 -10.38 18.41 0.23
C LEU A 146 -10.33 19.90 0.55
N ALA A 147 -9.42 20.61 -0.11
CA ALA A 147 -9.21 22.03 0.12
C ALA A 147 -9.44 22.81 -1.17
N THR A 148 -9.48 24.14 -1.03
CA THR A 148 -9.75 25.01 -2.17
C THR A 148 -8.55 25.16 -3.09
N ASP A 149 -7.33 25.10 -2.54
CA ASP A 149 -6.12 25.15 -3.35
C ASP A 149 -4.98 24.51 -2.55
N VAL A 150 -3.80 24.44 -3.18
CA VAL A 150 -2.67 23.80 -2.53
C VAL A 150 -2.18 24.63 -1.34
N ARG A 151 -2.32 25.96 -1.41
CA ARG A 151 -1.95 26.81 -0.30
C ARG A 151 -2.87 26.62 0.90
N GLN A 152 -4.12 26.20 0.68
CA GLN A 152 -4.99 25.86 1.79
C GLN A 152 -4.56 24.55 2.45
N VAL A 153 -4.09 23.60 1.64
CA VAL A 153 -3.52 22.37 2.19
C VAL A 153 -2.33 22.68 3.08
N LEU A 154 -1.51 23.65 2.67
CA LEU A 154 -0.37 24.07 3.48
C LEU A 154 -0.82 24.69 4.79
N SER A 155 -1.87 25.53 4.75
CA SER A 155 -2.32 26.21 5.95
C SER A 155 -2.92 25.24 6.97
N TYR A 156 -3.54 24.16 6.50
CA TYR A 156 -4.11 23.18 7.43
C TYR A 156 -3.02 22.39 8.15
N VAL A 157 -1.99 21.97 7.41
CA VAL A 157 -0.90 21.21 8.04
C VAL A 157 -0.06 22.11 8.94
N GLU A 158 0.08 23.40 8.58
CA GLU A 158 0.84 24.31 9.42
C GLU A 158 0.18 24.50 10.77
N ALA A 159 -1.14 24.64 10.80
CA ALA A 159 -1.87 24.85 12.05
C ALA A 159 -2.08 23.57 12.84
N GLY A 160 -1.60 22.42 12.35
CA GLY A 160 -1.83 21.17 13.02
C GLY A 160 -3.24 20.62 12.88
N ASN A 161 -4.13 21.32 12.18
CA ASN A 161 -5.49 20.85 11.97
C ASN A 161 -5.57 19.65 11.04
N ALA A 162 -4.48 19.33 10.35
CA ALA A 162 -4.41 18.13 9.51
C ALA A 162 -3.10 17.41 9.80
N ASP A 163 -3.14 16.08 9.79
CA ASP A 163 -1.97 15.30 10.17
C ASP A 163 -0.96 15.22 9.03
N ALA A 164 -1.44 15.13 7.79
CA ALA A 164 -0.56 15.05 6.63
C ALA A 164 -1.16 15.87 5.49
N GLY A 165 -0.32 16.20 4.52
CA GLY A 165 -0.75 17.00 3.40
C GLY A 165 0.15 16.80 2.20
N PHE A 166 -0.43 16.98 1.01
CA PHE A 166 0.29 16.92 -0.25
C PHE A 166 0.37 18.33 -0.82
N VAL A 167 1.57 18.90 -0.87
CA VAL A 167 1.82 20.21 -1.44
C VAL A 167 2.95 20.09 -2.45
N TYR A 168 3.25 21.20 -3.10
CA TYR A 168 4.39 21.24 -4.02
C TYR A 168 5.68 21.45 -3.24
N GLN A 169 6.79 21.02 -3.84
CA GLN A 169 8.10 21.21 -3.22
C GLN A 169 8.38 22.69 -2.96
N THR A 170 7.90 23.57 -3.83
CA THR A 170 8.10 25.00 -3.62
C THR A 170 7.29 25.52 -2.45
N ASP A 171 6.16 24.87 -2.13
CA ASP A 171 5.34 25.30 -1.01
C ASP A 171 5.96 24.92 0.32
N ALA A 172 6.57 23.74 0.41
CA ALA A 172 7.21 23.32 1.65
C ALA A 172 8.49 24.12 1.92
N LEU A 173 9.15 24.62 0.87
CA LEU A 173 10.35 25.41 1.04
C LEU A 173 10.09 26.75 1.72
N LEU A 174 8.86 27.26 1.64
CA LEU A 174 8.51 28.55 2.21
C LEU A 174 7.95 28.45 3.62
N SER A 175 8.03 27.29 4.26
CA SER A 175 7.36 27.07 5.54
C SER A 175 8.36 26.51 6.54
N LYS A 176 8.50 27.20 7.67
CA LYS A 176 9.29 26.70 8.80
C LYS A 176 8.48 25.83 9.74
N LYS A 177 7.15 25.84 9.62
CA LYS A 177 6.27 25.12 10.52
C LYS A 177 5.99 23.69 10.10
N VAL A 178 6.34 23.30 8.88
CA VAL A 178 6.15 21.94 8.40
C VAL A 178 7.49 21.41 7.89
N GLN A 179 7.50 20.12 7.54
CA GLN A 179 8.70 19.49 7.03
C GLN A 179 8.30 18.37 6.08
N VAL A 180 9.12 18.15 5.07
CA VAL A 180 8.87 17.12 4.07
C VAL A 180 9.25 15.76 4.65
N LYS A 181 8.30 14.83 4.63
CA LYS A 181 8.55 13.47 5.07
C LYS A 181 8.63 12.47 3.91
N ALA A 182 8.26 12.88 2.70
CA ALA A 182 8.32 12.01 1.54
C ALA A 182 8.29 12.87 0.28
N LYS A 183 9.20 12.59 -0.65
CA LYS A 183 9.23 13.23 -1.95
C LYS A 183 8.57 12.29 -2.95
N ILE A 184 7.40 12.69 -3.45
CA ILE A 184 6.65 11.83 -4.37
C ILE A 184 7.44 11.63 -5.65
N ASP A 185 7.64 10.37 -6.02
CA ASP A 185 8.33 10.07 -7.27
C ASP A 185 7.55 10.64 -8.45
N GLU A 186 8.26 11.35 -9.34
CA GLU A 186 7.60 12.06 -10.42
C GLU A 186 6.92 11.12 -11.41
N LYS A 187 7.30 9.84 -11.43
CA LYS A 187 6.64 8.88 -12.30
C LYS A 187 5.27 8.47 -11.79
N LEU A 188 4.99 8.66 -10.49
CA LEU A 188 3.73 8.27 -9.90
C LEU A 188 2.57 9.20 -10.26
N HIS A 189 2.81 10.18 -11.12
CA HIS A 189 1.76 11.13 -11.50
C HIS A 189 2.14 11.78 -12.82
N ASP A 190 1.15 12.39 -13.47
CA ASP A 190 1.41 13.12 -14.69
C ASP A 190 2.37 14.28 -14.41
N PRO A 191 3.16 14.68 -15.40
CA PRO A 191 4.16 15.73 -15.16
C PRO A 191 3.50 17.03 -14.70
N ILE A 192 4.05 17.61 -13.64
CA ILE A 192 3.55 18.86 -13.08
C ILE A 192 4.22 20.00 -13.84
N ALA A 193 3.46 20.67 -14.70
CA ALA A 193 3.97 21.75 -15.53
C ALA A 193 3.00 22.92 -15.47
N TYR A 194 3.54 24.12 -15.31
CA TYR A 194 2.74 25.33 -15.32
C TYR A 194 2.66 25.89 -16.73
N TYR A 195 1.48 26.41 -17.09
CA TYR A 195 1.23 26.92 -18.42
C TYR A 195 0.63 28.31 -18.35
N SER A 196 0.99 29.15 -19.32
CA SER A 196 0.45 30.48 -19.46
C SER A 196 -0.44 30.54 -20.71
N ALA A 197 -1.53 31.30 -20.61
CA ALA A 197 -2.48 31.40 -21.72
C ALA A 197 -3.12 32.78 -21.70
N GLN A 198 -3.67 33.16 -22.85
CA GLN A 198 -4.35 34.44 -23.03
C GLN A 198 -5.83 34.17 -23.24
N VAL A 199 -6.66 34.76 -22.39
CA VAL A 199 -8.11 34.67 -22.56
C VAL A 199 -8.50 35.37 -23.85
N SER A 200 -9.31 34.69 -24.68
CA SER A 200 -9.60 35.19 -26.02
C SER A 200 -10.46 36.45 -25.98
N ASP A 201 -11.28 36.61 -24.95
CA ASP A 201 -12.18 37.77 -24.87
C ASP A 201 -11.50 39.00 -24.27
N SER A 202 -10.21 38.92 -23.93
CA SER A 202 -9.53 40.05 -23.34
C SER A 202 -9.36 41.17 -24.35
N ASP A 203 -9.75 42.39 -23.95
CA ASP A 203 -9.57 43.56 -24.81
C ASP A 203 -8.11 43.98 -24.89
N LYS A 204 -7.27 43.53 -23.95
CA LYS A 204 -5.88 43.95 -23.87
C LYS A 204 -4.97 42.76 -24.17
N LYS A 205 -5.02 42.31 -25.42
CA LYS A 205 -4.16 41.20 -25.84
C LYS A 205 -2.73 41.65 -26.06
N GLU A 206 -2.51 42.88 -26.53
CA GLU A 206 -1.16 43.39 -26.70
C GLU A 206 -0.44 43.51 -25.37
N GLU A 207 -1.13 44.08 -24.36
CA GLU A 207 -0.50 44.28 -23.06
C GLU A 207 -0.28 42.96 -22.33
N THR A 208 -1.27 42.05 -22.41
CA THR A 208 -1.13 40.76 -21.74
C THR A 208 -0.08 39.89 -22.42
N ALA A 209 0.15 40.09 -23.72
CA ALA A 209 1.21 39.35 -24.40
C ALA A 209 2.59 39.74 -23.87
N THR A 210 2.75 40.99 -23.41
CA THR A 210 4.03 41.41 -22.87
C THR A 210 4.36 40.69 -21.57
N PHE A 211 3.36 40.50 -20.71
CA PHE A 211 3.61 39.82 -19.44
C PHE A 211 3.77 38.32 -19.61
N LEU A 212 2.92 37.70 -20.44
CA LEU A 212 3.01 36.25 -20.62
C LEU A 212 4.34 35.85 -21.24
N ASP A 213 4.88 36.68 -22.14
CA ASP A 213 6.21 36.43 -22.66
C ASP A 213 7.28 36.77 -21.64
N PHE A 214 7.00 37.69 -20.72
CA PHE A 214 7.95 38.03 -19.67
C PHE A 214 8.21 36.86 -18.74
N MET A 215 7.24 35.96 -18.59
CA MET A 215 7.41 34.82 -17.70
C MET A 215 8.44 33.83 -18.24
N ASN A 216 8.59 33.76 -19.55
CA ASN A 216 9.55 32.86 -20.19
C ASN A 216 10.90 33.51 -20.45
N LYS A 217 11.13 34.71 -19.93
CA LYS A 217 12.41 35.38 -20.12
C LYS A 217 13.33 35.09 -18.94
N SER A 218 14.57 35.57 -19.04
CA SER A 218 15.62 35.18 -18.10
C SER A 218 15.30 35.66 -16.68
N GLU A 219 14.74 36.86 -16.55
CA GLU A 219 14.51 37.43 -15.23
C GLU A 219 13.49 36.62 -14.45
N ALA A 220 12.38 36.25 -15.10
CA ALA A 220 11.36 35.45 -14.42
C ALA A 220 11.78 34.00 -14.25
N GLN A 221 12.64 33.49 -15.13
CA GLN A 221 13.06 32.10 -15.01
C GLN A 221 13.99 31.89 -13.82
N LYS A 222 14.81 32.88 -13.49
CA LYS A 222 15.71 32.78 -12.33
C LYS A 222 14.96 32.91 -11.02
N ILE A 223 13.89 33.71 -10.98
CA ILE A 223 13.08 33.81 -9.77
C ILE A 223 12.44 32.46 -9.46
N LEU A 224 11.99 31.75 -10.50
CA LEU A 224 11.40 30.43 -10.28
C LEU A 224 12.46 29.44 -9.79
N GLU A 225 13.68 29.52 -10.33
CA GLU A 225 14.74 28.63 -9.87
C GLU A 225 15.07 28.89 -8.40
N LYS A 226 15.24 30.16 -8.04
CA LYS A 226 15.58 30.49 -6.66
C LYS A 226 14.43 30.23 -5.69
N TYR A 227 13.20 30.09 -6.20
CA TYR A 227 12.05 29.72 -5.38
C TYR A 227 11.81 28.22 -5.37
N GLY A 228 12.69 27.43 -5.97
CA GLY A 228 12.58 25.99 -5.98
C GLY A 228 11.86 25.40 -7.17
N PHE A 229 11.22 26.22 -8.00
CA PHE A 229 10.51 25.72 -9.17
C PHE A 229 11.49 25.14 -10.18
N LYS A 230 10.95 24.30 -11.07
CA LYS A 230 11.72 23.72 -12.17
C LYS A 230 11.44 24.49 -13.45
N ALA A 231 12.20 24.15 -14.49
CA ALA A 231 12.07 24.79 -15.79
C ALA A 231 11.20 23.95 -16.72
N ALA A 232 10.85 24.55 -17.85
CA ALA A 232 10.05 23.85 -18.84
C ALA A 232 10.87 22.74 -19.49
N ASN A 233 10.29 21.56 -19.60
CA ASN A 233 11.00 20.39 -20.13
C ASN A 233 11.15 20.48 -21.64
N GLN B 4 5.15 25.71 24.36
CA GLN B 4 3.95 25.33 23.64
C GLN B 4 3.26 26.55 23.03
N THR B 5 2.99 26.48 21.72
CA THR B 5 2.32 27.56 21.00
C THR B 5 1.26 26.94 20.10
N THR B 6 0.02 27.38 20.26
CA THR B 6 -1.10 26.87 19.49
C THR B 6 -1.39 27.79 18.31
N THR B 7 -1.67 27.21 17.15
CA THR B 7 -1.97 27.95 15.94
C THR B 7 -3.40 27.64 15.51
N ILE B 8 -4.25 28.66 15.50
CA ILE B 8 -5.63 28.52 15.05
C ILE B 8 -5.76 29.10 13.65
N HIS B 9 -6.64 28.48 12.85
CA HIS B 9 -6.88 28.91 11.48
C HIS B 9 -8.26 29.56 11.42
N ILE B 10 -8.31 30.78 10.92
CA ILE B 10 -9.55 31.54 10.79
C ILE B 10 -9.82 31.79 9.32
N SER B 11 -11.06 31.58 8.90
CA SER B 11 -11.50 31.89 7.54
C SER B 11 -12.39 33.12 7.62
N ALA B 12 -11.90 34.23 7.07
CA ALA B 12 -12.57 35.51 7.18
C ALA B 12 -13.14 35.95 5.84
N ALA B 13 -14.15 36.80 5.89
CA ALA B 13 -14.74 37.35 4.68
C ALA B 13 -13.72 38.16 3.91
N ALA B 14 -13.91 38.23 2.59
CA ALA B 14 -12.92 38.87 1.73
C ALA B 14 -12.76 40.35 2.04
N SER B 15 -13.84 41.01 2.49
CA SER B 15 -13.79 42.44 2.78
C SER B 15 -13.09 42.75 4.09
N LEU B 16 -12.59 41.75 4.80
CA LEU B 16 -11.88 41.95 6.06
C LEU B 16 -10.38 41.79 5.93
N LYS B 17 -9.85 41.67 4.70
CA LYS B 17 -8.45 41.32 4.52
C LYS B 17 -7.52 42.38 5.09
N ASP B 18 -7.78 43.65 4.79
CA ASP B 18 -6.84 44.70 5.16
C ASP B 18 -6.92 45.04 6.64
N SER B 19 -8.12 45.01 7.23
CA SER B 19 -8.24 45.28 8.67
C SER B 19 -7.62 44.15 9.48
N ILE B 20 -7.77 42.90 9.04
CA ILE B 20 -7.17 41.77 9.75
C ILE B 20 -5.65 41.85 9.71
N ASP B 21 -5.08 42.39 8.62
CA ASP B 21 -3.63 42.55 8.55
C ASP B 21 -3.11 43.43 9.69
N ASP B 22 -3.92 44.37 10.16
CA ASP B 22 -3.53 45.19 11.30
C ASP B 22 -3.90 44.55 12.64
N VAL B 23 -4.95 43.73 12.67
CA VAL B 23 -5.37 43.11 13.93
C VAL B 23 -4.47 41.92 14.28
N LYS B 24 -3.94 41.22 13.27
CA LYS B 24 -3.13 40.04 13.54
C LYS B 24 -1.92 40.32 14.43
N PRO B 25 -1.09 41.35 14.17
CA PRO B 25 0.06 41.57 15.06
C PRO B 25 -0.33 42.06 16.44
N LEU B 26 -1.42 42.82 16.57
CA LEU B 26 -1.82 43.30 17.89
C LEU B 26 -2.33 42.17 18.77
N PHE B 27 -3.01 41.19 18.18
CA PHE B 27 -3.49 40.06 18.97
C PHE B 27 -2.34 39.17 19.42
N GLU B 28 -1.45 38.82 18.47
CA GLU B 28 -0.34 37.93 18.80
C GLU B 28 0.63 38.54 19.79
N LYS B 29 0.65 39.87 19.91
CA LYS B 29 1.48 40.51 20.92
C LYS B 29 0.87 40.36 22.30
N ALA B 30 -0.46 40.40 22.39
CA ALA B 30 -1.16 40.20 23.66
C ALA B 30 -1.34 38.73 24.01
N ASN B 31 -1.10 37.82 23.07
CA ASN B 31 -1.23 36.38 23.29
C ASN B 31 -0.07 35.68 22.62
N PRO B 32 1.09 35.62 23.28
CA PRO B 32 2.27 34.99 22.67
C PRO B 32 2.12 33.49 22.45
N THR B 33 1.12 32.85 23.05
CA THR B 33 0.94 31.41 22.91
C THR B 33 -0.01 31.02 21.79
N ILE B 34 -0.66 32.00 21.15
CA ILE B 34 -1.63 31.74 20.08
C ILE B 34 -1.13 32.43 18.81
N LYS B 35 -1.11 31.68 17.72
CA LYS B 35 -0.70 32.21 16.42
C LYS B 35 -1.86 32.08 15.43
N LEU B 36 -2.01 33.09 14.57
CA LEU B 36 -3.14 33.18 13.66
C LEU B 36 -2.69 32.92 12.23
N SER B 37 -3.47 32.12 11.51
CA SER B 37 -3.30 31.93 10.08
C SER B 37 -4.67 32.11 9.43
N PHE B 38 -4.72 32.91 8.37
CA PHE B 38 -5.99 33.32 7.78
C PHE B 38 -6.11 32.86 6.34
N ASP B 39 -7.35 32.82 5.87
CA ASP B 39 -7.68 32.74 4.45
C ASP B 39 -8.89 33.63 4.20
N PHE B 40 -9.09 34.02 2.95
CA PHE B 40 -10.11 35.01 2.63
C PHE B 40 -10.88 34.60 1.38
N GLY B 41 -12.19 34.87 1.41
CA GLY B 41 -13.04 34.57 0.29
C GLY B 41 -14.46 34.99 0.58
N GLY B 42 -15.37 34.62 -0.32
CA GLY B 42 -16.77 34.89 -0.09
C GLY B 42 -17.29 34.11 1.11
N SER B 43 -18.10 34.78 1.93
CA SER B 43 -18.61 34.15 3.14
C SER B 43 -19.50 32.94 2.83
N GLY B 44 -20.07 32.87 1.64
CA GLY B 44 -20.79 31.67 1.24
C GLY B 44 -19.87 30.51 0.92
N GLN B 45 -18.68 30.81 0.38
CA GLN B 45 -17.67 29.76 0.18
C GLN B 45 -17.17 29.23 1.51
N ILE B 46 -16.96 30.12 2.48
CA ILE B 46 -16.50 29.69 3.81
C ILE B 46 -17.55 28.81 4.46
N ARG B 47 -18.83 29.16 4.31
CA ARG B 47 -19.89 28.33 4.88
C ARG B 47 -19.91 26.95 4.24
N GLU B 48 -19.76 26.89 2.91
CA GLU B 48 -19.78 25.60 2.23
C GLU B 48 -18.55 24.77 2.56
N ARG B 49 -17.45 25.41 2.96
CA ARG B 49 -16.27 24.66 3.39
C ARG B 49 -16.45 24.10 4.79
N VAL B 50 -17.11 24.85 5.67
CA VAL B 50 -17.42 24.33 7.00
C VAL B 50 -18.38 23.16 6.91
N GLU B 51 -19.37 23.26 6.02
CA GLU B 51 -20.28 22.14 5.79
C GLU B 51 -19.57 20.95 5.18
N SER B 52 -18.50 21.20 4.40
CA SER B 52 -17.73 20.10 3.83
C SER B 52 -16.92 19.37 4.91
N GLY B 53 -16.48 20.07 5.93
CA GLY B 53 -15.68 19.45 6.97
C GLY B 53 -14.25 19.93 6.95
N ALA B 54 -14.04 21.15 6.45
CA ALA B 54 -12.71 21.73 6.39
C ALA B 54 -12.17 21.95 7.80
N PRO B 55 -10.90 21.66 8.04
CA PRO B 55 -10.34 21.82 9.39
C PRO B 55 -10.21 23.28 9.81
N ILE B 56 -11.33 23.97 9.92
CA ILE B 56 -11.37 25.38 10.30
C ILE B 56 -11.74 25.47 11.76
N ASP B 57 -11.15 26.45 12.46
CA ASP B 57 -11.40 26.67 13.88
C ASP B 57 -12.40 27.79 14.14
N GLY B 58 -12.33 28.87 13.38
CA GLY B 58 -13.28 29.97 13.53
C GLY B 58 -13.49 30.66 12.20
N VAL B 59 -14.62 31.35 12.10
CA VAL B 59 -15.01 32.01 10.86
C VAL B 59 -15.46 33.44 11.16
N LEU B 60 -15.22 34.33 10.22
CA LEU B 60 -15.67 35.73 10.27
C LEU B 60 -16.48 35.97 9.00
N LEU B 61 -17.81 35.87 9.12
CA LEU B 61 -18.70 35.91 7.97
C LEU B 61 -19.35 37.28 7.85
N ALA B 62 -19.67 37.66 6.61
CA ALA B 62 -20.25 38.96 6.30
C ALA B 62 -21.76 38.89 6.10
N SER B 63 -22.42 37.89 6.67
CA SER B 63 -23.86 37.74 6.52
C SER B 63 -24.42 37.03 7.73
N LYS B 64 -25.51 37.58 8.29
CA LYS B 64 -26.20 36.90 9.38
C LYS B 64 -26.82 35.59 8.91
N LYS B 65 -27.23 35.54 7.63
CA LYS B 65 -27.80 34.32 7.08
C LYS B 65 -26.77 33.20 7.01
N ASP B 66 -25.52 33.53 6.65
CA ASP B 66 -24.47 32.52 6.60
C ASP B 66 -24.17 31.96 7.98
N ALA B 67 -24.20 32.81 9.01
CA ALA B 67 -24.00 32.33 10.37
C ALA B 67 -25.22 31.60 10.90
N ASP B 68 -26.42 32.02 10.47
CA ASP B 68 -27.64 31.36 10.93
C ASP B 68 -27.67 29.89 10.50
N THR B 69 -27.27 29.62 9.26
CA THR B 69 -27.33 28.25 8.76
C THR B 69 -26.30 27.35 9.44
N LEU B 70 -25.16 27.91 9.85
CA LEU B 70 -24.16 27.11 10.55
C LEU B 70 -24.61 26.78 11.97
N ILE B 71 -25.29 27.72 12.63
CA ILE B 71 -25.81 27.44 13.96
C ILE B 71 -26.92 26.40 13.89
N LYS B 72 -27.72 26.42 12.81
CA LYS B 72 -28.83 25.49 12.68
C LYS B 72 -28.33 24.06 12.53
N GLN B 73 -27.32 23.85 11.70
CA GLN B 73 -26.76 22.52 11.47
C GLN B 73 -25.80 22.09 12.57
N ASN B 74 -25.70 22.87 13.66
CA ASN B 74 -24.78 22.58 14.76
C ASN B 74 -23.33 22.50 14.28
N LEU B 75 -23.01 23.23 13.22
CA LEU B 75 -21.64 23.30 12.73
C LEU B 75 -20.85 24.45 13.35
N ALA B 76 -21.53 25.47 13.88
CA ALA B 76 -20.88 26.59 14.53
C ALA B 76 -21.63 26.91 15.82
N GLU B 77 -21.00 27.73 16.65
CA GLU B 77 -21.58 28.13 17.93
C GLU B 77 -20.91 29.42 18.39
N LYS B 78 -21.52 30.05 19.40
CA LYS B 78 -21.08 31.33 19.94
C LYS B 78 -21.00 32.39 18.84
N THR B 79 -22.17 32.77 18.34
CA THR B 79 -22.28 33.78 17.30
C THR B 79 -22.25 35.18 17.93
N LYS B 80 -21.43 36.06 17.35
CA LYS B 80 -21.32 37.42 17.85
C LYS B 80 -21.03 38.36 16.69
N GLU B 81 -21.79 39.45 16.61
CA GLU B 81 -21.56 40.50 15.63
C GLU B 81 -20.50 41.47 16.15
N PHE B 82 -19.61 41.90 15.26
CA PHE B 82 -18.54 42.80 15.64
C PHE B 82 -18.37 44.02 14.74
N ALA B 83 -19.06 44.08 13.59
CA ALA B 83 -18.90 45.22 12.69
C ALA B 83 -20.07 45.25 11.72
N GLY B 84 -20.15 46.37 10.99
CA GLY B 84 -21.11 46.51 9.91
C GLY B 84 -20.47 47.29 8.76
N ASN B 85 -21.19 47.33 7.64
CA ASN B 85 -20.65 47.94 6.44
C ASN B 85 -21.78 48.59 5.64
N GLU B 86 -21.42 49.15 4.48
CA GLU B 86 -22.33 49.85 3.61
C GLU B 86 -22.06 49.43 2.17
N LEU B 87 -23.12 49.31 1.38
CA LEU B 87 -23.00 48.94 -0.02
C LEU B 87 -22.92 50.18 -0.90
N VAL B 88 -22.01 50.15 -1.88
CA VAL B 88 -21.80 51.26 -2.79
C VAL B 88 -21.60 50.73 -4.21
N LEU B 89 -21.80 51.63 -5.17
CA LEU B 89 -21.55 51.34 -6.59
C LEU B 89 -20.31 52.12 -7.03
N ILE B 90 -19.40 51.44 -7.72
CA ILE B 90 -18.14 52.03 -8.14
C ILE B 90 -17.98 51.88 -9.64
N GLU B 91 -17.14 52.73 -10.21
CA GLU B 91 -16.75 52.69 -11.60
C GLU B 91 -15.29 53.10 -11.70
N PRO B 92 -14.60 52.75 -12.78
CA PRO B 92 -13.19 53.11 -12.89
C PRO B 92 -12.99 54.62 -12.86
N LYS B 93 -11.92 55.04 -12.20
CA LYS B 93 -11.60 56.46 -12.09
C LYS B 93 -11.16 56.99 -13.45
N ASN B 94 -11.94 57.93 -14.00
CA ASN B 94 -11.73 58.47 -15.34
C ASN B 94 -11.95 59.97 -15.29
N VAL B 95 -11.81 60.61 -16.45
CA VAL B 95 -11.97 62.06 -16.60
C VAL B 95 -13.38 62.35 -17.10
N ASP B 96 -14.26 61.37 -16.95
CA ASP B 96 -15.64 61.54 -17.39
C ASP B 96 -16.30 62.67 -16.60
N GLN B 97 -16.91 63.61 -17.32
CA GLN B 97 -17.50 64.78 -16.68
C GLN B 97 -18.58 64.35 -15.69
N LYS B 98 -18.61 65.04 -14.55
CA LYS B 98 -19.53 64.71 -13.46
C LYS B 98 -20.98 64.70 -13.94
N THR B 99 -21.59 63.52 -14.01
CA THR B 99 -22.94 63.40 -14.54
C THR B 99 -24.01 63.70 -13.49
N GLU B 100 -23.74 63.40 -12.22
CA GLU B 100 -24.74 63.49 -11.16
C GLU B 100 -25.99 62.70 -11.55
N ALA B 101 -25.77 61.52 -12.12
CA ALA B 101 -26.86 60.65 -12.54
C ALA B 101 -27.22 59.68 -11.43
N ASN B 102 -28.50 59.31 -11.39
CA ASN B 102 -28.97 58.38 -10.38
C ASN B 102 -28.46 56.97 -10.66
N LEU B 103 -28.86 56.03 -9.81
CA LEU B 103 -28.37 54.66 -9.94
C LEU B 103 -28.89 54.00 -11.22
N GLU B 104 -30.14 54.30 -11.60
CA GLU B 104 -30.70 53.66 -12.78
C GLU B 104 -30.00 54.13 -14.05
N GLN B 105 -29.65 55.42 -14.13
CA GLN B 105 -28.98 55.92 -15.32
C GLN B 105 -27.52 55.47 -15.38
N LEU B 106 -26.91 55.19 -14.22
CA LEU B 106 -25.56 54.66 -14.20
C LEU B 106 -25.52 53.24 -14.72
N LEU B 107 -26.51 52.43 -14.36
CA LEU B 107 -26.55 51.05 -14.83
C LEU B 107 -27.03 50.94 -16.26
N ASN B 108 -27.81 51.91 -16.74
CA ASN B 108 -28.20 51.93 -18.14
C ASN B 108 -27.00 52.14 -19.05
N ASP B 109 -26.09 53.02 -18.65
CA ASP B 109 -24.91 53.33 -19.45
C ASP B 109 -23.77 52.34 -19.25
N ALA B 110 -23.95 51.35 -18.37
CA ALA B 110 -22.91 50.36 -18.12
C ALA B 110 -23.11 49.14 -19.00
N SER B 111 -21.99 48.56 -19.45
CA SER B 111 -22.05 47.37 -20.28
C SER B 111 -21.90 46.09 -19.46
N LYS B 112 -20.99 46.09 -18.50
CA LYS B 112 -20.78 44.96 -17.60
C LYS B 112 -20.88 45.46 -16.16
N ILE B 113 -21.81 44.87 -15.41
CA ILE B 113 -22.02 45.21 -14.00
C ILE B 113 -21.47 44.05 -13.19
N ALA B 114 -20.40 44.32 -12.43
CA ALA B 114 -19.73 43.27 -11.65
C ALA B 114 -20.33 43.22 -10.25
N ILE B 115 -20.85 42.04 -9.88
CA ILE B 115 -21.34 41.80 -8.54
C ILE B 115 -20.80 40.44 -8.08
N GLY B 116 -20.87 40.21 -6.77
CA GLY B 116 -20.58 38.90 -6.25
C GLY B 116 -21.69 37.92 -6.57
N ASP B 117 -21.33 36.64 -6.59
CA ASP B 117 -22.31 35.59 -6.83
C ASP B 117 -23.34 35.60 -5.69
N PRO B 118 -24.62 35.88 -5.97
CA PRO B 118 -25.61 35.96 -4.89
C PRO B 118 -25.80 34.67 -4.11
N GLU B 119 -25.15 33.57 -4.53
CA GLU B 119 -25.26 32.30 -3.84
C GLU B 119 -24.11 32.05 -2.86
N SER B 120 -22.96 32.67 -3.07
CA SER B 120 -21.79 32.47 -2.22
C SER B 120 -21.10 33.75 -1.79
N VAL B 121 -21.64 34.92 -2.16
CA VAL B 121 -21.04 36.20 -1.79
C VAL B 121 -22.12 37.06 -1.14
N PRO B 122 -21.96 37.47 0.11
CA PRO B 122 -22.95 38.39 0.70
C PRO B 122 -23.03 39.72 -0.01
N ALA B 123 -21.89 40.22 -0.51
CA ALA B 123 -21.91 41.49 -1.25
C ALA B 123 -22.77 41.40 -2.49
N GLY B 124 -22.75 40.24 -3.16
CA GLY B 124 -23.64 40.05 -4.30
C GLY B 124 -25.08 39.85 -3.90
N ALA B 125 -25.32 39.23 -2.74
CA ALA B 125 -26.69 39.05 -2.26
C ALA B 125 -27.31 40.38 -1.84
N TYR B 126 -26.52 41.24 -1.18
CA TYR B 126 -27.02 42.57 -0.84
C TYR B 126 -27.31 43.38 -2.08
N ALA B 127 -26.47 43.25 -3.11
CA ALA B 127 -26.68 44.00 -4.35
C ALA B 127 -27.91 43.51 -5.09
N LYS B 128 -28.08 42.18 -5.20
CA LYS B 128 -29.28 41.64 -5.83
C LYS B 128 -30.53 42.06 -5.06
N GLN B 129 -30.43 42.14 -3.74
CA GLN B 129 -31.56 42.58 -2.93
C GLN B 129 -31.90 44.04 -3.22
N THR B 130 -30.88 44.86 -3.49
CA THR B 130 -31.13 46.27 -3.80
C THR B 130 -31.83 46.43 -5.14
N LEU B 131 -31.32 45.77 -6.18
CA LEU B 131 -31.92 45.90 -7.51
C LEU B 131 -33.32 45.31 -7.56
N GLU B 132 -33.58 44.27 -6.76
CA GLU B 132 -34.93 43.71 -6.71
C GLU B 132 -35.91 44.68 -6.06
N ASN B 133 -35.46 45.47 -5.09
CA ASN B 133 -36.31 46.47 -4.47
C ASN B 133 -36.39 47.77 -5.27
N LEU B 134 -35.60 47.89 -6.34
CA LEU B 134 -35.68 49.02 -7.24
C LEU B 134 -36.27 48.66 -8.59
N ASN B 135 -36.76 47.42 -8.74
CA ASN B 135 -37.26 46.90 -10.02
C ASN B 135 -36.23 47.03 -11.13
N LEU B 136 -34.95 46.93 -10.78
CA LEU B 136 -33.87 47.06 -11.75
C LEU B 136 -33.12 45.76 -12.00
N TYR B 137 -33.43 44.69 -11.27
CA TYR B 137 -32.69 43.44 -11.44
C TYR B 137 -32.96 42.82 -12.81
N ASN B 138 -34.24 42.69 -13.17
CA ASN B 138 -34.58 42.14 -14.48
C ASN B 138 -34.09 43.04 -15.60
N ALA B 139 -33.98 44.33 -15.35
CA ALA B 139 -33.50 45.27 -16.36
C ALA B 139 -31.99 45.22 -16.55
N GLU B 140 -31.26 44.62 -15.60
CA GLU B 140 -29.80 44.57 -15.66
C GLU B 140 -29.27 43.14 -15.57
N LYS B 141 -30.12 42.13 -15.81
CA LYS B 141 -29.67 40.75 -15.73
C LYS B 141 -28.62 40.43 -16.79
N ALA B 142 -28.83 40.90 -18.01
CA ALA B 142 -27.95 40.55 -19.12
C ALA B 142 -26.55 41.15 -18.97
N LYS B 143 -26.35 42.09 -18.05
CA LYS B 143 -25.06 42.75 -17.88
C LYS B 143 -24.31 42.27 -16.64
N LEU B 144 -24.88 41.35 -15.86
CA LEU B 144 -24.28 40.96 -14.60
C LEU B 144 -23.12 39.99 -14.82
N VAL B 145 -22.03 40.22 -14.08
CA VAL B 145 -20.86 39.34 -14.08
C VAL B 145 -20.64 38.92 -12.63
N LEU B 146 -20.80 37.62 -12.35
CA LEU B 146 -20.70 37.13 -10.99
C LEU B 146 -19.26 36.81 -10.63
N ALA B 147 -18.82 37.28 -9.47
CA ALA B 147 -17.45 37.15 -9.01
C ALA B 147 -17.39 36.27 -7.77
N THR B 148 -16.18 35.79 -7.47
CA THR B 148 -16.00 34.86 -6.36
C THR B 148 -16.08 35.56 -5.02
N ASP B 149 -15.72 36.83 -4.94
CA ASP B 149 -15.78 37.56 -3.69
C ASP B 149 -15.93 39.05 -4.01
N VAL B 150 -16.02 39.85 -2.95
CA VAL B 150 -16.23 41.28 -3.15
C VAL B 150 -14.94 41.95 -3.63
N ARG B 151 -13.78 41.42 -3.25
CA ARG B 151 -12.53 42.00 -3.73
C ARG B 151 -12.28 41.66 -5.19
N GLN B 152 -12.91 40.62 -5.72
CA GLN B 152 -12.80 40.32 -7.14
C GLN B 152 -13.54 41.38 -7.95
N VAL B 153 -14.68 41.85 -7.44
CA VAL B 153 -15.40 42.93 -8.11
C VAL B 153 -14.56 44.19 -8.15
N LEU B 154 -13.89 44.51 -7.04
CA LEU B 154 -13.01 45.68 -7.02
C LEU B 154 -11.88 45.52 -8.02
N SER B 155 -11.26 44.34 -8.08
CA SER B 155 -10.17 44.11 -9.02
C SER B 155 -10.67 44.16 -10.46
N TYR B 156 -11.93 43.79 -10.71
CA TYR B 156 -12.47 43.89 -12.06
C TYR B 156 -12.73 45.34 -12.44
N VAL B 157 -13.27 46.13 -11.52
CA VAL B 157 -13.52 47.54 -11.81
C VAL B 157 -12.22 48.33 -11.84
N GLU B 158 -11.23 47.94 -11.03
CA GLU B 158 -9.95 48.63 -11.03
C GLU B 158 -9.24 48.50 -12.37
N ALA B 159 -9.25 47.30 -12.95
CA ALA B 159 -8.56 47.05 -14.20
C ALA B 159 -9.35 47.52 -15.43
N GLY B 160 -10.52 48.12 -15.24
CA GLY B 160 -11.34 48.53 -16.36
C GLY B 160 -12.05 47.41 -17.07
N ASN B 161 -11.89 46.16 -16.62
CA ASN B 161 -12.58 45.04 -17.24
C ASN B 161 -14.07 45.03 -16.95
N ALA B 162 -14.55 45.92 -16.09
CA ALA B 162 -15.97 46.07 -15.80
C ALA B 162 -16.28 47.55 -15.64
N ASP B 163 -17.40 47.99 -16.23
CA ASP B 163 -17.74 49.41 -16.20
C ASP B 163 -18.32 49.81 -14.85
N ALA B 164 -19.13 48.95 -14.24
CA ALA B 164 -19.74 49.22 -12.94
C ALA B 164 -19.48 48.05 -12.01
N GLY B 165 -19.69 48.28 -10.72
CA GLY B 165 -19.47 47.24 -9.72
C GLY B 165 -20.05 47.56 -8.37
N PHE B 166 -20.54 46.56 -7.67
CA PHE B 166 -21.11 46.70 -6.33
C PHE B 166 -20.11 46.15 -5.31
N VAL B 167 -19.60 47.03 -4.46
CA VAL B 167 -18.68 46.65 -3.39
C VAL B 167 -19.13 47.34 -2.10
N TYR B 168 -18.39 47.09 -1.02
CA TYR B 168 -18.63 47.80 0.21
C TYR B 168 -17.88 49.13 0.21
N GLN B 169 -18.30 50.03 1.11
N GLN B 169 -18.30 50.03 1.12
CA GLN B 169 -17.62 51.32 1.21
CA GLN B 169 -17.63 51.32 1.22
C GLN B 169 -16.18 51.15 1.67
C GLN B 169 -16.18 51.16 1.69
N THR B 170 -15.91 50.15 2.52
CA THR B 170 -14.55 49.94 3.00
C THR B 170 -13.61 49.52 1.87
N ASP B 171 -14.12 48.77 0.90
CA ASP B 171 -13.28 48.38 -0.24
C ASP B 171 -13.02 49.56 -1.17
N ALA B 172 -13.99 50.47 -1.30
CA ALA B 172 -13.80 51.62 -2.18
C ALA B 172 -12.83 52.63 -1.58
N LEU B 173 -12.74 52.70 -0.25
CA LEU B 173 -11.83 53.64 0.38
C LEU B 173 -10.38 53.35 0.00
N LEU B 174 -9.97 52.09 0.10
CA LEU B 174 -8.58 51.72 -0.12
C LEU B 174 -8.21 51.63 -1.59
N SER B 175 -9.17 51.79 -2.50
CA SER B 175 -8.90 51.69 -3.93
C SER B 175 -8.46 53.04 -4.48
N LYS B 176 -7.32 53.05 -5.16
CA LYS B 176 -6.80 54.25 -5.81
C LYS B 176 -7.07 54.26 -7.31
N LYS B 177 -7.96 53.38 -7.79
CA LYS B 177 -8.27 53.31 -9.21
C LYS B 177 -9.76 53.42 -9.52
N VAL B 178 -10.64 53.43 -8.53
CA VAL B 178 -12.07 53.52 -8.75
C VAL B 178 -12.63 54.68 -7.93
N GLN B 179 -13.88 55.03 -8.22
CA GLN B 179 -14.57 56.09 -7.51
C GLN B 179 -16.03 55.69 -7.33
N VAL B 180 -16.61 56.14 -6.24
CA VAL B 180 -18.01 55.82 -5.92
C VAL B 180 -18.93 56.74 -6.69
N LYS B 181 -19.95 56.17 -7.33
CA LYS B 181 -20.92 56.94 -8.08
C LYS B 181 -22.32 56.88 -7.48
N ALA B 182 -22.56 55.99 -6.53
CA ALA B 182 -23.87 55.87 -5.89
C ALA B 182 -23.71 55.19 -4.54
N LYS B 183 -24.27 55.79 -3.50
CA LYS B 183 -24.24 55.22 -2.15
C LYS B 183 -25.60 54.58 -1.90
N ILE B 184 -25.61 53.24 -1.79
CA ILE B 184 -26.86 52.51 -1.64
C ILE B 184 -27.47 52.79 -0.27
N ASP B 185 -28.79 52.97 -0.24
CA ASP B 185 -29.50 53.17 1.01
C ASP B 185 -29.72 51.85 1.72
N GLU B 186 -29.67 51.89 3.05
CA GLU B 186 -29.82 50.68 3.85
C GLU B 186 -31.21 50.06 3.74
N LYS B 187 -32.22 50.87 3.39
CA LYS B 187 -33.60 50.39 3.36
C LYS B 187 -33.87 49.46 2.18
N LEU B 188 -32.91 49.30 1.26
CA LEU B 188 -33.12 48.48 0.07
C LEU B 188 -32.56 47.07 0.20
N HIS B 189 -31.88 46.76 1.30
CA HIS B 189 -31.27 45.44 1.47
C HIS B 189 -31.19 45.12 2.96
N ASP B 190 -30.85 43.87 3.24
CA ASP B 190 -30.67 43.45 4.63
C ASP B 190 -29.51 44.22 5.26
N PRO B 191 -29.56 44.45 6.57
CA PRO B 191 -28.46 45.16 7.24
C PRO B 191 -27.15 44.39 7.11
N ILE B 192 -26.14 45.06 6.55
CA ILE B 192 -24.83 44.46 6.36
C ILE B 192 -24.14 44.37 7.72
N ALA B 193 -23.91 43.15 8.20
CA ALA B 193 -23.30 42.94 9.50
C ALA B 193 -22.31 41.79 9.42
N TYR B 194 -21.15 41.96 10.06
CA TYR B 194 -20.13 40.93 10.14
C TYR B 194 -20.31 40.15 11.42
N TYR B 195 -20.25 38.82 11.32
CA TYR B 195 -20.47 37.93 12.46
C TYR B 195 -19.28 37.00 12.64
N SER B 196 -18.90 36.79 13.90
CA SER B 196 -17.88 35.82 14.27
C SER B 196 -18.55 34.58 14.82
N ALA B 197 -18.00 33.42 14.47
CA ALA B 197 -18.54 32.15 14.92
C ALA B 197 -17.40 31.19 15.23
N GLN B 198 -17.72 30.15 15.99
CA GLN B 198 -16.75 29.16 16.43
C GLN B 198 -17.14 27.80 15.86
N VAL B 199 -16.26 27.21 15.06
CA VAL B 199 -16.54 25.92 14.45
C VAL B 199 -16.69 24.86 15.54
N SER B 200 -17.73 24.03 15.41
CA SER B 200 -18.04 23.07 16.46
C SER B 200 -17.00 21.95 16.53
N ASP B 201 -16.51 21.48 15.38
CA ASP B 201 -15.56 20.38 15.34
C ASP B 201 -14.14 20.82 15.69
N SER B 202 -13.92 22.10 15.97
CA SER B 202 -12.58 22.59 16.25
C SER B 202 -12.07 22.04 17.59
N ASP B 203 -10.82 21.59 17.60
CA ASP B 203 -10.20 21.10 18.82
C ASP B 203 -9.58 22.21 19.66
N LYS B 204 -9.45 23.42 19.12
CA LYS B 204 -8.84 24.53 19.84
C LYS B 204 -9.90 25.58 20.17
N LYS B 205 -10.95 25.19 20.90
CA LYS B 205 -12.02 26.13 21.19
C LYS B 205 -11.60 27.17 22.23
N GLU B 206 -10.65 26.84 23.10
CA GLU B 206 -10.20 27.81 24.09
C GLU B 206 -9.38 28.92 23.44
N GLU B 207 -8.50 28.57 22.50
CA GLU B 207 -7.68 29.57 21.85
C GLU B 207 -8.45 30.37 20.80
N THR B 208 -9.47 29.76 20.19
CA THR B 208 -10.24 30.47 19.17
C THR B 208 -11.16 31.50 19.82
N ALA B 209 -11.83 31.13 20.92
CA ALA B 209 -12.70 32.08 21.60
C ALA B 209 -11.92 33.26 22.16
N THR B 210 -10.62 33.07 22.43
CA THR B 210 -9.79 34.19 22.85
C THR B 210 -9.63 35.20 21.72
N PHE B 211 -9.55 34.73 20.48
CA PHE B 211 -9.40 35.64 19.34
C PHE B 211 -10.74 36.22 18.92
N LEU B 212 -11.80 35.41 18.92
CA LEU B 212 -13.12 35.90 18.52
C LEU B 212 -13.62 36.99 19.45
N ASP B 213 -13.46 36.78 20.77
CA ASP B 213 -13.83 37.80 21.73
C ASP B 213 -12.87 38.98 21.70
N PHE B 214 -11.68 38.81 21.11
CA PHE B 214 -10.77 39.94 20.93
C PHE B 214 -11.27 40.86 19.82
N MET B 215 -12.00 40.32 18.83
CA MET B 215 -12.55 41.14 17.77
C MET B 215 -13.58 42.14 18.29
N ASN B 216 -14.16 41.87 19.46
CA ASN B 216 -15.11 42.80 20.07
C ASN B 216 -14.45 43.78 21.02
N LYS B 217 -13.15 43.63 21.29
CA LYS B 217 -12.48 44.52 22.21
C LYS B 217 -12.09 45.83 21.53
N SER B 218 -11.60 46.78 22.33
CA SER B 218 -11.40 48.14 21.84
C SER B 218 -10.27 48.23 20.82
N GLU B 219 -9.29 47.33 20.89
CA GLU B 219 -8.17 47.38 19.94
C GLU B 219 -8.65 47.06 18.52
N ALA B 220 -9.40 45.97 18.37
CA ALA B 220 -9.87 45.59 17.04
C ALA B 220 -10.95 46.54 16.54
N GLN B 221 -11.83 46.99 17.42
CA GLN B 221 -12.87 47.93 17.01
C GLN B 221 -12.29 49.28 16.60
N LYS B 222 -11.14 49.66 17.19
CA LYS B 222 -10.48 50.89 16.76
C LYS B 222 -9.90 50.76 15.36
N ILE B 223 -9.43 49.56 15.01
CA ILE B 223 -8.90 49.34 13.67
C ILE B 223 -10.03 49.28 12.65
N LEU B 224 -11.15 48.64 13.02
CA LEU B 224 -12.30 48.60 12.12
C LEU B 224 -12.85 50.00 11.86
N GLU B 225 -12.90 50.83 12.90
CA GLU B 225 -13.28 52.23 12.71
C GLU B 225 -12.24 52.97 11.87
N LYS B 226 -10.97 52.58 11.99
CA LYS B 226 -9.92 53.22 11.18
C LYS B 226 -10.11 52.95 9.70
N TYR B 227 -10.58 51.75 9.36
CA TYR B 227 -10.75 51.35 7.97
C TYR B 227 -12.14 51.66 7.41
N GLY B 228 -12.99 52.34 8.19
CA GLY B 228 -14.28 52.78 7.70
C GLY B 228 -15.45 51.87 8.02
N PHE B 229 -15.23 50.81 8.80
CA PHE B 229 -16.32 49.92 9.15
C PHE B 229 -17.24 50.56 10.19
N LYS B 230 -18.46 50.05 10.28
CA LYS B 230 -19.38 50.46 11.32
C LYS B 230 -19.09 49.70 12.61
N ALA B 231 -19.42 50.34 13.73
CA ALA B 231 -19.22 49.70 15.03
C ALA B 231 -20.22 48.55 15.20
N ALA B 232 -19.96 47.72 16.20
CA ALA B 232 -20.82 46.58 16.50
C ALA B 232 -22.21 47.03 16.95
N GLN C 4 -1.10 -0.29 33.22
CA GLN C 4 -2.17 -0.08 32.25
C GLN C 4 -2.18 -1.21 31.22
N THR C 5 -3.28 -1.35 30.49
CA THR C 5 -3.44 -2.43 29.52
C THR C 5 -3.82 -1.84 28.16
N THR C 6 -3.59 -2.64 27.12
CA THR C 6 -3.88 -2.25 25.74
C THR C 6 -4.67 -3.38 25.08
N THR C 7 -5.93 -3.11 24.74
CA THR C 7 -6.80 -4.12 24.15
C THR C 7 -6.73 -4.03 22.62
N ILE C 8 -6.53 -5.18 21.98
CA ILE C 8 -6.51 -5.28 20.53
C ILE C 8 -7.68 -6.14 20.09
N HIS C 9 -8.25 -5.80 18.94
CA HIS C 9 -9.39 -6.51 18.37
C HIS C 9 -8.92 -7.37 17.21
N ILE C 10 -9.19 -8.67 17.28
CA ILE C 10 -8.80 -9.63 16.27
C ILE C 10 -10.06 -10.26 15.70
N SER C 11 -10.16 -10.29 14.37
CA SER C 11 -11.29 -10.89 13.68
C SER C 11 -10.82 -12.20 13.05
N ALA C 12 -11.40 -13.30 13.49
CA ALA C 12 -10.95 -14.63 13.08
C ALA C 12 -12.06 -15.37 12.34
N ALA C 13 -11.66 -16.37 11.56
CA ALA C 13 -12.62 -17.19 10.83
C ALA C 13 -13.47 -17.99 11.81
N ALA C 14 -14.69 -18.32 11.38
CA ALA C 14 -15.61 -19.04 12.26
C ALA C 14 -15.08 -20.40 12.65
N SER C 15 -14.27 -21.02 11.79
CA SER C 15 -13.72 -22.34 12.08
C SER C 15 -12.68 -22.33 13.18
N LEU C 16 -12.30 -21.16 13.70
CA LEU C 16 -11.30 -21.04 14.76
C LEU C 16 -11.92 -20.65 16.10
N LYS C 17 -13.25 -20.74 16.23
CA LYS C 17 -13.92 -20.24 17.43
C LYS C 17 -13.45 -20.99 18.68
N ASP C 18 -13.51 -22.32 18.66
CA ASP C 18 -13.25 -23.09 19.86
C ASP C 18 -11.76 -23.17 20.21
N SER C 19 -10.89 -23.17 19.20
CA SER C 19 -9.45 -23.23 19.49
C SER C 19 -8.94 -21.90 20.03
N ILE C 20 -9.45 -20.78 19.49
CA ILE C 20 -9.08 -19.47 20.01
C ILE C 20 -9.54 -19.30 21.45
N ASP C 21 -10.67 -19.91 21.80
CA ASP C 21 -11.18 -19.82 23.17
C ASP C 21 -10.18 -20.35 24.19
N ASP C 22 -9.39 -21.36 23.81
CA ASP C 22 -8.35 -21.88 24.68
C ASP C 22 -7.03 -21.14 24.54
N VAL C 23 -6.83 -20.42 23.43
CA VAL C 23 -5.60 -19.66 23.25
C VAL C 23 -5.65 -18.34 24.04
N LYS C 24 -6.84 -17.77 24.18
CA LYS C 24 -6.96 -16.46 24.84
C LYS C 24 -6.42 -16.44 26.27
N PRO C 25 -6.77 -17.38 27.16
CA PRO C 25 -6.20 -17.31 28.52
C PRO C 25 -4.70 -17.54 28.57
N LEU C 26 -4.16 -18.34 27.65
CA LEU C 26 -2.72 -18.61 27.68
C LEU C 26 -1.92 -17.41 27.21
N PHE C 27 -2.43 -16.68 26.22
CA PHE C 27 -1.72 -15.50 25.73
C PHE C 27 -1.74 -14.37 26.76
N GLU C 28 -2.91 -14.09 27.32
CA GLU C 28 -3.03 -13.00 28.27
C GLU C 28 -2.30 -13.26 29.58
N LYS C 29 -1.97 -14.53 29.87
CA LYS C 29 -1.13 -14.82 31.02
C LYS C 29 0.31 -14.39 30.78
N ALA C 30 0.85 -14.71 29.60
CA ALA C 30 2.21 -14.35 29.25
C ALA C 30 2.37 -12.89 28.86
N ASN C 31 1.27 -12.18 28.59
CA ASN C 31 1.30 -10.77 28.19
C ASN C 31 0.28 -10.01 29.02
N PRO C 32 0.68 -9.51 30.19
CA PRO C 32 -0.27 -8.81 31.07
C PRO C 32 -0.65 -7.42 30.61
N THR C 33 0.01 -6.88 29.59
CA THR C 33 -0.30 -5.55 29.09
C THR C 33 -1.14 -5.56 27.83
N ILE C 34 -1.51 -6.73 27.32
CA ILE C 34 -2.31 -6.86 26.11
C ILE C 34 -3.55 -7.68 26.42
N LYS C 35 -4.72 -7.15 26.09
CA LYS C 35 -5.98 -7.87 26.17
C LYS C 35 -6.53 -8.11 24.78
N LEU C 36 -7.33 -9.16 24.64
CA LEU C 36 -7.80 -9.62 23.35
C LEU C 36 -9.31 -9.47 23.25
N SER C 37 -9.76 -8.91 22.12
CA SER C 37 -11.18 -8.84 21.77
C SER C 37 -11.37 -9.57 20.46
N PHE C 38 -12.15 -10.65 20.48
CA PHE C 38 -12.32 -11.52 19.33
C PHE C 38 -13.73 -11.42 18.77
N ASP C 39 -13.83 -11.44 17.45
CA ASP C 39 -15.09 -11.64 16.75
C ASP C 39 -14.87 -12.65 15.64
N PHE C 40 -15.90 -13.44 15.37
CA PHE C 40 -15.78 -14.56 14.43
C PHE C 40 -16.82 -14.42 13.32
N GLY C 41 -16.49 -15.01 12.18
CA GLY C 41 -17.36 -14.97 11.03
C GLY C 41 -16.65 -15.49 9.80
N GLY C 42 -17.32 -15.34 8.66
CA GLY C 42 -16.72 -15.75 7.39
C GLY C 42 -15.51 -14.88 7.06
N SER C 43 -14.46 -15.54 6.56
CA SER C 43 -13.23 -14.81 6.24
C SER C 43 -13.45 -13.77 5.14
N GLY C 44 -14.34 -14.06 4.19
CA GLY C 44 -14.68 -13.07 3.19
C GLY C 44 -15.43 -11.88 3.76
N GLN C 45 -16.26 -12.12 4.78
CA GLN C 45 -16.93 -11.02 5.46
C GLN C 45 -15.95 -10.21 6.28
N ILE C 46 -14.92 -10.86 6.84
CA ILE C 46 -13.88 -10.13 7.54
C ILE C 46 -13.09 -9.26 6.57
N ARG C 47 -12.83 -9.79 5.36
CA ARG C 47 -12.11 -9.01 4.35
C ARG C 47 -12.90 -7.78 3.95
N GLU C 48 -14.21 -7.92 3.75
CA GLU C 48 -15.04 -6.79 3.34
C GLU C 48 -15.09 -5.72 4.43
N ARG C 49 -15.10 -6.13 5.69
CA ARG C 49 -15.08 -5.16 6.78
C ARG C 49 -13.77 -4.38 6.80
N VAL C 50 -12.65 -5.08 6.60
CA VAL C 50 -11.36 -4.39 6.52
C VAL C 50 -11.29 -3.52 5.28
N GLU C 51 -11.85 -3.99 4.16
CA GLU C 51 -11.90 -3.20 2.93
C GLU C 51 -12.78 -1.96 3.07
N SER C 52 -13.61 -1.87 4.11
CA SER C 52 -14.48 -0.73 4.32
C SER C 52 -14.00 0.19 5.43
N GLY C 53 -12.90 -0.14 6.09
CA GLY C 53 -12.34 0.69 7.14
C GLY C 53 -12.73 0.31 8.57
N ALA C 54 -13.10 -0.94 8.81
CA ALA C 54 -13.49 -1.34 10.17
C ALA C 54 -12.28 -1.23 11.09
N PRO C 55 -12.46 -0.72 12.32
CA PRO C 55 -11.30 -0.52 13.20
C PRO C 55 -10.78 -1.83 13.77
N ILE C 56 -10.18 -2.66 12.92
CA ILE C 56 -9.64 -3.95 13.30
C ILE C 56 -8.11 -3.86 13.33
N ASP C 57 -7.51 -4.59 14.26
CA ASP C 57 -6.06 -4.60 14.44
C ASP C 57 -5.38 -5.76 13.72
N GLY C 58 -5.96 -6.96 13.79
CA GLY C 58 -5.40 -8.11 13.09
C GLY C 58 -6.50 -9.06 12.69
N VAL C 59 -6.17 -9.92 11.72
CA VAL C 59 -7.14 -10.84 11.15
C VAL C 59 -6.55 -12.25 11.12
N LEU C 60 -7.42 -13.24 11.31
CA LEU C 60 -7.07 -14.65 11.20
C LEU C 60 -8.01 -15.25 10.14
N LEU C 61 -7.59 -15.18 8.88
CA LEU C 61 -8.42 -15.64 7.78
C LEU C 61 -8.15 -17.10 7.45
N ALA C 62 -9.13 -17.72 6.80
CA ALA C 62 -9.06 -19.12 6.39
C ALA C 62 -8.91 -19.26 4.89
N SER C 63 -8.18 -18.34 4.26
CA SER C 63 -8.02 -18.35 2.81
C SER C 63 -6.76 -17.58 2.44
N LYS C 64 -5.94 -18.17 1.57
CA LYS C 64 -4.78 -17.47 1.06
C LYS C 64 -5.19 -16.38 0.07
N LYS C 65 -6.31 -16.57 -0.63
CA LYS C 65 -6.77 -15.58 -1.59
C LYS C 65 -7.23 -14.30 -0.88
N ASP C 66 -7.85 -14.43 0.29
CA ASP C 66 -8.29 -13.26 1.03
C ASP C 66 -7.11 -12.50 1.61
N ALA C 67 -6.11 -13.22 2.14
CA ALA C 67 -4.95 -12.56 2.73
C ALA C 67 -4.15 -11.80 1.68
N ASP C 68 -3.99 -12.39 0.49
CA ASP C 68 -3.27 -11.69 -0.57
C ASP C 68 -4.08 -10.53 -1.14
N THR C 69 -5.41 -10.63 -1.09
CA THR C 69 -6.25 -9.52 -1.58
C THR C 69 -6.10 -8.30 -0.69
N LEU C 70 -6.02 -8.50 0.63
CA LEU C 70 -5.83 -7.37 1.53
C LEU C 70 -4.45 -6.74 1.35
N ILE C 71 -3.43 -7.56 1.10
CA ILE C 71 -2.08 -7.03 0.93
C ILE C 71 -1.97 -6.27 -0.39
N LYS C 72 -2.64 -6.76 -1.43
CA LYS C 72 -2.55 -6.10 -2.74
C LYS C 72 -3.15 -4.70 -2.68
N GLN C 73 -4.10 -4.46 -1.79
CA GLN C 73 -4.68 -3.15 -1.58
C GLN C 73 -3.98 -2.36 -0.48
N ASN C 74 -2.88 -2.91 0.06
CA ASN C 74 -2.15 -2.30 1.17
C ASN C 74 -3.04 -2.09 2.40
N LEU C 75 -4.02 -2.98 2.58
CA LEU C 75 -4.85 -2.98 3.77
C LEU C 75 -4.30 -3.87 4.88
N ALA C 76 -3.44 -4.82 4.54
CA ALA C 76 -2.83 -5.71 5.51
C ALA C 76 -1.37 -5.92 5.16
N GLU C 77 -0.60 -6.33 6.16
CA GLU C 77 0.82 -6.58 5.98
C GLU C 77 1.28 -7.62 7.00
N LYS C 78 2.48 -8.13 6.80
CA LYS C 78 3.07 -9.18 7.63
C LYS C 78 2.17 -10.41 7.69
N THR C 79 2.00 -11.03 6.53
CA THR C 79 1.18 -12.24 6.45
C THR C 79 1.99 -13.46 6.86
N LYS C 80 1.28 -14.48 7.36
CA LYS C 80 1.94 -15.65 7.92
C LYS C 80 0.92 -16.77 8.05
N GLU C 81 1.24 -17.94 7.50
CA GLU C 81 0.43 -19.12 7.70
C GLU C 81 0.78 -19.78 9.03
N PHE C 82 -0.20 -20.45 9.63
CA PHE C 82 0.03 -21.09 10.92
C PHE C 82 -0.75 -22.38 11.10
N ALA C 83 -1.68 -22.67 10.19
CA ALA C 83 -2.51 -23.86 10.35
C ALA C 83 -3.11 -24.25 9.01
N GLY C 84 -3.55 -25.52 8.94
CA GLY C 84 -4.27 -26.03 7.79
C GLY C 84 -5.50 -26.80 8.23
N ASN C 85 -6.21 -27.33 7.25
CA ASN C 85 -7.44 -28.07 7.53
C ASN C 85 -7.80 -28.92 6.31
N GLU C 86 -8.80 -29.77 6.49
CA GLU C 86 -9.33 -30.61 5.43
C GLU C 86 -10.85 -30.49 5.40
N LEU C 87 -11.42 -30.58 4.20
CA LEU C 87 -12.85 -30.47 4.02
C LEU C 87 -13.49 -31.85 4.03
N VAL C 88 -14.69 -31.95 4.59
CA VAL C 88 -15.44 -33.19 4.66
C VAL C 88 -16.91 -32.91 4.34
N LEU C 89 -17.64 -33.98 4.04
CA LEU C 89 -19.08 -33.91 3.85
C LEU C 89 -19.75 -34.50 5.09
N ILE C 90 -20.60 -33.71 5.74
CA ILE C 90 -21.31 -34.15 6.92
C ILE C 90 -22.80 -34.24 6.61
N GLU C 91 -23.50 -35.01 7.43
CA GLU C 91 -24.94 -35.21 7.32
C GLU C 91 -25.48 -35.48 8.70
N PRO C 92 -26.78 -35.26 8.93
CA PRO C 92 -27.34 -35.52 10.26
C PRO C 92 -27.27 -37.00 10.62
N LYS C 93 -27.19 -37.27 11.91
CA LYS C 93 -27.16 -38.64 12.42
C LYS C 93 -28.48 -39.33 12.13
N ASN C 94 -28.47 -40.30 11.22
CA ASN C 94 -29.69 -41.01 10.85
C ASN C 94 -30.09 -42.01 11.94
N ALA C 101 -23.94 -45.88 0.23
CA ALA C 101 -24.01 -44.76 -0.70
C ALA C 101 -22.73 -43.94 -0.67
N ASN C 102 -22.19 -43.66 -1.86
CA ASN C 102 -20.95 -42.91 -1.96
C ASN C 102 -21.27 -41.41 -1.99
N LEU C 103 -20.28 -40.59 -2.36
CA LEU C 103 -20.48 -39.15 -2.35
C LEU C 103 -21.52 -38.71 -3.37
N GLU C 104 -21.46 -39.28 -4.58
CA GLU C 104 -22.38 -38.88 -5.63
C GLU C 104 -23.81 -39.33 -5.33
N GLN C 105 -23.96 -40.52 -4.74
CA GLN C 105 -25.30 -41.00 -4.41
C GLN C 105 -25.89 -40.27 -3.21
N LEU C 106 -25.04 -39.83 -2.27
CA LEU C 106 -25.55 -39.11 -1.11
C LEU C 106 -26.07 -37.73 -1.48
N LEU C 107 -25.38 -37.04 -2.40
CA LEU C 107 -25.86 -35.74 -2.86
C LEU C 107 -27.09 -35.86 -3.73
N ASN C 108 -27.31 -37.01 -4.37
CA ASN C 108 -28.53 -37.22 -5.15
C ASN C 108 -29.75 -37.35 -4.24
N ASP C 109 -29.62 -38.15 -3.18
CA ASP C 109 -30.72 -38.30 -2.23
C ASP C 109 -30.88 -37.06 -1.35
N ALA C 110 -29.84 -36.25 -1.21
CA ALA C 110 -29.95 -35.01 -0.45
C ALA C 110 -30.76 -34.00 -1.24
N SER C 111 -31.70 -33.33 -0.57
CA SER C 111 -32.54 -32.36 -1.24
C SER C 111 -32.01 -30.93 -1.08
N LYS C 112 -31.44 -30.61 0.08
CA LYS C 112 -30.83 -29.31 0.33
C LYS C 112 -29.42 -29.53 0.86
N ILE C 113 -28.44 -28.95 0.17
CA ILE C 113 -27.03 -29.14 0.49
C ILE C 113 -26.49 -27.79 0.96
N ALA C 114 -26.16 -27.69 2.25
CA ALA C 114 -25.69 -26.44 2.82
C ALA C 114 -24.19 -26.29 2.60
N ILE C 115 -23.79 -25.15 2.03
CA ILE C 115 -22.39 -24.78 1.91
C ILE C 115 -22.26 -23.31 2.25
N GLY C 116 -21.02 -22.90 2.51
CA GLY C 116 -20.75 -21.49 2.70
C GLY C 116 -20.92 -20.71 1.42
N ASP C 117 -21.21 -19.43 1.55
CA ASP C 117 -21.32 -18.55 0.40
C ASP C 117 -19.98 -18.52 -0.34
N PRO C 118 -19.93 -18.96 -1.59
CA PRO C 118 -18.62 -19.11 -2.27
C PRO C 118 -17.82 -17.82 -2.36
N GLU C 119 -18.47 -16.66 -2.29
CA GLU C 119 -17.76 -15.39 -2.40
C GLU C 119 -17.40 -14.77 -1.06
N SER C 120 -18.03 -15.21 0.04
CA SER C 120 -17.73 -14.67 1.35
C SER C 120 -17.27 -15.72 2.35
N VAL C 121 -17.29 -17.01 2.01
CA VAL C 121 -16.87 -18.07 2.90
C VAL C 121 -15.84 -18.93 2.17
N PRO C 122 -14.62 -19.07 2.70
CA PRO C 122 -13.65 -19.96 2.03
C PRO C 122 -14.09 -21.41 2.01
N ALA C 123 -14.75 -21.87 3.07
CA ALA C 123 -15.25 -23.25 3.09
C ALA C 123 -16.23 -23.49 1.96
N GLY C 124 -17.06 -22.50 1.64
CA GLY C 124 -17.94 -22.62 0.49
C GLY C 124 -17.18 -22.57 -0.82
N ALA C 125 -16.12 -21.76 -0.89
CA ALA C 125 -15.28 -21.73 -2.07
C ALA C 125 -14.51 -23.03 -2.23
N TYR C 126 -13.96 -23.55 -1.13
CA TYR C 126 -13.29 -24.85 -1.18
C TYR C 126 -14.27 -25.96 -1.56
N ALA C 127 -15.52 -25.84 -1.14
CA ALA C 127 -16.51 -26.85 -1.51
C ALA C 127 -16.96 -26.68 -2.96
N LYS C 128 -16.93 -25.46 -3.49
CA LYS C 128 -17.30 -25.25 -4.89
C LYS C 128 -16.26 -25.85 -5.82
N GLN C 129 -14.97 -25.65 -5.53
CA GLN C 129 -13.92 -26.28 -6.32
C GLN C 129 -14.02 -27.80 -6.25
N THR C 130 -14.40 -28.33 -5.08
CA THR C 130 -14.50 -29.77 -4.93
C THR C 130 -15.55 -30.36 -5.87
N LEU C 131 -16.70 -29.68 -6.01
CA LEU C 131 -17.73 -30.15 -6.92
C LEU C 131 -17.40 -29.89 -8.37
N GLU C 132 -16.69 -28.79 -8.66
CA GLU C 132 -16.30 -28.50 -10.04
C GLU C 132 -15.26 -29.51 -10.54
N ASN C 133 -14.32 -29.91 -9.67
CA ASN C 133 -13.29 -30.86 -10.06
C ASN C 133 -13.81 -32.30 -10.11
N LEU C 134 -14.94 -32.58 -9.47
CA LEU C 134 -15.59 -33.87 -9.57
C LEU C 134 -16.71 -33.89 -10.60
N ASN C 135 -16.92 -32.78 -11.32
CA ASN C 135 -18.02 -32.63 -12.28
C ASN C 135 -19.36 -32.89 -11.60
N LEU C 136 -19.58 -32.22 -10.47
CA LEU C 136 -20.81 -32.34 -9.72
C LEU C 136 -21.46 -30.99 -9.39
N TYR C 137 -20.84 -29.87 -9.78
CA TYR C 137 -21.38 -28.57 -9.40
C TYR C 137 -22.69 -28.28 -10.09
N ASN C 138 -22.78 -28.56 -11.39
CA ASN C 138 -24.03 -28.30 -12.12
C ASN C 138 -25.13 -29.26 -11.70
N ALA C 139 -24.78 -30.47 -11.26
CA ALA C 139 -25.79 -31.44 -10.86
C ALA C 139 -26.47 -31.05 -9.56
N GLU C 140 -25.70 -30.54 -8.60
CA GLU C 140 -26.22 -30.12 -7.30
C GLU C 140 -26.39 -28.61 -7.20
N LYS C 141 -26.44 -27.91 -8.34
CA LYS C 141 -26.48 -26.46 -8.32
C LYS C 141 -27.79 -25.94 -7.74
N ALA C 142 -28.90 -26.64 -7.98
CA ALA C 142 -30.20 -26.19 -7.51
C ALA C 142 -30.43 -26.51 -6.03
N LYS C 143 -29.64 -27.40 -5.44
CA LYS C 143 -29.81 -27.81 -4.06
C LYS C 143 -28.92 -27.03 -3.10
N LEU C 144 -28.03 -26.18 -3.60
CA LEU C 144 -27.09 -25.48 -2.74
C LEU C 144 -27.80 -24.41 -1.91
N VAL C 145 -27.64 -24.48 -0.60
CA VAL C 145 -28.15 -23.48 0.33
C VAL C 145 -26.95 -22.76 0.92
N LEU C 146 -26.79 -21.49 0.57
CA LEU C 146 -25.62 -20.73 0.98
C LEU C 146 -25.77 -20.23 2.42
N ALA C 147 -24.67 -20.30 3.17
CA ALA C 147 -24.63 -19.86 4.56
C ALA C 147 -23.62 -18.73 4.71
N THR C 148 -23.65 -18.07 5.87
CA THR C 148 -22.80 -16.91 6.09
C THR C 148 -21.38 -17.30 6.48
N ASP C 149 -21.19 -18.47 7.06
CA ASP C 149 -19.85 -18.98 7.37
C ASP C 149 -19.93 -20.49 7.53
N VAL C 150 -18.82 -21.11 7.94
CA VAL C 150 -18.76 -22.57 8.01
C VAL C 150 -19.48 -23.09 9.25
N ARG C 151 -19.50 -22.33 10.33
CA ARG C 151 -20.22 -22.75 11.53
C ARG C 151 -21.72 -22.68 11.35
N GLN C 152 -22.21 -21.86 10.41
CA GLN C 152 -23.63 -21.86 10.10
C GLN C 152 -24.04 -23.11 9.32
N VAL C 153 -23.15 -23.62 8.47
CA VAL C 153 -23.42 -24.88 7.78
C VAL C 153 -23.54 -26.02 8.78
N LEU C 154 -22.71 -26.00 9.82
CA LEU C 154 -22.72 -27.07 10.81
C LEU C 154 -24.05 -27.10 11.55
N SER C 155 -24.50 -25.94 12.05
CA SER C 155 -25.75 -25.90 12.80
C SER C 155 -26.95 -26.22 11.93
N TYR C 156 -26.89 -25.89 10.64
CA TYR C 156 -27.97 -26.27 9.72
C TYR C 156 -28.07 -27.78 9.59
N VAL C 157 -26.92 -28.46 9.58
CA VAL C 157 -26.93 -29.92 9.45
C VAL C 157 -27.21 -30.58 10.80
N GLU C 158 -26.75 -29.96 11.90
CA GLU C 158 -27.04 -30.51 13.22
C GLU C 158 -28.55 -30.52 13.49
N ALA C 159 -29.28 -29.54 12.99
CA ALA C 159 -30.71 -29.45 13.19
C ALA C 159 -31.52 -30.21 12.14
N GLY C 160 -30.87 -30.84 11.17
CA GLY C 160 -31.57 -31.61 10.17
C GLY C 160 -32.28 -30.72 9.16
N ASN C 161 -32.05 -29.42 9.26
CA ASN C 161 -32.62 -28.46 8.32
C ASN C 161 -31.99 -28.56 6.94
N ALA C 162 -30.79 -29.13 6.85
CA ALA C 162 -30.15 -29.41 5.56
C ALA C 162 -29.76 -30.88 5.53
N ASP C 163 -29.84 -31.48 4.35
CA ASP C 163 -29.58 -32.91 4.22
C ASP C 163 -28.09 -33.21 4.24
N ALA C 164 -27.29 -32.41 3.55
CA ALA C 164 -25.84 -32.58 3.52
C ALA C 164 -25.17 -31.23 3.66
N GLY C 165 -23.89 -31.25 4.01
CA GLY C 165 -23.15 -30.03 4.21
C GLY C 165 -21.66 -30.26 4.11
N PHE C 166 -20.94 -29.26 3.62
CA PHE C 166 -19.49 -29.28 3.51
C PHE C 166 -18.92 -28.37 4.60
N VAL C 167 -18.21 -28.96 5.56
CA VAL C 167 -17.54 -28.23 6.62
C VAL C 167 -16.11 -28.74 6.73
N TYR C 168 -15.32 -28.06 7.56
CA TYR C 168 -13.96 -28.47 7.80
C TYR C 168 -13.92 -29.70 8.71
N GLN C 169 -12.79 -30.39 8.69
CA GLN C 169 -12.64 -31.59 9.53
C GLN C 169 -12.62 -31.24 11.01
N THR C 170 -12.20 -30.02 11.36
CA THR C 170 -12.18 -29.61 12.75
C THR C 170 -13.57 -29.31 13.30
N ASP C 171 -14.54 -29.03 12.43
CA ASP C 171 -15.90 -28.75 12.89
C ASP C 171 -16.67 -30.03 13.14
N ALA C 172 -16.43 -31.06 12.31
CA ALA C 172 -17.11 -32.34 12.50
C ALA C 172 -16.69 -33.01 13.80
N LEU C 173 -15.46 -32.75 14.25
CA LEU C 173 -15.01 -33.30 15.53
C LEU C 173 -15.72 -32.64 16.71
N LEU C 174 -16.04 -31.35 16.60
CA LEU C 174 -16.69 -30.63 17.68
C LEU C 174 -18.17 -30.98 17.82
N SER C 175 -18.74 -31.68 16.85
CA SER C 175 -20.16 -31.99 16.84
C SER C 175 -20.40 -33.49 16.88
N LYS C 176 -21.38 -33.90 17.68
CA LYS C 176 -21.80 -35.29 17.73
C LYS C 176 -23.16 -35.52 17.07
N LYS C 177 -23.88 -34.46 16.72
CA LYS C 177 -25.14 -34.58 16.01
C LYS C 177 -24.94 -34.85 14.52
N VAL C 178 -23.71 -34.76 14.02
CA VAL C 178 -23.42 -35.00 12.61
C VAL C 178 -22.36 -36.10 12.52
N GLN C 179 -22.26 -36.70 11.34
CA GLN C 179 -21.27 -37.72 11.07
C GLN C 179 -20.65 -37.48 9.70
N VAL C 180 -19.37 -37.79 9.59
CA VAL C 180 -18.65 -37.65 8.33
C VAL C 180 -18.99 -38.84 7.43
N LYS C 181 -19.42 -38.54 6.21
CA LYS C 181 -19.70 -39.57 5.21
C LYS C 181 -18.71 -39.57 4.06
N ALA C 182 -17.86 -38.56 3.95
CA ALA C 182 -16.86 -38.50 2.89
C ALA C 182 -15.80 -37.48 3.27
N LYS C 183 -14.57 -37.93 3.46
CA LYS C 183 -13.44 -37.04 3.73
C LYS C 183 -12.83 -36.65 2.39
N ILE C 184 -12.97 -35.37 2.04
CA ILE C 184 -12.58 -34.90 0.71
C ILE C 184 -11.07 -34.90 0.57
N ASP C 185 -10.58 -35.51 -0.51
CA ASP C 185 -9.16 -35.45 -0.82
C ASP C 185 -8.76 -34.02 -1.14
N GLU C 186 -7.63 -33.57 -0.58
CA GLU C 186 -7.15 -32.22 -0.81
C GLU C 186 -6.71 -31.99 -2.25
N LYS C 187 -6.64 -33.04 -3.07
CA LYS C 187 -6.29 -32.87 -4.48
C LYS C 187 -7.37 -32.15 -5.26
N LEU C 188 -8.60 -32.11 -4.75
CA LEU C 188 -9.74 -31.59 -5.50
C LEU C 188 -9.99 -30.11 -5.27
N HIS C 189 -9.16 -29.44 -4.47
CA HIS C 189 -9.38 -28.03 -4.17
C HIS C 189 -8.05 -27.39 -3.80
N ASP C 190 -8.08 -26.07 -3.63
CA ASP C 190 -6.90 -25.35 -3.17
C ASP C 190 -6.56 -25.80 -1.75
N PRO C 191 -5.27 -25.78 -1.39
CA PRO C 191 -4.88 -26.19 -0.03
C PRO C 191 -5.49 -25.28 1.01
N ILE C 192 -6.25 -25.87 1.93
CA ILE C 192 -6.86 -25.12 3.02
C ILE C 192 -5.78 -24.72 4.01
N ALA C 193 -5.55 -23.42 4.14
CA ALA C 193 -4.53 -22.90 5.03
C ALA C 193 -5.02 -21.62 5.69
N TYR C 194 -4.73 -21.48 6.98
CA TYR C 194 -5.11 -20.32 7.77
C TYR C 194 -3.94 -19.33 7.80
N TYR C 195 -4.23 -18.07 7.52
CA TYR C 195 -3.21 -17.02 7.47
C TYR C 195 -3.56 -15.90 8.43
N SER C 196 -2.52 -15.34 9.06
CA SER C 196 -2.65 -14.18 9.92
C SER C 196 -2.09 -12.95 9.21
N ALA C 197 -2.58 -11.77 9.60
CA ALA C 197 -2.13 -10.54 8.96
C ALA C 197 -2.42 -9.36 9.88
N GLN C 198 -1.59 -8.34 9.76
CA GLN C 198 -1.75 -7.10 10.50
C GLN C 198 -2.47 -6.07 9.65
N VAL C 199 -3.54 -5.49 10.20
CA VAL C 199 -4.26 -4.43 9.49
C VAL C 199 -3.38 -3.18 9.41
N SER C 200 -3.29 -2.60 8.22
CA SER C 200 -2.38 -1.48 8.01
C SER C 200 -2.80 -0.23 8.78
N ASP C 201 -4.10 0.00 8.94
CA ASP C 201 -4.57 1.20 9.61
C ASP C 201 -4.54 1.09 11.13
N SER C 202 -4.14 -0.05 11.68
CA SER C 202 -4.14 -0.22 13.12
C SER C 202 -3.02 0.58 13.76
N ASP C 203 -3.34 1.32 14.82
CA ASP C 203 -2.35 2.04 15.60
C ASP C 203 -1.82 1.22 16.77
N LYS C 204 -2.16 -0.07 16.83
CA LYS C 204 -1.62 -0.96 17.85
C LYS C 204 -0.91 -2.13 17.18
N LYS C 205 0.05 -1.82 16.31
CA LYS C 205 0.70 -2.87 15.51
C LYS C 205 1.64 -3.71 16.37
N GLU C 206 2.40 -3.07 17.26
CA GLU C 206 3.35 -3.82 18.08
C GLU C 206 2.65 -4.77 19.02
N GLU C 207 1.46 -4.41 19.51
CA GLU C 207 0.68 -5.34 20.32
C GLU C 207 0.04 -6.41 19.45
N THR C 208 -0.38 -6.05 18.24
CA THR C 208 -0.96 -7.03 17.34
C THR C 208 0.08 -8.03 16.86
N ALA C 209 1.30 -7.57 16.60
CA ALA C 209 2.39 -8.46 16.20
C ALA C 209 2.66 -9.51 17.27
N THR C 210 2.62 -9.10 18.54
CA THR C 210 2.94 -10.02 19.63
C THR C 210 1.98 -11.21 19.63
N PHE C 211 0.69 -10.95 19.34
CA PHE C 211 -0.28 -12.05 19.33
C PHE C 211 -0.22 -12.85 18.03
N LEU C 212 -0.02 -12.17 16.89
CA LEU C 212 0.07 -12.90 15.63
C LEU C 212 1.29 -13.82 15.59
N ASP C 213 2.38 -13.42 16.25
CA ASP C 213 3.52 -14.32 16.37
C ASP C 213 3.23 -15.44 17.37
N PHE C 214 2.33 -15.20 18.32
CA PHE C 214 1.99 -16.23 19.31
C PHE C 214 1.29 -17.42 18.68
N MET C 215 0.52 -17.18 17.61
CA MET C 215 -0.17 -18.28 16.94
C MET C 215 0.79 -19.24 16.25
N ASN C 216 1.99 -18.80 15.91
CA ASN C 216 2.99 -19.63 15.26
C ASN C 216 3.98 -20.26 16.24
N LYS C 217 3.66 -20.23 17.53
CA LYS C 217 4.55 -20.74 18.56
C LYS C 217 4.00 -22.05 19.12
N SER C 218 4.85 -22.73 19.91
CA SER C 218 4.55 -24.09 20.34
C SER C 218 3.25 -24.17 21.13
N GLU C 219 3.01 -23.20 22.02
CA GLU C 219 1.84 -23.27 22.89
C GLU C 219 0.55 -23.21 22.08
N ALA C 220 0.49 -22.32 21.09
CA ALA C 220 -0.70 -22.24 20.26
C ALA C 220 -0.79 -23.37 19.25
N GLN C 221 0.35 -23.89 18.79
CA GLN C 221 0.33 -24.99 17.84
C GLN C 221 -0.19 -26.27 18.47
N LYS C 222 -0.01 -26.44 19.79
CA LYS C 222 -0.52 -27.63 20.46
C LYS C 222 -2.03 -27.56 20.65
N ILE C 223 -2.57 -26.37 20.90
CA ILE C 223 -4.02 -26.22 21.00
C ILE C 223 -4.67 -26.48 19.64
N LEU C 224 -4.03 -26.05 18.56
CA LEU C 224 -4.56 -26.28 17.22
C LEU C 224 -4.60 -27.77 16.89
N GLU C 225 -3.62 -28.53 17.36
CA GLU C 225 -3.63 -29.98 17.13
C GLU C 225 -4.66 -30.68 18.01
N LYS C 226 -4.89 -30.16 19.22
CA LYS C 226 -5.91 -30.74 20.09
C LYS C 226 -7.29 -30.70 19.44
N TYR C 227 -7.53 -29.75 18.55
CA TYR C 227 -8.81 -29.63 17.87
C TYR C 227 -8.80 -30.21 16.45
N GLY C 228 -7.65 -30.66 15.96
CA GLY C 228 -7.59 -31.38 14.70
C GLY C 228 -6.98 -30.63 13.54
N PHE C 229 -6.57 -29.38 13.72
CA PHE C 229 -6.01 -28.61 12.63
C PHE C 229 -4.66 -29.18 12.19
N LYS C 230 -4.36 -29.03 10.91
CA LYS C 230 -3.06 -29.42 10.39
C LYS C 230 -2.00 -28.40 10.80
N ALA C 231 -0.75 -28.86 10.83
CA ALA C 231 0.35 -27.98 11.20
C ALA C 231 0.65 -26.99 10.07
N ALA C 232 1.44 -25.97 10.41
CA ALA C 232 1.82 -24.97 9.43
C ALA C 232 2.78 -25.57 8.41
N ASN C 233 2.34 -25.66 7.16
CA ASN C 233 3.16 -26.22 6.09
C ASN C 233 3.67 -25.13 5.16
N GLN D 4 -37.01 -38.97 20.88
CA GLN D 4 -37.79 -38.29 19.85
C GLN D 4 -37.52 -36.78 19.90
N THR D 5 -36.24 -36.41 19.80
CA THR D 5 -35.84 -35.02 19.91
C THR D 5 -35.93 -34.33 18.55
N THR D 6 -36.21 -33.03 18.59
CA THR D 6 -36.30 -32.20 17.39
C THR D 6 -35.62 -30.87 17.66
N THR D 7 -34.61 -30.55 16.86
CA THR D 7 -33.83 -29.33 17.03
C THR D 7 -34.37 -28.24 16.10
N ILE D 8 -34.57 -27.05 16.65
CA ILE D 8 -34.97 -25.88 15.89
C ILE D 8 -33.82 -24.88 15.89
N HIS D 9 -33.73 -24.10 14.82
CA HIS D 9 -32.69 -23.10 14.66
C HIS D 9 -33.30 -21.71 14.79
N ILE D 10 -32.78 -20.91 15.72
CA ILE D 10 -33.30 -19.58 16.01
C ILE D 10 -32.19 -18.57 15.71
N SER D 11 -32.53 -17.55 14.93
CA SER D 11 -31.62 -16.46 14.62
C SER D 11 -32.08 -15.22 15.39
N ALA D 12 -31.33 -14.86 16.43
CA ALA D 12 -31.68 -13.76 17.30
C ALA D 12 -30.75 -12.57 17.07
N ALA D 13 -31.20 -11.40 17.49
CA ALA D 13 -30.39 -10.19 17.38
C ALA D 13 -29.17 -10.30 18.30
N ALA D 14 -28.13 -9.54 17.95
CA ALA D 14 -26.88 -9.61 18.70
C ALA D 14 -27.04 -9.11 20.13
N SER D 15 -27.98 -8.18 20.36
CA SER D 15 -28.19 -7.65 21.70
C SER D 15 -28.88 -8.63 22.63
N LEU D 16 -29.39 -9.74 22.11
CA LEU D 16 -30.05 -10.77 22.91
C LEU D 16 -29.13 -11.95 23.23
N LYS D 17 -27.83 -11.78 23.03
CA LYS D 17 -26.90 -12.91 23.16
C LYS D 17 -26.88 -13.46 24.58
N ASP D 18 -26.58 -12.60 25.57
CA ASP D 18 -26.37 -13.08 26.92
C ASP D 18 -27.68 -13.50 27.59
N SER D 19 -28.79 -12.83 27.25
CA SER D 19 -30.07 -13.20 27.86
C SER D 19 -30.56 -14.55 27.33
N ILE D 20 -30.34 -14.82 26.04
CA ILE D 20 -30.72 -16.11 25.47
C ILE D 20 -29.92 -17.25 26.10
N ASP D 21 -28.66 -16.98 26.47
CA ASP D 21 -27.83 -18.01 27.08
C ASP D 21 -28.43 -18.53 28.37
N ASP D 22 -29.04 -17.64 29.16
CA ASP D 22 -29.70 -18.08 30.39
C ASP D 22 -31.07 -18.70 30.11
N VAL D 23 -31.70 -18.32 29.00
CA VAL D 23 -33.03 -18.83 28.69
C VAL D 23 -32.96 -20.27 28.20
N LYS D 24 -31.91 -20.61 27.44
CA LYS D 24 -31.85 -21.91 26.79
C LYS D 24 -31.96 -23.09 27.75
N PRO D 25 -31.19 -23.18 28.85
CA PRO D 25 -31.34 -24.34 29.73
C PRO D 25 -32.69 -24.41 30.42
N LEU D 26 -33.32 -23.26 30.69
CA LEU D 26 -34.63 -23.27 31.32
C LEU D 26 -35.69 -23.83 30.36
N PHE D 27 -35.59 -23.50 29.08
CA PHE D 27 -36.57 -23.98 28.11
C PHE D 27 -36.36 -25.46 27.81
N GLU D 28 -35.11 -25.85 27.52
CA GLU D 28 -34.84 -27.23 27.14
C GLU D 28 -35.17 -28.21 28.26
N LYS D 29 -35.05 -27.78 29.52
CA LYS D 29 -35.48 -28.62 30.62
C LYS D 29 -37.00 -28.81 30.60
N ALA D 30 -37.74 -27.74 30.29
CA ALA D 30 -39.19 -27.81 30.20
C ALA D 30 -39.66 -28.47 28.91
N ASN D 31 -38.77 -28.71 27.95
CA ASN D 31 -39.10 -29.39 26.70
C ASN D 31 -37.96 -30.33 26.36
N PRO D 32 -37.96 -31.54 26.91
CA PRO D 32 -36.88 -32.49 26.63
C PRO D 32 -36.82 -32.95 25.19
N THR D 33 -37.87 -32.74 24.40
CA THR D 33 -37.90 -33.16 23.01
C THR D 33 -37.49 -32.06 22.05
N ILE D 34 -37.29 -30.83 22.53
CA ILE D 34 -36.97 -29.69 21.68
C ILE D 34 -35.61 -29.15 22.11
N LYS D 35 -34.65 -29.16 21.18
CA LYS D 35 -33.31 -28.65 21.40
C LYS D 35 -33.13 -27.35 20.63
N LEU D 36 -32.54 -26.35 21.28
CA LEU D 36 -32.39 -25.02 20.70
C LEU D 36 -31.03 -24.86 20.05
N SER D 37 -31.03 -24.21 18.88
CA SER D 37 -29.80 -23.88 18.15
C SER D 37 -29.89 -22.41 17.77
N PHE D 38 -28.97 -21.60 18.30
CA PHE D 38 -29.01 -20.15 18.13
C PHE D 38 -27.85 -19.66 17.27
N ASP D 39 -28.11 -18.62 16.47
CA ASP D 39 -27.09 -17.80 15.87
C ASP D 39 -27.46 -16.34 16.11
N PHE D 40 -26.46 -15.46 16.08
CA PHE D 40 -26.66 -14.07 16.44
C PHE D 40 -26.03 -13.16 15.39
N GLY D 41 -26.46 -11.91 15.41
CA GLY D 41 -26.02 -10.92 14.46
C GLY D 41 -27.04 -9.82 14.34
N GLY D 42 -26.78 -8.93 13.38
CA GLY D 42 -27.71 -7.85 13.12
C GLY D 42 -29.04 -8.36 12.57
N SER D 43 -30.11 -7.64 12.92
CA SER D 43 -31.43 -8.05 12.48
C SER D 43 -31.59 -7.91 10.98
N GLY D 44 -30.87 -6.97 10.36
CA GLY D 44 -30.90 -6.86 8.90
C GLY D 44 -30.23 -8.03 8.22
N GLN D 45 -29.16 -8.56 8.83
CA GLN D 45 -28.53 -9.77 8.32
C GLN D 45 -29.52 -10.93 8.36
N ILE D 46 -30.18 -11.11 9.51
CA ILE D 46 -31.16 -12.18 9.66
C ILE D 46 -32.29 -12.00 8.65
N ARG D 47 -32.72 -10.75 8.43
CA ARG D 47 -33.76 -10.49 7.44
C ARG D 47 -33.31 -10.88 6.04
N GLU D 48 -32.07 -10.52 5.69
CA GLU D 48 -31.56 -10.85 4.36
C GLU D 48 -31.30 -12.35 4.21
N ARG D 49 -30.92 -13.02 5.30
CA ARG D 49 -30.75 -14.47 5.24
C ARG D 49 -32.09 -15.18 5.08
N VAL D 50 -33.11 -14.71 5.80
CA VAL D 50 -34.44 -15.30 5.68
C VAL D 50 -34.96 -15.16 4.25
N GLU D 51 -34.73 -14.01 3.63
CA GLU D 51 -35.14 -13.77 2.26
C GLU D 51 -34.32 -14.57 1.25
N SER D 52 -33.15 -15.07 1.64
CA SER D 52 -32.31 -15.83 0.73
C SER D 52 -32.66 -17.31 0.69
N GLY D 53 -33.54 -17.77 1.56
CA GLY D 53 -33.87 -19.17 1.67
C GLY D 53 -33.13 -19.93 2.75
N ALA D 54 -32.59 -19.25 3.75
CA ALA D 54 -31.81 -19.94 4.77
C ALA D 54 -32.72 -20.84 5.60
N PRO D 55 -32.26 -22.04 5.96
CA PRO D 55 -33.11 -22.98 6.74
C PRO D 55 -33.23 -22.56 8.20
N ILE D 56 -33.95 -21.47 8.42
CA ILE D 56 -34.20 -20.96 9.76
C ILE D 56 -35.63 -21.28 10.15
N ASP D 57 -35.84 -21.54 11.44
CA ASP D 57 -37.16 -21.87 11.97
C ASP D 57 -37.84 -20.69 12.65
N GLY D 58 -37.10 -19.95 13.48
CA GLY D 58 -37.64 -18.78 14.12
C GLY D 58 -36.59 -17.69 14.21
N VAL D 59 -37.06 -16.46 14.40
CA VAL D 59 -36.19 -15.29 14.45
C VAL D 59 -36.57 -14.40 15.62
N LEU D 60 -35.57 -13.74 16.19
CA LEU D 60 -35.75 -12.75 17.25
C LEU D 60 -35.11 -11.45 16.76
N LEU D 61 -35.93 -10.54 16.25
CA LEU D 61 -35.44 -9.31 15.63
C LEU D 61 -35.63 -8.13 16.57
N ALA D 62 -34.73 -7.14 16.43
CA ALA D 62 -34.73 -5.95 17.27
C ALA D 62 -35.26 -4.73 16.53
N SER D 63 -36.23 -4.91 15.63
CA SER D 63 -36.77 -3.80 14.86
C SER D 63 -38.16 -4.15 14.37
N LYS D 64 -39.07 -3.19 14.49
CA LYS D 64 -40.42 -3.37 13.96
C LYS D 64 -40.42 -3.41 12.43
N LYS D 65 -39.53 -2.63 11.80
CA LYS D 65 -39.49 -2.58 10.34
C LYS D 65 -38.99 -3.90 9.76
N ASP D 66 -38.04 -4.55 10.43
CA ASP D 66 -37.52 -5.83 9.95
C ASP D 66 -38.57 -6.93 10.06
N ALA D 67 -39.32 -6.94 11.16
CA ALA D 67 -40.38 -7.94 11.33
C ALA D 67 -41.48 -7.74 10.31
N ASP D 68 -42.00 -6.52 10.20
CA ASP D 68 -43.10 -6.25 9.28
C ASP D 68 -42.68 -6.47 7.82
N THR D 69 -41.38 -6.34 7.53
CA THR D 69 -40.91 -6.62 6.18
C THR D 69 -41.10 -8.09 5.82
N LEU D 70 -40.76 -8.98 6.75
CA LEU D 70 -40.92 -10.42 6.49
C LEU D 70 -42.40 -10.82 6.49
N ILE D 71 -43.24 -10.08 7.23
CA ILE D 71 -44.66 -10.38 7.20
C ILE D 71 -45.27 -10.01 5.84
N LYS D 72 -44.87 -8.85 5.30
CA LYS D 72 -45.45 -8.39 4.04
C LYS D 72 -45.04 -9.29 2.89
N GLN D 73 -43.80 -9.77 2.90
CA GLN D 73 -43.34 -10.72 1.88
C GLN D 73 -43.82 -12.15 2.15
N ASN D 74 -44.61 -12.35 3.22
CA ASN D 74 -45.11 -13.67 3.60
C ASN D 74 -43.96 -14.65 3.84
N LEU D 75 -42.90 -14.16 4.49
CA LEU D 75 -41.80 -15.02 4.93
C LEU D 75 -41.83 -15.30 6.43
N ALA D 76 -42.62 -14.54 7.19
CA ALA D 76 -42.77 -14.72 8.62
C ALA D 76 -44.24 -14.72 8.98
N GLU D 77 -44.52 -14.99 10.26
CA GLU D 77 -45.88 -15.04 10.76
C GLU D 77 -45.82 -15.09 12.29
N LYS D 78 -46.96 -14.80 12.91
CA LYS D 78 -47.12 -14.90 14.36
C LYS D 78 -46.10 -14.03 15.10
N THR D 79 -46.01 -12.77 14.70
CA THR D 79 -45.10 -11.85 15.36
C THR D 79 -45.68 -11.36 16.68
N LYS D 80 -44.80 -11.09 17.63
CA LYS D 80 -45.23 -10.69 18.97
C LYS D 80 -44.08 -9.99 19.66
N GLU D 81 -44.29 -8.73 20.04
CA GLU D 81 -43.28 -7.99 20.80
C GLU D 81 -43.12 -8.62 22.18
N PHE D 82 -41.87 -8.80 22.61
CA PHE D 82 -41.60 -9.40 23.90
C PHE D 82 -40.58 -8.65 24.74
N ALA D 83 -39.98 -7.58 24.22
CA ALA D 83 -38.97 -6.84 24.97
C ALA D 83 -38.79 -5.46 24.35
N GLY D 84 -38.04 -4.62 25.06
CA GLY D 84 -37.69 -3.30 24.57
C GLY D 84 -36.36 -2.87 25.15
N ASN D 85 -35.78 -1.84 24.55
CA ASN D 85 -34.46 -1.37 24.97
C ASN D 85 -34.40 0.14 24.80
N GLU D 86 -33.24 0.70 25.15
CA GLU D 86 -32.99 2.13 25.03
C GLU D 86 -31.59 2.35 24.51
N LEU D 87 -31.42 3.37 23.67
CA LEU D 87 -30.13 3.69 23.07
C LEU D 87 -29.30 4.55 24.02
N VAL D 88 -27.99 4.33 24.00
CA VAL D 88 -27.05 5.08 24.83
C VAL D 88 -25.76 5.31 24.05
N LEU D 89 -25.08 6.41 24.37
CA LEU D 89 -23.76 6.70 23.82
C LEU D 89 -22.71 6.30 24.85
N ILE D 90 -21.68 5.59 24.39
CA ILE D 90 -20.61 5.11 25.26
C ILE D 90 -19.27 5.54 24.69
N GLU D 91 -18.31 5.76 25.58
CA GLU D 91 -16.93 6.07 25.26
C GLU D 91 -16.02 5.14 26.05
N PRO D 92 -14.76 5.01 25.65
CA PRO D 92 -13.81 4.25 26.47
C PRO D 92 -13.68 4.83 27.87
N LYS D 93 -13.33 3.96 28.82
CA LYS D 93 -13.30 4.33 30.22
C LYS D 93 -12.05 5.13 30.55
N ASN D 94 -12.23 6.28 31.20
CA ASN D 94 -11.10 7.09 31.64
C ASN D 94 -11.01 7.10 33.16
N ALA D 101 -18.98 17.93 27.37
CA ALA D 101 -19.93 17.51 28.39
C ALA D 101 -21.20 16.96 27.75
N ASN D 102 -21.90 17.80 26.99
CA ASN D 102 -23.15 17.37 26.38
C ASN D 102 -22.87 16.45 25.19
N LEU D 103 -23.96 15.91 24.63
CA LEU D 103 -23.83 14.97 23.51
C LEU D 103 -23.18 15.62 22.30
N GLU D 104 -23.45 16.91 22.07
CA GLU D 104 -22.86 17.59 20.91
C GLU D 104 -21.35 17.74 21.08
N GLN D 105 -20.91 18.23 22.25
CA GLN D 105 -19.48 18.40 22.48
C GLN D 105 -18.75 17.07 22.57
N LEU D 106 -19.44 16.01 23.00
CA LEU D 106 -18.82 14.69 23.05
C LEU D 106 -18.49 14.20 21.64
N LEU D 107 -19.44 14.31 20.72
CA LEU D 107 -19.21 13.91 19.34
C LEU D 107 -18.35 14.92 18.58
N ASN D 108 -18.25 16.16 19.07
CA ASN D 108 -17.35 17.13 18.44
C ASN D 108 -15.89 16.81 18.73
N ASP D 109 -15.60 16.22 19.89
CA ASP D 109 -14.24 15.89 20.28
C ASP D 109 -13.89 14.43 20.05
N ALA D 110 -14.74 13.69 19.37
CA ALA D 110 -14.48 12.29 19.05
C ALA D 110 -14.07 12.18 17.59
N SER D 111 -12.97 11.48 17.33
CA SER D 111 -12.50 11.33 15.95
C SER D 111 -13.30 10.30 15.19
N LYS D 112 -13.56 9.15 15.80
CA LYS D 112 -14.35 8.08 15.19
C LYS D 112 -15.60 7.82 16.03
N ILE D 113 -16.73 7.68 15.36
CA ILE D 113 -18.01 7.37 15.99
C ILE D 113 -18.53 6.08 15.37
N ALA D 114 -18.69 5.05 16.19
CA ALA D 114 -19.08 3.73 15.73
C ALA D 114 -20.58 3.53 15.95
N ILE D 115 -21.28 3.11 14.89
CA ILE D 115 -22.68 2.73 14.98
C ILE D 115 -22.88 1.49 14.13
N GLY D 116 -24.01 0.83 14.34
CA GLY D 116 -24.40 -0.24 13.44
C GLY D 116 -24.73 0.30 12.05
N ASP D 117 -24.67 -0.58 11.07
CA ASP D 117 -25.04 -0.19 9.72
C ASP D 117 -26.53 0.13 9.69
N PRO D 118 -26.92 1.38 9.38
CA PRO D 118 -28.36 1.73 9.41
C PRO D 118 -29.20 0.93 8.43
N GLU D 119 -28.58 0.21 7.50
CA GLU D 119 -29.32 -0.61 6.54
C GLU D 119 -29.53 -2.05 7.00
N SER D 120 -28.75 -2.51 7.98
CA SER D 120 -28.85 -3.89 8.42
C SER D 120 -28.67 -4.07 9.93
N VAL D 121 -28.52 -2.99 10.69
CA VAL D 121 -28.42 -3.07 12.16
C VAL D 121 -29.43 -2.09 12.73
N PRO D 122 -30.43 -2.56 13.49
CA PRO D 122 -31.40 -1.62 14.08
C PRO D 122 -30.77 -0.59 15.00
N ALA D 123 -29.70 -0.95 15.71
CA ALA D 123 -29.03 0.02 16.57
C ALA D 123 -28.47 1.17 15.76
N GLY D 124 -27.99 0.90 14.55
CA GLY D 124 -27.53 1.96 13.69
C GLY D 124 -28.66 2.81 13.12
N ALA D 125 -29.80 2.17 12.84
CA ALA D 125 -30.96 2.93 12.39
C ALA D 125 -31.50 3.84 13.49
N TYR D 126 -31.52 3.35 14.73
CA TYR D 126 -31.95 4.18 15.85
C TYR D 126 -30.99 5.35 16.06
N ALA D 127 -29.69 5.09 15.91
CA ALA D 127 -28.71 6.16 16.06
C ALA D 127 -28.85 7.21 14.96
N LYS D 128 -29.11 6.77 13.72
CA LYS D 128 -29.29 7.71 12.62
C LYS D 128 -30.54 8.56 12.83
N GLN D 129 -31.63 7.95 13.31
CA GLN D 129 -32.83 8.71 13.60
C GLN D 129 -32.57 9.75 14.69
N THR D 130 -31.75 9.40 15.69
CA THR D 130 -31.46 10.33 16.77
C THR D 130 -30.61 11.50 16.27
N LEU D 131 -29.59 11.21 15.46
CA LEU D 131 -28.75 12.28 14.94
C LEU D 131 -29.49 13.17 13.96
N GLU D 132 -30.56 12.68 13.35
CA GLU D 132 -31.33 13.51 12.41
C GLU D 132 -32.32 14.42 13.15
N ASN D 133 -32.93 13.91 14.22
CA ASN D 133 -33.84 14.72 15.02
C ASN D 133 -33.10 15.73 15.90
N LEU D 134 -31.81 15.54 16.12
CA LEU D 134 -30.96 16.51 16.79
C LEU D 134 -30.21 17.41 15.82
N ASN D 135 -30.40 17.20 14.51
CA ASN D 135 -29.68 17.94 13.47
C ASN D 135 -28.17 17.82 13.66
N LEU D 136 -27.71 16.58 13.80
CA LEU D 136 -26.30 16.28 14.00
C LEU D 136 -25.73 15.32 12.96
N TYR D 137 -26.53 14.89 11.99
CA TYR D 137 -26.03 13.91 11.03
C TYR D 137 -25.00 14.52 10.09
N ASN D 138 -25.26 15.73 9.59
CA ASN D 138 -24.29 16.41 8.74
C ASN D 138 -23.00 16.72 9.50
N ALA D 139 -23.09 16.90 10.82
CA ALA D 139 -21.91 17.29 11.59
C ALA D 139 -20.97 16.12 11.85
N GLU D 140 -21.50 14.89 11.92
CA GLU D 140 -20.70 13.72 12.27
C GLU D 140 -20.73 12.63 11.21
N LYS D 141 -21.17 12.96 9.98
CA LYS D 141 -21.24 11.93 8.95
C LYS D 141 -19.85 11.45 8.54
N ALA D 142 -18.87 12.36 8.51
CA ALA D 142 -17.50 11.98 8.18
C ALA D 142 -16.81 11.22 9.29
N LYS D 143 -17.45 11.06 10.45
CA LYS D 143 -16.88 10.33 11.57
C LYS D 143 -17.52 8.97 11.79
N LEU D 144 -18.53 8.62 11.01
CA LEU D 144 -19.29 7.39 11.26
C LEU D 144 -18.53 6.17 10.79
N VAL D 145 -18.44 5.17 11.66
CA VAL D 145 -17.85 3.86 11.35
C VAL D 145 -18.93 2.81 11.54
N LEU D 146 -19.32 2.16 10.44
CA LEU D 146 -20.43 1.22 10.47
C LEU D 146 -19.97 -0.17 10.90
N ALA D 147 -20.82 -0.86 11.65
CA ALA D 147 -20.50 -2.17 12.16
C ALA D 147 -21.58 -3.17 11.76
N THR D 148 -21.25 -4.45 11.84
CA THR D 148 -22.14 -5.52 11.38
C THR D 148 -23.27 -5.80 12.38
N ASP D 149 -23.05 -5.53 13.66
CA ASP D 149 -24.10 -5.67 14.66
C ASP D 149 -23.80 -4.73 15.81
N VAL D 150 -24.72 -4.66 16.78
CA VAL D 150 -24.54 -3.74 17.89
C VAL D 150 -23.41 -4.19 18.81
N ARG D 151 -23.17 -5.51 18.91
CA ARG D 151 -22.07 -5.99 19.71
C ARG D 151 -20.72 -5.69 19.08
N GLN D 152 -20.68 -5.47 17.76
CA GLN D 152 -19.45 -5.05 17.12
C GLN D 152 -19.10 -3.61 17.51
N VAL D 153 -20.11 -2.77 17.69
CA VAL D 153 -19.88 -1.40 18.15
C VAL D 153 -19.29 -1.40 19.54
N LEU D 154 -19.76 -2.32 20.40
CA LEU D 154 -19.28 -2.37 21.78
C LEU D 154 -17.80 -2.74 21.82
N SER D 155 -17.42 -3.81 21.11
CA SER D 155 -16.03 -4.26 21.11
C SER D 155 -15.08 -3.24 20.49
N TYR D 156 -15.59 -2.37 19.61
CA TYR D 156 -14.73 -1.33 19.05
C TYR D 156 -14.46 -0.22 20.07
N VAL D 157 -15.48 0.14 20.85
CA VAL D 157 -15.30 1.18 21.87
C VAL D 157 -14.47 0.64 23.05
N GLU D 158 -14.61 -0.65 23.36
CA GLU D 158 -13.85 -1.23 24.46
C GLU D 158 -12.35 -1.17 24.19
N ALA D 159 -11.93 -1.55 22.98
CA ALA D 159 -10.52 -1.58 22.63
C ALA D 159 -9.94 -0.20 22.38
N GLY D 160 -10.71 0.87 22.57
CA GLY D 160 -10.21 2.20 22.28
C GLY D 160 -10.06 2.52 20.81
N ASN D 161 -10.65 1.70 19.93
CA ASN D 161 -10.57 1.93 18.50
C ASN D 161 -11.63 2.88 17.99
N ALA D 162 -12.69 3.11 18.77
CA ALA D 162 -13.70 4.10 18.45
C ALA D 162 -13.89 5.02 19.65
N ASP D 163 -13.78 6.33 19.41
CA ASP D 163 -13.86 7.29 20.51
C ASP D 163 -15.26 7.34 21.11
N ALA D 164 -16.28 7.03 20.32
CA ALA D 164 -17.65 7.03 20.81
C ALA D 164 -18.44 5.98 20.03
N GLY D 165 -19.55 5.55 20.63
CA GLY D 165 -20.38 4.54 20.00
C GLY D 165 -21.79 4.57 20.55
N PHE D 166 -22.74 4.15 19.72
CA PHE D 166 -24.15 4.06 20.10
C PHE D 166 -24.51 2.59 20.24
N VAL D 167 -24.82 2.17 21.47
CA VAL D 167 -25.25 0.81 21.74
C VAL D 167 -26.56 0.86 22.51
N TYR D 168 -27.04 -0.30 22.95
CA TYR D 168 -28.24 -0.35 23.76
C TYR D 168 -27.88 -0.22 25.24
N GLN D 169 -28.90 0.05 26.06
CA GLN D 169 -28.69 0.12 27.50
C GLN D 169 -28.21 -1.22 28.05
N THR D 170 -28.71 -2.32 27.48
CA THR D 170 -28.30 -3.64 27.95
C THR D 170 -26.86 -3.96 27.57
N ASP D 171 -26.38 -3.43 26.44
CA ASP D 171 -25.00 -3.68 26.03
C ASP D 171 -24.02 -2.93 26.93
N ALA D 172 -24.39 -1.74 27.40
CA ALA D 172 -23.52 -0.98 28.29
C ALA D 172 -23.56 -1.52 29.72
N LEU D 173 -24.69 -2.11 30.12
CA LEU D 173 -24.78 -2.68 31.47
C LEU D 173 -23.83 -3.86 31.64
N LEU D 174 -23.51 -4.56 30.55
CA LEU D 174 -22.65 -5.75 30.65
C LEU D 174 -21.18 -5.37 30.70
N SER D 175 -20.74 -4.51 29.79
CA SER D 175 -19.31 -4.22 29.66
C SER D 175 -18.82 -3.40 30.85
N LYS D 176 -17.71 -3.85 31.45
CA LYS D 176 -17.02 -3.10 32.50
C LYS D 176 -15.90 -2.22 31.95
N LYS D 177 -15.80 -2.09 30.63
CA LYS D 177 -14.73 -1.32 30.01
C LYS D 177 -15.19 0.00 29.41
N VAL D 178 -16.50 0.21 29.26
CA VAL D 178 -17.02 1.46 28.71
C VAL D 178 -17.92 2.11 29.74
N GLN D 179 -18.16 3.40 29.56
CA GLN D 179 -19.01 4.18 30.44
C GLN D 179 -19.98 5.01 29.61
N VAL D 180 -21.24 5.04 30.04
CA VAL D 180 -22.25 5.82 29.35
C VAL D 180 -22.05 7.30 29.67
N LYS D 181 -22.08 8.13 28.64
CA LYS D 181 -21.94 9.57 28.80
C LYS D 181 -23.20 10.34 28.42
N ALA D 182 -24.22 9.67 27.89
CA ALA D 182 -25.47 10.31 27.51
C ALA D 182 -26.53 9.24 27.28
N LYS D 183 -27.73 9.48 27.80
CA LYS D 183 -28.86 8.61 27.56
C LYS D 183 -29.75 9.23 26.48
N ILE D 184 -30.11 8.43 25.49
CA ILE D 184 -30.85 8.90 24.33
C ILE D 184 -32.34 8.88 24.66
N ASP D 185 -32.97 10.05 24.58
CA ASP D 185 -34.40 10.16 24.79
C ASP D 185 -35.15 9.39 23.71
N GLU D 186 -36.06 8.51 24.14
CA GLU D 186 -36.78 7.64 23.20
C GLU D 186 -37.65 8.43 22.23
N LYS D 187 -37.88 9.71 22.49
CA LYS D 187 -38.69 10.55 21.61
C LYS D 187 -37.91 11.05 20.39
N LEU D 188 -36.63 10.69 20.27
CA LEU D 188 -35.81 11.07 19.14
C LEU D 188 -35.63 9.93 18.14
N HIS D 189 -36.28 8.79 18.36
CA HIS D 189 -36.15 7.65 17.46
C HIS D 189 -37.40 6.78 17.61
N ASP D 190 -37.51 5.80 16.72
CA ASP D 190 -38.61 4.85 16.79
C ASP D 190 -38.48 4.00 18.05
N PRO D 191 -39.60 3.52 18.60
CA PRO D 191 -39.53 2.72 19.82
C PRO D 191 -38.78 1.41 19.60
N ILE D 192 -37.77 1.18 20.44
CA ILE D 192 -36.98 -0.04 20.36
C ILE D 192 -37.80 -1.18 20.94
N ALA D 193 -38.09 -2.18 20.10
CA ALA D 193 -38.88 -3.32 20.54
C ALA D 193 -38.39 -4.58 19.84
N TYR D 194 -38.33 -5.67 20.60
CA TYR D 194 -37.89 -6.96 20.08
C TYR D 194 -39.11 -7.80 19.73
N TYR D 195 -39.13 -8.33 18.51
CA TYR D 195 -40.26 -9.09 18.00
C TYR D 195 -39.80 -10.49 17.63
N SER D 196 -40.55 -11.50 18.06
CA SER D 196 -40.34 -12.87 17.63
C SER D 196 -41.18 -13.13 16.38
N ALA D 197 -40.80 -14.15 15.63
CA ALA D 197 -41.51 -14.46 14.40
C ALA D 197 -41.17 -15.87 13.97
N GLN D 198 -42.14 -16.52 13.32
CA GLN D 198 -42.00 -17.87 12.80
C GLN D 198 -41.67 -17.80 11.31
N VAL D 199 -40.59 -18.47 10.91
CA VAL D 199 -40.24 -18.55 9.50
C VAL D 199 -41.25 -19.44 8.79
N SER D 200 -41.80 -18.93 7.69
CA SER D 200 -42.90 -19.63 7.02
C SER D 200 -42.42 -20.92 6.36
N ASP D 201 -41.21 -20.94 5.81
CA ASP D 201 -40.72 -22.12 5.12
C ASP D 201 -40.36 -23.25 6.08
N SER D 202 -40.26 -22.97 7.38
CA SER D 202 -39.84 -23.98 8.34
C SER D 202 -40.83 -25.14 8.38
N ASP D 203 -40.30 -26.34 8.56
CA ASP D 203 -41.11 -27.53 8.73
C ASP D 203 -41.46 -27.81 10.18
N LYS D 204 -40.82 -27.09 11.13
CA LYS D 204 -41.05 -27.31 12.55
C LYS D 204 -41.76 -26.11 13.16
N LYS D 205 -42.87 -25.68 12.57
CA LYS D 205 -43.63 -24.57 13.12
C LYS D 205 -44.20 -24.91 14.49
N GLU D 206 -44.60 -26.16 14.69
CA GLU D 206 -45.20 -26.56 15.96
C GLU D 206 -44.21 -26.45 17.11
N GLU D 207 -42.97 -26.91 16.89
CA GLU D 207 -41.96 -26.85 17.95
C GLU D 207 -41.44 -25.44 18.15
N THR D 208 -41.27 -24.69 17.05
CA THR D 208 -40.78 -23.33 17.15
C THR D 208 -41.76 -22.43 17.89
N ALA D 209 -43.07 -22.72 17.79
CA ALA D 209 -44.05 -21.91 18.50
C ALA D 209 -43.88 -22.00 20.00
N THR D 210 -43.49 -23.18 20.49
CA THR D 210 -43.31 -23.36 21.93
C THR D 210 -42.21 -22.46 22.47
N PHE D 211 -41.13 -22.30 21.71
CA PHE D 211 -40.05 -21.42 22.14
C PHE D 211 -40.40 -19.96 21.96
N LEU D 212 -41.04 -19.61 20.84
CA LEU D 212 -41.40 -18.21 20.62
C LEU D 212 -42.40 -17.73 21.66
N ASP D 213 -43.32 -18.59 22.07
CA ASP D 213 -44.25 -18.22 23.13
C ASP D 213 -43.57 -18.23 24.50
N PHE D 214 -42.49 -19.02 24.64
CA PHE D 214 -41.76 -19.05 25.90
C PHE D 214 -41.10 -17.70 26.19
N MET D 215 -40.76 -16.94 25.15
CA MET D 215 -40.11 -15.65 25.34
C MET D 215 -41.02 -14.67 26.06
N ASN D 216 -42.34 -14.78 25.86
CA ASN D 216 -43.30 -13.93 26.55
C ASN D 216 -43.73 -14.48 27.89
N LYS D 217 -43.34 -15.71 28.24
CA LYS D 217 -43.70 -16.29 29.51
C LYS D 217 -42.95 -15.61 30.66
N SER D 218 -43.45 -15.83 31.88
CA SER D 218 -42.87 -15.17 33.05
C SER D 218 -41.42 -15.58 33.27
N GLU D 219 -41.04 -16.79 32.84
CA GLU D 219 -39.67 -17.24 33.03
C GLU D 219 -38.69 -16.40 32.21
N ALA D 220 -38.91 -16.32 30.89
CA ALA D 220 -37.99 -15.57 30.03
C ALA D 220 -38.05 -14.08 30.31
N GLN D 221 -39.25 -13.55 30.60
CA GLN D 221 -39.39 -12.14 30.91
C GLN D 221 -38.64 -11.76 32.19
N LYS D 222 -38.40 -12.72 33.08
CA LYS D 222 -37.66 -12.45 34.31
C LYS D 222 -36.17 -12.29 34.06
N ILE D 223 -35.62 -13.09 33.14
CA ILE D 223 -34.21 -12.97 32.80
C ILE D 223 -33.95 -11.69 32.01
N LEU D 224 -34.89 -11.32 31.14
CA LEU D 224 -34.76 -10.07 30.39
C LEU D 224 -34.74 -8.86 31.32
N GLU D 225 -35.47 -8.94 32.44
CA GLU D 225 -35.42 -7.85 33.42
C GLU D 225 -34.07 -7.82 34.13
N LYS D 226 -33.48 -8.99 34.38
CA LYS D 226 -32.19 -9.04 35.05
C LYS D 226 -31.10 -8.38 34.21
N TYR D 227 -31.19 -8.51 32.89
CA TYR D 227 -30.19 -7.94 32.00
C TYR D 227 -30.50 -6.50 31.58
N GLY D 228 -31.65 -5.97 31.99
CA GLY D 228 -31.96 -4.56 31.79
C GLY D 228 -32.89 -4.23 30.65
N PHE D 229 -33.62 -5.20 30.10
CA PHE D 229 -34.54 -4.93 29.01
C PHE D 229 -35.84 -4.36 29.53
N LYS D 230 -36.53 -3.61 28.67
CA LYS D 230 -37.87 -3.15 28.96
C LYS D 230 -38.86 -4.32 28.87
N ALA D 231 -39.97 -4.17 29.58
CA ALA D 231 -41.02 -5.17 29.51
C ALA D 231 -41.76 -5.07 28.17
N ALA D 232 -42.52 -6.12 27.86
CA ALA D 232 -43.30 -6.13 26.63
C ALA D 232 -44.48 -5.18 26.75
N ASN D 233 -44.57 -4.22 25.84
CA ASN D 233 -45.66 -3.25 25.86
C ASN D 233 -46.99 -3.91 25.51
N GLN E 4 25.57 -42.32 10.61
CA GLN E 4 25.63 -42.12 9.16
C GLN E 4 25.17 -40.72 8.79
N THR E 5 25.82 -40.13 7.78
CA THR E 5 25.55 -38.76 7.37
C THR E 5 25.14 -38.71 5.91
N THR E 6 24.28 -37.76 5.58
CA THR E 6 23.76 -37.58 4.23
C THR E 6 24.10 -36.19 3.74
N THR E 7 24.73 -36.11 2.57
CA THR E 7 25.15 -34.84 2.00
C THR E 7 24.13 -34.38 0.96
N ILE E 8 23.59 -33.18 1.16
CA ILE E 8 22.66 -32.57 0.21
C ILE E 8 23.39 -31.44 -0.50
N HIS E 9 22.99 -31.19 -1.75
CA HIS E 9 23.58 -30.15 -2.57
C HIS E 9 22.52 -29.06 -2.80
N ILE E 10 22.86 -27.83 -2.45
CA ILE E 10 21.96 -26.69 -2.59
C ILE E 10 22.57 -25.71 -3.58
N SER E 11 21.78 -25.30 -4.57
CA SER E 11 22.20 -24.30 -5.56
C SER E 11 21.57 -22.97 -5.17
N ALA E 12 22.40 -22.03 -4.74
CA ALA E 12 21.94 -20.74 -4.26
C ALA E 12 22.39 -19.61 -5.19
N ALA E 13 21.67 -18.50 -5.12
CA ALA E 13 22.02 -17.33 -5.91
C ALA E 13 23.37 -16.79 -5.49
N ALA E 14 24.04 -16.12 -6.43
CA ALA E 14 25.38 -15.60 -6.18
C ALA E 14 25.40 -14.52 -5.10
N SER E 15 24.27 -13.83 -4.88
CA SER E 15 24.19 -12.79 -3.87
C SER E 15 24.07 -13.33 -2.46
N LEU E 16 24.00 -14.65 -2.28
CA LEU E 16 23.87 -15.26 -0.96
C LEU E 16 25.14 -15.96 -0.51
N LYS E 17 26.27 -15.71 -1.19
CA LYS E 17 27.49 -16.48 -0.93
C LYS E 17 27.99 -16.27 0.50
N ASP E 18 28.16 -15.02 0.90
CA ASP E 18 28.75 -14.73 2.21
C ASP E 18 27.83 -15.16 3.34
N SER E 19 26.52 -14.95 3.20
CA SER E 19 25.59 -15.34 4.25
C SER E 19 25.51 -16.85 4.39
N ILE E 20 25.58 -17.57 3.27
CA ILE E 20 25.56 -19.04 3.32
C ILE E 20 26.82 -19.57 3.97
N ASP E 21 27.97 -18.91 3.75
CA ASP E 21 29.23 -19.34 4.35
C ASP E 21 29.18 -19.32 5.88
N ASP E 22 28.32 -18.50 6.47
CA ASP E 22 28.15 -18.46 7.91
C ASP E 22 26.99 -19.32 8.40
N VAL E 23 25.99 -19.56 7.55
CA VAL E 23 24.88 -20.42 7.93
C VAL E 23 25.32 -21.88 7.93
N LYS E 24 26.21 -22.25 7.01
CA LYS E 24 26.64 -23.63 6.88
C LYS E 24 27.22 -24.21 8.16
N PRO E 25 28.20 -23.57 8.83
CA PRO E 25 28.74 -24.18 10.06
C PRO E 25 27.74 -24.23 11.19
N LEU E 26 26.75 -23.34 11.21
CA LEU E 26 25.74 -23.37 12.27
C LEU E 26 24.71 -24.45 12.02
N PHE E 27 24.28 -24.62 10.77
CA PHE E 27 23.34 -25.69 10.45
C PHE E 27 23.96 -27.06 10.63
N GLU E 28 25.23 -27.22 10.24
CA GLU E 28 25.91 -28.49 10.43
C GLU E 28 26.15 -28.80 11.91
N LYS E 29 26.12 -27.79 12.77
CA LYS E 29 26.22 -28.04 14.22
C LYS E 29 24.90 -28.51 14.80
N ALA E 30 23.78 -27.98 14.30
CA ALA E 30 22.46 -28.37 14.79
C ALA E 30 21.92 -29.63 14.12
N ASN E 31 22.43 -29.96 12.93
CA ASN E 31 21.98 -31.15 12.18
C ASN E 31 23.21 -31.90 11.72
N PRO E 32 23.82 -32.70 12.61
CA PRO E 32 25.07 -33.38 12.25
C PRO E 32 24.91 -34.49 11.25
N THR E 33 23.71 -35.03 11.08
CA THR E 33 23.45 -36.09 10.11
C THR E 33 23.26 -35.57 8.70
N ILE E 34 23.53 -34.29 8.45
CA ILE E 34 23.33 -33.67 7.15
C ILE E 34 24.57 -32.85 6.82
N LYS E 35 25.32 -33.27 5.80
CA LYS E 35 26.40 -32.46 5.24
C LYS E 35 25.84 -31.53 4.17
N LEU E 36 26.44 -30.35 4.07
CA LEU E 36 25.99 -29.33 3.13
C LEU E 36 27.00 -29.17 1.99
N SER E 37 26.48 -29.09 0.78
CA SER E 37 27.28 -28.81 -0.41
C SER E 37 26.60 -27.70 -1.18
N PHE E 38 27.36 -26.67 -1.55
CA PHE E 38 26.79 -25.48 -2.17
C PHE E 38 27.48 -25.15 -3.49
N ASP E 39 26.69 -24.66 -4.44
CA ASP E 39 27.19 -24.04 -5.64
C ASP E 39 26.43 -22.74 -5.85
N PHE E 40 27.12 -21.74 -6.40
CA PHE E 40 26.56 -20.41 -6.52
C PHE E 40 26.58 -19.94 -7.96
N GLY E 41 25.63 -19.07 -8.30
CA GLY E 41 25.52 -18.56 -9.64
C GLY E 41 24.20 -17.83 -9.81
N GLY E 42 23.94 -17.41 -11.05
CA GLY E 42 22.69 -16.73 -11.35
C GLY E 42 21.50 -17.66 -11.16
N SER E 43 20.41 -17.10 -10.61
CA SER E 43 19.23 -17.90 -10.34
C SER E 43 18.61 -18.44 -11.62
N GLY E 44 18.71 -17.70 -12.72
CA GLY E 44 18.19 -18.20 -13.98
C GLY E 44 18.96 -19.41 -14.48
N GLN E 45 20.29 -19.40 -14.34
CA GLN E 45 21.09 -20.55 -14.73
C GLN E 45 20.83 -21.74 -13.81
N ILE E 46 20.56 -21.48 -12.52
CA ILE E 46 20.21 -22.55 -11.60
C ILE E 46 18.87 -23.17 -12.01
N ARG E 47 17.89 -22.32 -12.30
CA ARG E 47 16.58 -22.81 -12.70
C ARG E 47 16.65 -23.62 -13.99
N GLU E 48 17.55 -23.25 -14.90
CA GLU E 48 17.72 -24.01 -16.13
C GLU E 48 18.43 -25.34 -15.88
N ARG E 49 19.34 -25.38 -14.91
CA ARG E 49 19.97 -26.64 -14.54
C ARG E 49 18.96 -27.61 -13.96
N VAL E 50 18.02 -27.11 -13.16
CA VAL E 50 16.97 -27.97 -12.62
C VAL E 50 16.08 -28.49 -13.74
N GLU E 51 15.73 -27.62 -14.70
CA GLU E 51 14.96 -28.06 -15.85
C GLU E 51 15.71 -29.09 -16.68
N SER E 52 17.05 -29.01 -16.69
CA SER E 52 17.87 -29.97 -17.41
C SER E 52 17.93 -31.33 -16.72
N GLY E 53 17.47 -31.42 -15.48
CA GLY E 53 17.58 -32.65 -14.72
C GLY E 53 18.85 -32.80 -13.91
N ALA E 54 19.54 -31.69 -13.62
CA ALA E 54 20.78 -31.77 -12.85
C ALA E 54 20.48 -32.31 -11.44
N PRO E 55 21.35 -33.16 -10.88
CA PRO E 55 21.02 -33.78 -9.59
C PRO E 55 21.18 -32.82 -8.41
N ILE E 56 20.32 -31.80 -8.38
CA ILE E 56 20.31 -30.82 -7.29
C ILE E 56 19.18 -31.20 -6.33
N ASP E 57 19.42 -30.98 -5.04
CA ASP E 57 18.47 -31.32 -3.98
C ASP E 57 17.57 -30.16 -3.61
N GLY E 58 18.17 -28.99 -3.35
CA GLY E 58 17.39 -27.79 -3.05
C GLY E 58 18.00 -26.59 -3.73
N VAL E 59 17.21 -25.53 -3.83
CA VAL E 59 17.62 -24.32 -4.53
C VAL E 59 17.20 -23.10 -3.72
N LEU E 60 18.07 -22.09 -3.72
CA LEU E 60 17.80 -20.78 -3.13
C LEU E 60 17.87 -19.76 -4.25
N LEU E 61 16.71 -19.37 -4.78
CA LEU E 61 16.64 -18.50 -5.94
C LEU E 61 16.29 -17.08 -5.54
N ALA E 62 16.82 -16.12 -6.30
CA ALA E 62 16.62 -14.70 -6.05
C ALA E 62 15.49 -14.10 -6.88
N SER E 63 14.50 -14.91 -7.25
CA SER E 63 13.41 -14.44 -8.09
C SER E 63 12.15 -15.25 -7.81
N LYS E 64 11.05 -14.54 -7.53
CA LYS E 64 9.76 -15.21 -7.39
C LYS E 64 9.32 -15.84 -8.70
N LYS E 65 9.70 -15.24 -9.84
CA LYS E 65 9.35 -15.81 -11.13
C LYS E 65 10.06 -17.14 -11.37
N ASP E 66 11.34 -17.21 -10.98
CA ASP E 66 12.09 -18.46 -11.16
C ASP E 66 11.53 -19.57 -10.27
N ALA E 67 11.14 -19.23 -9.04
CA ALA E 67 10.56 -20.23 -8.16
C ALA E 67 9.21 -20.72 -8.67
N ASP E 68 8.37 -19.80 -9.14
CA ASP E 68 7.06 -20.19 -9.66
C ASP E 68 7.19 -20.95 -10.97
N THR E 69 8.26 -20.74 -11.73
CA THR E 69 8.45 -21.48 -12.97
C THR E 69 8.69 -22.96 -12.70
N LEU E 70 9.54 -23.27 -11.71
CA LEU E 70 9.79 -24.65 -11.35
C LEU E 70 8.58 -25.31 -10.70
N ILE E 71 7.67 -24.51 -10.13
CA ILE E 71 6.48 -25.08 -9.49
C ILE E 71 5.51 -25.60 -10.54
N LYS E 72 5.16 -24.76 -11.52
CA LYS E 72 4.15 -25.14 -12.51
C LYS E 72 4.61 -26.32 -13.34
N GLN E 73 5.91 -26.48 -13.54
CA GLN E 73 6.45 -27.62 -14.28
C GLN E 73 6.58 -28.87 -13.41
N ASN E 74 6.13 -28.83 -12.16
CA ASN E 74 6.26 -29.94 -11.22
C ASN E 74 7.72 -30.35 -11.04
N LEU E 75 8.61 -29.36 -11.05
CA LEU E 75 10.03 -29.60 -10.84
C LEU E 75 10.49 -29.25 -9.43
N ALA E 76 9.78 -28.37 -8.74
CA ALA E 76 10.12 -27.98 -7.39
C ALA E 76 8.86 -27.96 -6.53
N GLU E 77 9.06 -27.74 -5.24
CA GLU E 77 7.97 -27.68 -4.28
C GLU E 77 8.49 -26.99 -3.02
N LYS E 78 7.62 -26.85 -2.03
CA LYS E 78 7.99 -26.27 -0.73
C LYS E 78 8.55 -24.85 -0.90
N THR E 79 7.86 -24.04 -1.69
CA THR E 79 8.30 -22.68 -1.93
C THR E 79 8.14 -21.84 -0.67
N LYS E 80 9.19 -21.11 -0.30
CA LYS E 80 9.20 -20.36 0.95
C LYS E 80 10.12 -19.16 0.79
N GLU E 81 9.60 -17.96 1.04
CA GLU E 81 10.40 -16.75 1.01
C GLU E 81 11.03 -16.51 2.37
N PHE E 82 12.31 -16.12 2.37
CA PHE E 82 13.05 -15.93 3.61
C PHE E 82 13.82 -14.61 3.69
N ALA E 83 13.99 -13.89 2.58
CA ALA E 83 14.81 -12.68 2.61
C ALA E 83 14.42 -11.78 1.46
N GLY E 84 14.86 -10.51 1.55
CA GLY E 84 14.70 -9.55 0.48
C GLY E 84 15.94 -8.70 0.35
N ASN E 85 16.03 -7.98 -0.76
CA ASN E 85 17.22 -7.20 -1.06
C ASN E 85 16.81 -5.89 -1.74
N GLU E 86 17.80 -5.06 -2.03
CA GLU E 86 17.60 -3.75 -2.65
C GLU E 86 18.63 -3.54 -3.75
N LEU E 87 18.20 -2.96 -4.87
CA LEU E 87 19.07 -2.70 -5.99
C LEU E 87 19.67 -1.31 -5.89
N VAL E 88 20.97 -1.21 -6.20
CA VAL E 88 21.69 0.06 -6.17
C VAL E 88 22.55 0.16 -7.42
N LEU E 89 23.08 1.37 -7.65
CA LEU E 89 24.02 1.63 -8.74
C LEU E 89 25.40 1.91 -8.14
N ILE E 90 26.37 1.07 -8.46
CA ILE E 90 27.72 1.19 -7.94
C ILE E 90 28.65 1.67 -9.05
N GLU E 91 29.71 2.37 -8.65
CA GLU E 91 30.75 2.86 -9.52
C GLU E 91 32.11 2.56 -8.92
N PRO E 92 33.16 2.50 -9.73
CA PRO E 92 34.50 2.30 -9.19
C PRO E 92 34.88 3.45 -8.24
N LYS E 93 35.75 3.12 -7.30
CA LYS E 93 36.11 4.05 -6.23
C LYS E 93 37.19 5.00 -6.72
N ASN E 94 36.79 6.24 -7.01
CA ASN E 94 37.75 7.27 -7.38
C ASN E 94 37.57 8.51 -6.51
N ALA E 101 25.80 14.73 -9.68
CA ALA E 101 25.50 13.84 -10.80
C ALA E 101 24.34 12.92 -10.47
N ASN E 102 23.24 13.08 -11.19
CA ASN E 102 22.05 12.26 -10.97
C ASN E 102 22.23 10.89 -11.63
N LEU E 103 21.22 10.03 -11.44
CA LEU E 103 21.25 8.71 -12.06
C LEU E 103 21.29 8.81 -13.58
N GLU E 104 20.68 9.86 -14.15
CA GLU E 104 20.69 10.03 -15.59
C GLU E 104 22.07 10.45 -16.08
N GLN E 105 22.68 11.44 -15.42
CA GLN E 105 23.99 11.93 -15.83
C GLN E 105 25.08 10.90 -15.56
N LEU E 106 24.89 10.02 -14.57
CA LEU E 106 25.87 8.98 -14.30
C LEU E 106 25.95 7.98 -15.45
N LEU E 107 24.79 7.52 -15.93
CA LEU E 107 24.75 6.57 -17.04
C LEU E 107 25.05 7.24 -18.38
N ASN E 108 24.85 8.55 -18.49
CA ASN E 108 25.16 9.24 -19.75
C ASN E 108 26.66 9.33 -19.99
N ASP E 109 27.44 9.48 -18.92
CA ASP E 109 28.89 9.61 -19.02
C ASP E 109 29.62 8.30 -18.73
N ALA E 110 28.90 7.19 -18.66
CA ALA E 110 29.49 5.87 -18.47
C ALA E 110 29.63 5.18 -19.81
N SER E 111 30.82 4.64 -20.08
CA SER E 111 31.05 3.96 -21.35
C SER E 111 30.51 2.53 -21.31
N LYS E 112 30.86 1.78 -20.28
CA LYS E 112 30.35 0.42 -20.09
C LYS E 112 29.50 0.39 -18.82
N ILE E 113 28.31 -0.18 -18.95
CA ILE E 113 27.38 -0.35 -17.83
C ILE E 113 27.16 -1.84 -17.66
N ALA E 114 27.66 -2.38 -16.55
CA ALA E 114 27.56 -3.81 -16.28
C ALA E 114 26.26 -4.12 -15.56
N ILE E 115 25.49 -5.06 -16.11
CA ILE E 115 24.30 -5.59 -15.46
C ILE E 115 24.30 -7.10 -15.65
N GLY E 116 23.53 -7.77 -14.80
CA GLY E 116 23.33 -9.19 -15.00
C GLY E 116 22.57 -9.48 -16.28
N ASP E 117 22.84 -10.65 -16.85
CA ASP E 117 22.13 -11.08 -18.05
C ASP E 117 20.66 -11.26 -17.73
N PRO E 118 19.77 -10.42 -18.29
CA PRO E 118 18.35 -10.54 -17.96
C PRO E 118 17.74 -11.88 -18.33
N GLU E 119 18.43 -12.68 -19.16
CA GLU E 119 17.91 -13.99 -19.51
C GLU E 119 18.06 -14.98 -18.36
N SER E 120 19.05 -14.78 -17.48
CA SER E 120 19.26 -15.74 -16.41
C SER E 120 19.82 -15.12 -15.12
N VAL E 121 19.72 -13.80 -14.93
CA VAL E 121 20.17 -13.14 -13.72
C VAL E 121 19.05 -12.25 -13.21
N PRO E 122 18.51 -12.50 -12.01
CA PRO E 122 17.45 -11.61 -11.51
C PRO E 122 17.89 -10.18 -11.31
N ALA E 123 19.12 -9.98 -10.82
CA ALA E 123 19.63 -8.61 -10.65
C ALA E 123 19.68 -7.87 -11.97
N GLY E 124 19.93 -8.58 -13.08
CA GLY E 124 19.86 -7.94 -14.38
C GLY E 124 18.44 -7.66 -14.81
N ALA E 125 17.52 -8.57 -14.50
CA ALA E 125 16.11 -8.35 -14.81
C ALA E 125 15.56 -7.19 -13.97
N TYR E 126 15.99 -7.08 -12.72
CA TYR E 126 15.59 -5.94 -11.90
C TYR E 126 16.16 -4.63 -12.45
N ALA E 127 17.40 -4.66 -12.94
CA ALA E 127 17.98 -3.46 -13.54
C ALA E 127 17.26 -3.08 -14.82
N LYS E 128 16.84 -4.07 -15.61
CA LYS E 128 16.12 -3.78 -16.85
C LYS E 128 14.75 -3.20 -16.55
N GLN E 129 14.07 -3.73 -15.52
CA GLN E 129 12.79 -3.15 -15.11
C GLN E 129 12.97 -1.70 -14.67
N THR E 130 14.07 -1.41 -13.99
CA THR E 130 14.31 -0.04 -13.50
C THR E 130 14.56 0.92 -14.65
N LEU E 131 15.46 0.57 -15.57
CA LEU E 131 15.78 1.45 -16.67
C LEU E 131 14.58 1.70 -17.58
N GLU E 132 13.69 0.73 -17.69
CA GLU E 132 12.50 0.91 -18.51
C GLU E 132 11.48 1.80 -17.81
N ASN E 133 11.30 1.61 -16.50
CA ASN E 133 10.35 2.42 -15.74
C ASN E 133 10.81 3.87 -15.60
N LEU E 134 12.10 4.15 -15.80
CA LEU E 134 12.62 5.51 -15.82
C LEU E 134 12.77 6.07 -17.22
N ASN E 135 12.31 5.33 -18.24
CA ASN E 135 12.48 5.71 -19.64
C ASN E 135 13.96 5.97 -19.95
N LEU E 136 14.81 5.01 -19.56
CA LEU E 136 16.24 5.11 -19.76
C LEU E 136 16.84 3.89 -20.44
N TYR E 137 16.06 2.85 -20.72
CA TYR E 137 16.64 1.62 -21.26
C TYR E 137 17.16 1.84 -22.68
N ASN E 138 16.33 2.43 -23.56
CA ASN E 138 16.77 2.68 -24.92
C ASN E 138 17.96 3.64 -24.98
N ALA E 139 18.09 4.51 -23.97
CA ALA E 139 19.19 5.46 -23.95
C ALA E 139 20.52 4.75 -23.67
N GLU E 140 20.56 3.93 -22.62
CA GLU E 140 21.79 3.26 -22.20
C GLU E 140 21.83 1.80 -22.65
N LYS E 141 21.12 1.46 -23.72
CA LYS E 141 21.08 0.07 -24.16
C LYS E 141 22.39 -0.35 -24.83
N ALA E 142 22.99 0.55 -25.60
CA ALA E 142 24.23 0.23 -26.30
C ALA E 142 25.43 0.13 -25.37
N LYS E 143 25.32 0.58 -24.12
CA LYS E 143 26.41 0.54 -23.17
C LYS E 143 26.34 -0.66 -22.23
N LEU E 144 25.30 -1.48 -22.33
CA LEU E 144 25.09 -2.59 -21.42
C LEU E 144 26.07 -3.72 -21.73
N VAL E 145 26.75 -4.21 -20.69
CA VAL E 145 27.63 -5.36 -20.79
C VAL E 145 27.09 -6.41 -19.84
N LEU E 146 26.57 -7.51 -20.39
CA LEU E 146 25.92 -8.53 -19.59
C LEU E 146 26.93 -9.41 -18.88
N ALA E 147 26.58 -9.84 -17.66
CA ALA E 147 27.40 -10.73 -16.87
C ALA E 147 26.59 -11.98 -16.50
N THR E 148 27.29 -12.99 -15.97
CA THR E 148 26.66 -14.26 -15.68
C THR E 148 25.90 -14.29 -14.35
N ASP E 149 26.25 -13.40 -13.42
CA ASP E 149 25.51 -13.25 -12.18
C ASP E 149 25.84 -11.89 -11.59
N VAL E 150 25.24 -11.60 -10.42
CA VAL E 150 25.40 -10.29 -9.81
C VAL E 150 26.81 -10.09 -9.26
N ARG E 151 27.47 -11.18 -8.85
CA ARG E 151 28.84 -11.05 -8.35
C ARG E 151 29.82 -10.73 -9.47
N GLN E 152 29.51 -11.17 -10.69
CA GLN E 152 30.36 -10.80 -11.82
C GLN E 152 30.22 -9.32 -12.15
N VAL E 153 29.00 -8.78 -12.01
CA VAL E 153 28.79 -7.34 -12.17
C VAL E 153 29.60 -6.58 -11.12
N LEU E 154 29.72 -7.14 -9.92
CA LEU E 154 30.50 -6.50 -8.86
C LEU E 154 31.99 -6.52 -9.21
N SER E 155 32.49 -7.66 -9.67
CA SER E 155 33.92 -7.79 -9.95
C SER E 155 34.34 -6.92 -11.14
N TYR E 156 33.45 -6.69 -12.09
CA TYR E 156 33.77 -5.82 -13.22
C TYR E 156 33.89 -4.37 -12.79
N VAL E 157 33.03 -3.93 -11.87
CA VAL E 157 33.09 -2.56 -11.38
C VAL E 157 34.26 -2.37 -10.41
N GLU E 158 34.60 -3.39 -9.63
CA GLU E 158 35.71 -3.26 -8.69
C GLU E 158 37.04 -3.04 -9.43
N ALA E 159 37.25 -3.78 -10.53
CA ALA E 159 38.50 -3.67 -11.28
C ALA E 159 38.55 -2.44 -12.17
N GLY E 160 37.49 -1.63 -12.21
CA GLY E 160 37.45 -0.49 -13.09
C GLY E 160 37.15 -0.80 -14.54
N ASN E 161 36.98 -2.08 -14.89
CA ASN E 161 36.69 -2.47 -16.27
C ASN E 161 35.30 -2.05 -16.71
N ALA E 162 34.43 -1.65 -15.78
CA ALA E 162 33.10 -1.15 -16.11
C ALA E 162 32.85 0.13 -15.32
N ASP E 163 32.32 1.15 -16.00
CA ASP E 163 32.14 2.44 -15.36
C ASP E 163 30.95 2.47 -14.41
N ALA E 164 29.94 1.63 -14.64
CA ALA E 164 28.76 1.58 -13.80
C ALA E 164 28.27 0.15 -13.68
N GLY E 165 27.58 -0.14 -12.58
CA GLY E 165 27.05 -1.47 -12.36
C GLY E 165 25.79 -1.49 -11.51
N PHE E 166 24.87 -2.37 -11.84
CA PHE E 166 23.63 -2.56 -11.08
C PHE E 166 23.76 -3.86 -10.29
N VAL E 167 24.01 -3.73 -8.99
CA VAL E 167 24.10 -4.86 -8.09
C VAL E 167 23.13 -4.63 -6.92
N TYR E 168 23.08 -5.62 -6.03
CA TYR E 168 22.26 -5.47 -4.83
C TYR E 168 23.00 -4.61 -3.80
N GLN E 169 22.22 -3.99 -2.91
CA GLN E 169 22.81 -3.23 -1.81
C GLN E 169 23.65 -4.13 -0.91
N THR E 170 23.23 -5.38 -0.72
CA THR E 170 24.02 -6.30 0.07
C THR E 170 25.39 -6.56 -0.55
N ASP E 171 25.49 -6.51 -1.88
CA ASP E 171 26.78 -6.74 -2.53
C ASP E 171 27.69 -5.52 -2.38
N ALA E 172 27.13 -4.32 -2.37
CA ALA E 172 27.93 -3.11 -2.21
C ALA E 172 28.46 -2.96 -0.79
N LEU E 173 27.80 -3.59 0.19
CA LEU E 173 28.25 -3.49 1.58
C LEU E 173 29.52 -4.29 1.84
N LEU E 174 29.82 -5.29 1.00
CA LEU E 174 31.01 -6.11 1.18
C LEU E 174 32.23 -5.58 0.42
N SER E 175 32.07 -4.53 -0.37
CA SER E 175 33.13 -4.04 -1.24
C SER E 175 33.60 -2.66 -0.78
N LYS E 176 34.91 -2.51 -0.64
CA LYS E 176 35.55 -1.23 -0.39
C LYS E 176 36.13 -0.62 -1.65
N LYS E 177 36.03 -1.31 -2.79
CA LYS E 177 36.54 -0.82 -4.06
C LYS E 177 35.46 -0.24 -4.96
N VAL E 178 34.20 -0.24 -4.50
CA VAL E 178 33.11 0.42 -5.20
C VAL E 178 32.36 1.30 -4.21
N GLN E 179 31.44 2.10 -4.74
CA GLN E 179 30.67 3.02 -3.92
C GLN E 179 29.29 3.20 -4.53
N VAL E 180 28.27 3.25 -3.67
CA VAL E 180 26.90 3.43 -4.14
C VAL E 180 26.71 4.88 -4.60
N LYS E 181 26.25 5.04 -5.84
CA LYS E 181 25.99 6.36 -6.40
C LYS E 181 24.50 6.69 -6.46
N ALA E 182 23.63 5.69 -6.38
CA ALA E 182 22.19 5.91 -6.44
C ALA E 182 21.47 4.68 -5.91
N LYS E 183 20.51 4.89 -5.02
CA LYS E 183 19.65 3.82 -4.52
C LYS E 183 18.36 3.81 -5.33
N ILE E 184 17.98 2.63 -5.79
CA ILE E 184 16.82 2.48 -6.67
C ILE E 184 15.55 2.36 -5.84
N ASP E 185 14.51 3.07 -6.26
CA ASP E 185 13.21 2.93 -5.63
C ASP E 185 12.68 1.52 -5.81
N GLU E 186 12.08 0.97 -4.75
CA GLU E 186 11.56 -0.39 -4.81
C GLU E 186 10.37 -0.50 -5.76
N LYS E 187 9.67 0.60 -6.02
CA LYS E 187 8.52 0.59 -6.91
C LYS E 187 8.91 0.57 -8.38
N LEU E 188 10.17 0.77 -8.70
CA LEU E 188 10.65 0.80 -10.09
C LEU E 188 10.97 -0.58 -10.63
N HIS E 189 10.67 -1.64 -9.90
CA HIS E 189 10.94 -3.00 -10.33
C HIS E 189 10.15 -3.96 -9.44
N ASP E 190 10.11 -5.22 -9.86
CA ASP E 190 9.45 -6.24 -9.06
C ASP E 190 10.16 -6.39 -7.72
N PRO E 191 9.44 -6.76 -6.67
CA PRO E 191 10.07 -6.87 -5.34
C PRO E 191 11.16 -7.93 -5.33
N ILE E 192 12.33 -7.53 -4.84
CA ILE E 192 13.47 -8.45 -4.73
C ILE E 192 13.27 -9.30 -3.49
N ALA E 193 12.96 -10.58 -3.68
CA ALA E 193 12.72 -11.50 -2.58
C ALA E 193 13.36 -12.84 -2.89
N TYR E 194 14.09 -13.39 -1.92
CA TYR E 194 14.74 -14.68 -2.07
C TYR E 194 13.80 -15.78 -1.62
N TYR E 195 13.70 -16.83 -2.44
CA TYR E 195 12.81 -17.95 -2.17
C TYR E 195 13.59 -19.25 -2.07
N SER E 196 13.09 -20.16 -1.25
CA SER E 196 13.68 -21.49 -1.08
C SER E 196 12.68 -22.53 -1.56
N ALA E 197 13.15 -23.44 -2.42
CA ALA E 197 12.31 -24.49 -2.98
C ALA E 197 13.06 -25.80 -2.96
N GLN E 198 12.30 -26.89 -2.93
CA GLN E 198 12.86 -28.24 -2.88
C GLN E 198 12.62 -28.94 -4.21
N VAL E 199 13.71 -29.48 -4.79
CA VAL E 199 13.60 -30.17 -6.07
C VAL E 199 12.79 -31.44 -5.90
N SER E 200 11.87 -31.68 -6.84
CA SER E 200 10.96 -32.82 -6.72
C SER E 200 11.69 -34.14 -6.88
N ASP E 201 12.70 -34.19 -7.74
CA ASP E 201 13.42 -35.43 -7.99
C ASP E 201 14.43 -35.77 -6.89
N SER E 202 14.55 -34.93 -5.86
CA SER E 202 15.51 -35.17 -4.80
C SER E 202 15.15 -36.42 -4.00
N ASP E 203 16.12 -37.31 -3.82
CA ASP E 203 15.93 -38.51 -3.01
C ASP E 203 16.11 -38.24 -1.52
N LYS E 204 16.42 -37.00 -1.15
CA LYS E 204 16.63 -36.64 0.26
C LYS E 204 15.70 -35.50 0.64
N LYS E 205 14.39 -35.72 0.52
CA LYS E 205 13.42 -34.66 0.79
C LYS E 205 13.34 -34.32 2.27
N GLU E 206 13.58 -35.29 3.15
CA GLU E 206 13.52 -35.01 4.57
C GLU E 206 14.70 -34.17 5.04
N GLU E 207 15.89 -34.46 4.51
CA GLU E 207 17.10 -33.76 4.93
C GLU E 207 17.17 -32.36 4.31
N THR E 208 16.82 -32.24 3.04
CA THR E 208 16.87 -30.95 2.36
C THR E 208 15.83 -29.98 2.95
N ALA E 209 14.65 -30.50 3.30
CA ALA E 209 13.63 -29.65 3.91
C ALA E 209 14.09 -29.06 5.23
N THR E 210 14.95 -29.77 5.95
CA THR E 210 15.45 -29.26 7.22
C THR E 210 16.28 -28.00 7.03
N PHE E 211 17.10 -27.96 5.99
CA PHE E 211 17.89 -26.76 5.73
C PHE E 211 17.03 -25.63 5.18
N LEU E 212 16.11 -25.95 4.28
CA LEU E 212 15.23 -24.91 3.74
C LEU E 212 14.40 -24.25 4.83
N ASP E 213 14.04 -25.01 5.87
CA ASP E 213 13.37 -24.43 7.02
C ASP E 213 14.35 -23.66 7.91
N PHE E 214 15.62 -24.06 7.92
CA PHE E 214 16.61 -23.39 8.75
C PHE E 214 16.85 -21.95 8.29
N MET E 215 16.69 -21.68 6.99
CA MET E 215 16.87 -20.34 6.47
C MET E 215 15.81 -19.35 6.95
N ASN E 216 14.73 -19.84 7.57
CA ASN E 216 13.66 -18.98 8.06
C ASN E 216 13.66 -18.86 9.59
N LYS E 217 14.75 -19.21 10.24
CA LYS E 217 14.84 -19.20 11.69
C LYS E 217 15.88 -18.19 12.16
N SER E 218 15.90 -17.98 13.48
CA SER E 218 16.59 -16.82 14.03
C SER E 218 18.07 -16.78 13.65
N GLU E 219 18.75 -17.93 13.70
CA GLU E 219 20.19 -17.95 13.43
C GLU E 219 20.48 -17.53 12.00
N ALA E 220 19.73 -18.07 11.04
CA ALA E 220 19.93 -17.67 9.65
C ALA E 220 19.40 -16.26 9.40
N GLN E 221 18.27 -15.90 10.02
CA GLN E 221 17.74 -14.55 9.86
C GLN E 221 18.66 -13.50 10.48
N LYS E 222 19.47 -13.89 11.47
CA LYS E 222 20.44 -12.96 12.05
C LYS E 222 21.60 -12.72 11.09
N ILE E 223 22.16 -13.80 10.54
CA ILE E 223 23.28 -13.67 9.61
C ILE E 223 22.86 -12.90 8.37
N LEU E 224 21.63 -13.12 7.89
CA LEU E 224 21.14 -12.40 6.73
C LEU E 224 21.05 -10.91 7.01
N GLU E 225 20.48 -10.54 8.16
CA GLU E 225 20.41 -9.12 8.51
C GLU E 225 21.80 -8.54 8.77
N LYS E 226 22.75 -9.37 9.21
CA LYS E 226 24.11 -8.88 9.43
C LYS E 226 24.72 -8.37 8.14
N TYR E 227 24.43 -9.02 7.02
CA TYR E 227 24.97 -8.63 5.72
C TYR E 227 24.08 -7.65 4.97
N GLY E 228 23.04 -7.12 5.62
CA GLY E 228 22.21 -6.09 5.04
C GLY E 228 20.95 -6.57 4.33
N PHE E 229 20.61 -7.85 4.43
CA PHE E 229 19.41 -8.35 3.78
C PHE E 229 18.16 -7.90 4.53
N LYS E 230 17.02 -8.02 3.86
CA LYS E 230 15.73 -7.72 4.46
C LYS E 230 15.08 -9.00 4.95
N ALA E 231 14.23 -8.87 5.98
CA ALA E 231 13.57 -10.02 6.55
C ALA E 231 12.49 -10.55 5.59
N ALA E 232 11.98 -11.73 5.91
CA ALA E 232 10.97 -12.38 5.08
C ALA E 232 9.67 -11.56 5.06
N THR F 5 47.24 1.60 -7.54
CA THR F 5 47.11 0.16 -7.69
C THR F 5 46.14 -0.17 -8.83
N THR F 6 46.47 -1.19 -9.61
CA THR F 6 45.66 -1.63 -10.74
C THR F 6 45.14 -3.03 -10.50
N THR F 7 43.86 -3.25 -10.75
CA THR F 7 43.21 -4.54 -10.55
C THR F 7 42.89 -5.16 -11.89
N ILE F 8 43.44 -6.33 -12.16
CA ILE F 8 43.15 -7.09 -13.37
C ILE F 8 42.19 -8.22 -13.02
N HIS F 9 41.35 -8.58 -13.99
CA HIS F 9 40.38 -9.65 -13.83
C HIS F 9 40.82 -10.85 -14.65
N ILE F 10 41.04 -11.97 -13.99
CA ILE F 10 41.48 -13.21 -14.64
C ILE F 10 40.35 -14.24 -14.50
N SER F 11 39.89 -14.76 -15.63
CA SER F 11 38.85 -15.78 -15.65
C SER F 11 39.52 -17.13 -15.94
N ALA F 12 39.56 -17.99 -14.94
CA ALA F 12 40.30 -19.25 -15.01
C ALA F 12 39.34 -20.44 -15.01
N ALA F 13 39.84 -21.56 -15.53
CA ALA F 13 39.06 -22.80 -15.54
C ALA F 13 38.78 -23.25 -14.12
N ALA F 14 37.66 -23.94 -13.94
CA ALA F 14 37.23 -24.35 -12.60
C ALA F 14 38.21 -25.30 -11.95
N SER F 15 38.95 -26.08 -12.75
CA SER F 15 39.90 -27.03 -12.19
C SER F 15 41.13 -26.34 -11.61
N LEU F 16 41.38 -25.09 -11.95
CA LEU F 16 42.51 -24.33 -11.45
C LEU F 16 42.19 -23.58 -10.16
N LYS F 17 41.08 -23.89 -9.51
CA LYS F 17 40.60 -23.06 -8.41
C LYS F 17 41.54 -23.09 -7.22
N ASP F 18 41.87 -24.29 -6.72
CA ASP F 18 42.65 -24.39 -5.49
C ASP F 18 44.08 -23.92 -5.69
N SER F 19 44.66 -24.17 -6.87
CA SER F 19 46.03 -23.72 -7.12
C SER F 19 46.10 -22.21 -7.28
N ILE F 20 45.05 -21.59 -7.82
CA ILE F 20 45.03 -20.14 -7.95
C ILE F 20 44.97 -19.47 -6.58
N ASP F 21 44.25 -20.08 -5.64
CA ASP F 21 44.16 -19.52 -4.29
C ASP F 21 45.53 -19.41 -3.63
N ASP F 22 46.48 -20.26 -4.02
CA ASP F 22 47.84 -20.17 -3.48
C ASP F 22 48.74 -19.25 -4.29
N VAL F 23 48.48 -19.10 -5.59
CA VAL F 23 49.31 -18.23 -6.41
C VAL F 23 48.98 -16.75 -6.17
N LYS F 24 47.72 -16.45 -5.83
CA LYS F 24 47.32 -15.05 -5.66
C LYS F 24 48.11 -14.32 -4.57
N PRO F 25 48.29 -14.87 -3.36
CA PRO F 25 49.08 -14.12 -2.36
C PRO F 25 50.54 -14.00 -2.72
N LEU F 26 51.11 -15.00 -3.39
CA LEU F 26 52.53 -14.93 -3.77
C LEU F 26 52.76 -13.87 -4.83
N PHE F 27 51.85 -13.76 -5.79
CA PHE F 27 51.98 -12.74 -6.83
C PHE F 27 51.73 -11.35 -6.28
N GLU F 28 50.74 -11.21 -5.40
CA GLU F 28 50.41 -9.89 -4.87
C GLU F 28 51.49 -9.35 -3.95
N LYS F 29 52.20 -10.23 -3.23
CA LYS F 29 53.32 -9.76 -2.42
C LYS F 29 54.52 -9.41 -3.30
N ALA F 30 54.76 -10.19 -4.36
CA ALA F 30 55.82 -9.87 -5.30
C ALA F 30 55.48 -8.71 -6.20
N ASN F 31 54.22 -8.26 -6.21
CA ASN F 31 53.79 -7.12 -7.02
C ASN F 31 52.74 -6.36 -6.23
N PRO F 32 53.16 -5.37 -5.42
CA PRO F 32 52.20 -4.68 -4.54
C PRO F 32 51.23 -3.77 -5.28
N THR F 33 51.42 -3.53 -6.58
CA THR F 33 50.60 -2.59 -7.33
C THR F 33 49.64 -3.26 -8.30
N ILE F 34 49.61 -4.58 -8.36
CA ILE F 34 48.72 -5.33 -9.25
C ILE F 34 47.89 -6.26 -8.39
N LYS F 35 46.62 -5.93 -8.20
CA LYS F 35 45.70 -6.77 -7.43
C LYS F 35 44.95 -7.70 -8.36
N LEU F 36 44.82 -8.95 -7.96
CA LEU F 36 44.19 -9.98 -8.78
C LEU F 36 42.70 -10.07 -8.48
N SER F 37 41.92 -10.39 -9.52
CA SER F 37 40.49 -10.61 -9.41
C SER F 37 40.14 -11.83 -10.23
N PHE F 38 39.53 -12.84 -9.59
CA PHE F 38 39.33 -14.13 -10.21
C PHE F 38 37.85 -14.51 -10.24
N ASP F 39 37.48 -15.27 -11.27
CA ASP F 39 36.21 -15.97 -11.35
C ASP F 39 36.46 -17.28 -12.08
N PHE F 40 35.73 -18.32 -11.70
CA PHE F 40 35.98 -19.66 -12.18
C PHE F 40 34.77 -20.24 -12.89
N GLY F 41 35.01 -21.26 -13.69
CA GLY F 41 33.96 -21.91 -14.46
C GLY F 41 34.57 -22.70 -15.60
N GLY F 42 33.67 -23.24 -16.43
CA GLY F 42 34.11 -23.99 -17.59
C GLY F 42 34.80 -23.09 -18.60
N SER F 43 35.85 -23.62 -19.22
CA SER F 43 36.63 -22.83 -20.17
C SER F 43 35.80 -22.46 -21.39
N GLY F 44 34.81 -23.27 -21.76
CA GLY F 44 33.93 -22.91 -22.86
C GLY F 44 33.03 -21.74 -22.50
N GLN F 45 32.52 -21.72 -21.27
CA GLN F 45 31.75 -20.56 -20.81
C GLN F 45 32.63 -19.32 -20.73
N ILE F 46 33.90 -19.48 -20.36
CA ILE F 46 34.82 -18.36 -20.36
C ILE F 46 35.06 -17.87 -21.78
N ARG F 47 35.23 -18.80 -22.73
CA ARG F 47 35.43 -18.42 -24.12
C ARG F 47 34.21 -17.68 -24.68
N GLU F 48 33.00 -18.16 -24.36
CA GLU F 48 31.80 -17.51 -24.85
C GLU F 48 31.62 -16.12 -24.26
N ARG F 49 32.15 -15.88 -23.06
CA ARG F 49 32.03 -14.55 -22.46
C ARG F 49 33.03 -13.58 -23.07
N VAL F 50 34.25 -14.04 -23.37
CA VAL F 50 35.20 -13.19 -24.08
C VAL F 50 34.70 -12.90 -25.49
N GLU F 51 34.06 -13.88 -26.13
CA GLU F 51 33.46 -13.67 -27.43
C GLU F 51 32.25 -12.73 -27.36
N SER F 52 31.70 -12.51 -26.17
CA SER F 52 30.55 -11.64 -26.00
C SER F 52 30.94 -10.22 -25.59
N GLY F 53 32.23 -9.96 -25.38
CA GLY F 53 32.68 -8.65 -24.98
C GLY F 53 32.75 -8.40 -23.49
N ALA F 54 32.88 -9.46 -22.69
CA ALA F 54 32.97 -9.28 -21.25
C ALA F 54 34.29 -8.60 -20.88
N PRO F 55 34.27 -7.62 -19.99
CA PRO F 55 35.50 -6.89 -19.65
C PRO F 55 36.50 -7.73 -18.88
N ILE F 56 37.10 -8.70 -19.56
CA ILE F 56 38.10 -9.59 -18.95
C ILE F 56 39.47 -9.20 -19.47
N ASP F 57 40.48 -9.33 -18.60
CA ASP F 57 41.85 -9.01 -18.95
C ASP F 57 42.68 -10.22 -19.33
N GLY F 58 42.53 -11.33 -18.61
CA GLY F 58 43.26 -12.54 -18.92
C GLY F 58 42.40 -13.76 -18.70
N VAL F 59 42.75 -14.84 -19.39
CA VAL F 59 42.00 -16.09 -19.34
C VAL F 59 42.97 -17.24 -19.12
N LEU F 60 42.55 -18.21 -18.31
CA LEU F 60 43.30 -19.43 -18.05
C LEU F 60 42.40 -20.59 -18.47
N LEU F 61 42.52 -21.00 -19.72
CA LEU F 61 41.64 -22.02 -20.29
C LEU F 61 42.26 -23.41 -20.16
N ALA F 62 41.40 -24.39 -19.90
CA ALA F 62 41.81 -25.79 -19.80
C ALA F 62 41.70 -26.53 -21.12
N SER F 63 41.77 -25.82 -22.24
CA SER F 63 41.59 -26.43 -23.55
C SER F 63 42.41 -25.69 -24.59
N LYS F 64 43.01 -26.46 -25.50
CA LYS F 64 43.71 -25.86 -26.63
C LYS F 64 42.73 -25.38 -27.69
N LYS F 65 41.59 -26.07 -27.84
CA LYS F 65 40.59 -25.65 -28.82
C LYS F 65 39.97 -24.31 -28.45
N ASP F 66 39.64 -24.13 -27.16
CA ASP F 66 39.08 -22.84 -26.73
C ASP F 66 40.11 -21.73 -26.85
N ALA F 67 41.37 -22.02 -26.55
CA ALA F 67 42.42 -21.01 -26.65
C ALA F 67 42.70 -20.65 -28.11
N ASP F 68 42.83 -21.66 -28.97
CA ASP F 68 43.06 -21.41 -30.39
C ASP F 68 41.85 -20.78 -31.07
N THR F 69 40.65 -20.99 -30.53
CA THR F 69 39.46 -20.33 -31.07
C THR F 69 39.53 -18.83 -30.84
N LEU F 70 39.89 -18.41 -29.63
CA LEU F 70 40.05 -16.98 -29.35
C LEU F 70 41.20 -16.38 -30.15
N ILE F 71 42.23 -17.19 -30.44
CA ILE F 71 43.35 -16.70 -31.25
C ILE F 71 42.88 -16.47 -32.69
N LYS F 72 42.06 -17.38 -33.21
CA LYS F 72 41.61 -17.25 -34.59
C LYS F 72 40.75 -15.99 -34.79
N GLN F 73 40.00 -15.60 -33.76
CA GLN F 73 39.13 -14.43 -33.83
C GLN F 73 39.81 -13.16 -33.33
N ASN F 74 41.12 -13.19 -33.10
CA ASN F 74 41.88 -12.05 -32.62
C ASN F 74 41.32 -11.50 -31.30
N LEU F 75 40.67 -12.36 -30.52
CA LEU F 75 40.19 -11.97 -29.20
C LEU F 75 41.24 -12.19 -28.12
N ALA F 76 42.11 -13.17 -28.29
CA ALA F 76 43.20 -13.44 -27.36
C ALA F 76 44.53 -13.33 -28.08
N GLU F 77 45.59 -13.17 -27.29
CA GLU F 77 46.94 -13.05 -27.83
C GLU F 77 47.92 -13.53 -26.79
N LYS F 78 49.12 -13.91 -27.25
CA LYS F 78 50.20 -14.40 -26.39
C LYS F 78 49.74 -15.60 -25.57
N THR F 79 49.39 -16.67 -26.27
CA THR F 79 48.93 -17.90 -25.64
C THR F 79 50.14 -18.76 -25.28
N LYS F 80 50.17 -19.26 -24.04
CA LYS F 80 51.30 -20.01 -23.53
C LYS F 80 50.79 -21.12 -22.61
N GLU F 81 51.18 -22.35 -22.91
CA GLU F 81 50.82 -23.48 -22.06
C GLU F 81 51.66 -23.46 -20.78
N PHE F 82 51.03 -23.82 -19.66
CA PHE F 82 51.74 -23.83 -18.39
C PHE F 82 51.49 -25.05 -17.51
N ALA F 83 50.55 -25.92 -17.86
CA ALA F 83 50.26 -27.08 -17.01
C ALA F 83 49.54 -28.13 -17.83
N GLY F 84 49.42 -29.32 -17.23
CA GLY F 84 48.67 -30.41 -17.82
C GLY F 84 47.90 -31.17 -16.75
N ASN F 85 47.07 -32.11 -17.20
CA ASN F 85 46.24 -32.87 -16.29
C ASN F 85 45.88 -34.19 -16.96
N GLU F 86 45.18 -35.04 -16.20
CA GLU F 86 44.73 -36.34 -16.68
C GLU F 86 43.25 -36.50 -16.39
N LEU F 87 42.63 -37.46 -17.07
CA LEU F 87 41.21 -37.75 -16.89
C LEU F 87 41.04 -39.03 -16.07
N VAL F 88 40.17 -38.99 -15.08
CA VAL F 88 39.92 -40.12 -14.19
C VAL F 88 38.42 -40.31 -14.00
N LEU F 89 38.05 -41.52 -13.63
CA LEU F 89 36.66 -41.86 -13.29
C LEU F 89 36.57 -42.07 -11.78
N ILE F 90 35.67 -41.33 -11.14
CA ILE F 90 35.52 -41.37 -9.70
C ILE F 90 34.11 -41.80 -9.34
N GLU F 91 33.99 -42.53 -8.24
CA GLU F 91 32.73 -42.93 -7.65
C GLU F 91 32.76 -42.57 -6.17
N PRO F 92 31.59 -42.46 -5.53
CA PRO F 92 31.58 -42.19 -4.09
C PRO F 92 32.30 -43.28 -3.30
N LYS F 93 32.90 -42.88 -2.19
CA LYS F 93 33.65 -43.81 -1.36
C LYS F 93 32.71 -44.77 -0.67
N ASN F 94 32.84 -46.07 -0.97
CA ASN F 94 32.01 -47.09 -0.38
C ASN F 94 32.88 -48.32 -0.08
N VAL F 95 32.24 -49.37 0.43
CA VAL F 95 32.95 -50.60 0.77
C VAL F 95 33.47 -51.25 -0.51
N ASP F 96 34.76 -51.58 -0.52
CA ASP F 96 35.39 -52.18 -1.68
C ASP F 96 34.89 -53.61 -1.88
N GLN F 97 35.13 -54.14 -3.07
CA GLN F 97 34.72 -55.50 -3.41
C GLN F 97 35.88 -56.28 -4.02
N ALA F 101 36.78 -54.46 -12.00
CA ALA F 101 35.88 -53.80 -12.93
C ALA F 101 36.62 -52.78 -13.79
N ASN F 102 36.45 -52.89 -15.11
CA ASN F 102 37.08 -51.98 -16.04
C ASN F 102 36.18 -50.75 -16.24
N LEU F 103 36.52 -49.90 -17.22
CA LEU F 103 35.69 -48.73 -17.48
C LEU F 103 34.32 -49.11 -18.01
N GLU F 104 34.25 -50.19 -18.80
CA GLU F 104 32.97 -50.67 -19.31
C GLU F 104 32.06 -51.09 -18.16
N GLN F 105 32.56 -51.94 -17.26
CA GLN F 105 31.74 -52.45 -16.17
C GLN F 105 31.38 -51.35 -15.18
N LEU F 106 32.31 -50.42 -14.94
CA LEU F 106 32.02 -49.31 -14.02
C LEU F 106 30.93 -48.41 -14.58
N LEU F 107 30.93 -48.18 -15.89
CA LEU F 107 29.88 -47.39 -16.50
C LEU F 107 28.59 -48.19 -16.64
N ASN F 108 28.67 -49.52 -16.73
CA ASN F 108 27.48 -50.34 -16.79
C ASN F 108 26.70 -50.29 -15.49
N ASP F 109 27.39 -50.42 -14.35
CA ASP F 109 26.73 -50.41 -13.05
C ASP F 109 26.28 -49.02 -12.62
N ALA F 110 26.84 -47.96 -13.22
CA ALA F 110 26.47 -46.60 -12.84
C ALA F 110 25.13 -46.24 -13.48
N SER F 111 24.18 -45.82 -12.65
CA SER F 111 22.88 -45.39 -13.18
C SER F 111 22.94 -43.99 -13.77
N LYS F 112 23.75 -43.11 -13.16
CA LYS F 112 23.94 -41.75 -13.64
C LYS F 112 25.44 -41.49 -13.72
N ILE F 113 25.91 -41.09 -14.90
CA ILE F 113 27.32 -40.81 -15.15
C ILE F 113 27.46 -39.32 -15.40
N ALA F 114 28.00 -38.61 -14.41
CA ALA F 114 28.12 -37.16 -14.51
C ALA F 114 29.38 -36.79 -15.29
N ILE F 115 29.20 -35.96 -16.32
CA ILE F 115 30.31 -35.38 -17.06
C ILE F 115 30.02 -33.91 -17.29
N GLY F 116 31.07 -33.16 -17.63
CA GLY F 116 30.88 -31.78 -18.03
C GLY F 116 30.19 -31.67 -19.37
N ASP F 117 29.49 -30.56 -19.56
CA ASP F 117 28.82 -30.29 -20.84
C ASP F 117 29.88 -30.23 -21.93
N PRO F 118 29.87 -31.18 -22.87
CA PRO F 118 30.94 -31.21 -23.90
C PRO F 118 31.02 -29.95 -24.73
N GLU F 119 29.96 -29.13 -24.76
CA GLU F 119 29.97 -27.92 -25.57
C GLU F 119 30.71 -26.77 -24.90
N SER F 120 30.88 -26.82 -23.57
CA SER F 120 31.52 -25.72 -22.85
C SER F 120 32.38 -26.17 -21.68
N VAL F 121 32.56 -27.48 -21.47
CA VAL F 121 33.41 -27.95 -20.38
C VAL F 121 34.50 -28.86 -20.98
N PRO F 122 35.77 -28.45 -20.91
CA PRO F 122 36.83 -29.31 -21.46
C PRO F 122 36.86 -30.70 -20.87
N ALA F 123 36.64 -30.83 -19.57
CA ALA F 123 36.61 -32.15 -18.94
C ALA F 123 35.52 -33.02 -19.53
N GLY F 124 34.41 -32.41 -19.94
CA GLY F 124 33.34 -33.17 -20.59
C GLY F 124 33.70 -33.55 -22.01
N ALA F 125 34.39 -32.65 -22.73
CA ALA F 125 34.81 -32.97 -24.09
C ALA F 125 35.90 -34.03 -24.09
N TYR F 126 36.79 -34.00 -23.09
CA TYR F 126 37.80 -35.05 -22.97
C TYR F 126 37.15 -36.39 -22.70
N ALA F 127 36.10 -36.42 -21.88
CA ALA F 127 35.42 -37.68 -21.60
C ALA F 127 34.63 -38.15 -22.82
N LYS F 128 34.03 -37.23 -23.56
CA LYS F 128 33.28 -37.61 -24.76
C LYS F 128 34.21 -38.17 -25.82
N GLN F 129 35.45 -37.68 -25.91
CA GLN F 129 36.42 -38.29 -26.79
C GLN F 129 36.78 -39.70 -26.33
N THR F 130 36.87 -39.90 -25.01
CA THR F 130 37.21 -41.21 -24.48
C THR F 130 36.10 -42.22 -24.75
N LEU F 131 34.85 -41.83 -24.52
CA LEU F 131 33.74 -42.75 -24.70
C LEU F 131 33.53 -43.10 -26.16
N GLU F 132 33.80 -42.17 -27.07
CA GLU F 132 33.64 -42.46 -28.49
C GLU F 132 34.78 -43.28 -29.05
N ASN F 133 36.01 -43.08 -28.55
CA ASN F 133 37.14 -43.90 -28.95
C ASN F 133 37.13 -45.27 -28.30
N LEU F 134 36.22 -45.53 -27.36
CA LEU F 134 36.05 -46.84 -26.76
C LEU F 134 34.72 -47.47 -27.12
N ASN F 135 33.96 -46.84 -28.03
CA ASN F 135 32.65 -47.35 -28.47
C ASN F 135 31.69 -47.49 -27.29
N LEU F 136 31.72 -46.51 -26.39
CA LEU F 136 30.84 -46.51 -25.22
C LEU F 136 29.91 -45.31 -25.14
N TYR F 137 30.05 -44.33 -26.04
CA TYR F 137 29.23 -43.13 -25.95
C TYR F 137 27.76 -43.44 -26.17
N ASN F 138 27.45 -44.22 -27.22
CA ASN F 138 26.06 -44.60 -27.48
C ASN F 138 25.51 -45.48 -26.37
N ALA F 139 26.38 -46.22 -25.67
CA ALA F 139 25.93 -47.12 -24.62
C ALA F 139 25.51 -46.36 -23.37
N GLU F 140 26.31 -45.39 -22.94
CA GLU F 140 26.09 -44.68 -21.69
C GLU F 140 25.45 -43.30 -21.90
N LYS F 141 25.01 -42.99 -23.11
CA LYS F 141 24.45 -41.67 -23.39
C LYS F 141 23.16 -41.42 -22.62
N ALA F 142 22.35 -42.46 -22.42
CA ALA F 142 21.12 -42.29 -21.65
C ALA F 142 21.40 -42.03 -20.17
N LYS F 143 22.57 -42.40 -19.67
CA LYS F 143 22.93 -42.20 -18.27
C LYS F 143 23.71 -40.93 -18.02
N LEU F 144 24.17 -40.25 -19.08
CA LEU F 144 25.04 -39.09 -18.91
C LEU F 144 24.27 -37.90 -18.35
N VAL F 145 24.89 -37.20 -17.41
CA VAL F 145 24.37 -35.98 -16.83
C VAL F 145 25.41 -34.88 -17.03
N LEU F 146 24.99 -33.76 -17.60
CA LEU F 146 25.90 -32.68 -17.97
C LEU F 146 25.90 -31.60 -16.91
N ALA F 147 27.09 -31.20 -16.47
CA ALA F 147 27.27 -30.18 -15.45
C ALA F 147 27.89 -28.93 -16.06
N THR F 148 27.89 -27.84 -15.28
CA THR F 148 28.36 -26.56 -15.78
C THR F 148 29.87 -26.48 -15.87
N ASP F 149 30.59 -27.19 -14.99
CA ASP F 149 32.04 -27.23 -15.05
C ASP F 149 32.52 -28.52 -14.39
N VAL F 150 33.84 -28.70 -14.35
CA VAL F 150 34.40 -29.93 -13.82
C VAL F 150 34.21 -30.00 -12.30
N ARG F 151 34.11 -28.85 -11.63
CA ARG F 151 33.93 -28.86 -10.19
C ARG F 151 32.51 -29.23 -9.79
N GLN F 152 31.52 -28.97 -10.66
CA GLN F 152 30.17 -29.44 -10.40
C GLN F 152 30.07 -30.95 -10.53
N VAL F 153 30.85 -31.54 -11.44
CA VAL F 153 30.90 -32.99 -11.54
C VAL F 153 31.47 -33.60 -10.26
N LEU F 154 32.43 -32.92 -9.65
CA LEU F 154 33.03 -33.42 -8.42
C LEU F 154 32.04 -33.37 -7.26
N SER F 155 31.34 -32.26 -7.11
CA SER F 155 30.41 -32.11 -5.99
C SER F 155 29.15 -32.95 -6.17
N TYR F 156 28.85 -33.38 -7.39
CA TYR F 156 27.73 -34.31 -7.58
C TYR F 156 28.10 -35.72 -7.14
N VAL F 157 29.30 -36.17 -7.48
CA VAL F 157 29.75 -37.50 -7.06
C VAL F 157 30.02 -37.52 -5.56
N GLU F 158 30.44 -36.39 -4.99
CA GLU F 158 30.69 -36.35 -3.54
C GLU F 158 29.40 -36.54 -2.75
N ALA F 159 28.33 -35.88 -3.15
CA ALA F 159 27.05 -35.96 -2.44
C ALA F 159 26.30 -37.26 -2.70
N GLY F 160 26.82 -38.14 -3.55
CA GLY F 160 26.10 -39.35 -3.91
C GLY F 160 24.99 -39.15 -4.91
N ASN F 161 24.76 -37.92 -5.38
CA ASN F 161 23.72 -37.65 -6.35
C ASN F 161 24.07 -38.16 -7.75
N ALA F 162 25.27 -38.70 -7.93
CA ALA F 162 25.67 -39.31 -9.19
C ALA F 162 26.54 -40.52 -8.89
N ASP F 163 26.38 -41.57 -9.70
CA ASP F 163 27.09 -42.82 -9.43
C ASP F 163 28.55 -42.74 -9.86
N ALA F 164 28.79 -42.26 -11.08
CA ALA F 164 30.15 -42.13 -11.60
C ALA F 164 30.34 -40.74 -12.19
N GLY F 165 31.60 -40.34 -12.31
CA GLY F 165 31.93 -39.04 -12.85
C GLY F 165 33.30 -38.96 -13.50
N PHE F 166 33.41 -38.17 -14.57
CA PHE F 166 34.68 -37.92 -15.24
C PHE F 166 35.21 -36.57 -14.78
N VAL F 167 36.29 -36.59 -13.99
CA VAL F 167 36.94 -35.38 -13.50
C VAL F 167 38.43 -35.49 -13.79
N TYR F 168 39.16 -34.43 -13.43
CA TYR F 168 40.61 -34.45 -13.56
C TYR F 168 41.24 -35.13 -12.34
N GLN F 169 42.48 -35.58 -12.53
CA GLN F 169 43.21 -36.21 -11.43
C GLN F 169 43.45 -35.22 -10.30
N THR F 170 43.65 -33.94 -10.63
CA THR F 170 43.87 -32.93 -9.59
C THR F 170 42.63 -32.71 -8.74
N ASP F 171 41.43 -32.96 -9.30
CA ASP F 171 40.20 -32.76 -8.55
C ASP F 171 39.93 -33.94 -7.62
N ALA F 172 40.22 -35.16 -8.08
CA ALA F 172 40.03 -36.32 -7.22
C ALA F 172 41.00 -36.33 -6.05
N LEU F 173 42.20 -35.77 -6.24
CA LEU F 173 43.15 -35.64 -5.16
C LEU F 173 42.68 -34.67 -4.09
N LEU F 174 41.82 -33.71 -4.44
CA LEU F 174 41.33 -32.70 -3.51
C LEU F 174 40.04 -33.11 -2.80
N SER F 175 39.84 -34.41 -2.56
CA SER F 175 38.60 -34.88 -1.97
C SER F 175 38.79 -36.28 -1.41
N LYS F 176 38.44 -36.46 -0.14
CA LYS F 176 38.39 -37.79 0.47
C LYS F 176 36.97 -38.33 0.54
N LYS F 177 36.04 -37.75 -0.23
CA LYS F 177 34.69 -38.27 -0.33
C LYS F 177 34.52 -39.21 -1.52
N VAL F 178 35.37 -39.10 -2.54
CA VAL F 178 35.34 -39.96 -3.71
C VAL F 178 36.67 -40.69 -3.81
N GLN F 179 36.71 -41.69 -4.68
CA GLN F 179 37.93 -42.44 -4.93
C GLN F 179 38.04 -42.73 -6.42
N VAL F 180 39.27 -42.65 -6.94
CA VAL F 180 39.50 -42.90 -8.36
C VAL F 180 39.25 -44.38 -8.66
N LYS F 181 38.40 -44.63 -9.66
CA LYS F 181 38.09 -45.98 -10.07
C LYS F 181 38.74 -46.39 -11.39
N ALA F 182 39.15 -45.43 -12.21
CA ALA F 182 39.78 -45.74 -13.48
C ALA F 182 40.61 -44.54 -13.93
N LYS F 183 41.81 -44.82 -14.43
CA LYS F 183 42.69 -43.80 -15.01
C LYS F 183 42.63 -43.93 -16.52
N ILE F 184 42.21 -42.85 -17.19
CA ILE F 184 42.03 -42.89 -18.63
C ILE F 184 43.39 -42.87 -19.32
N ASP F 185 43.58 -43.75 -20.30
CA ASP F 185 44.78 -43.72 -21.11
C ASP F 185 44.83 -42.44 -21.93
N GLU F 186 46.02 -41.84 -22.02
CA GLU F 186 46.16 -40.53 -22.66
C GLU F 186 45.80 -40.58 -24.14
N LYS F 187 46.08 -41.71 -24.80
CA LYS F 187 45.81 -41.82 -26.24
C LYS F 187 44.32 -41.86 -26.57
N LEU F 188 43.45 -41.93 -25.57
CA LEU F 188 42.02 -41.98 -25.82
C LEU F 188 41.40 -40.62 -26.04
N HIS F 189 42.17 -39.54 -25.90
CA HIS F 189 41.62 -38.19 -26.04
C HIS F 189 42.76 -37.23 -26.36
N ASP F 190 42.39 -36.00 -26.69
CA ASP F 190 43.38 -34.96 -26.94
C ASP F 190 44.15 -34.65 -25.65
N PRO F 191 45.39 -34.18 -25.77
CA PRO F 191 46.18 -33.89 -24.56
C PRO F 191 45.53 -32.80 -23.72
N ILE F 192 45.42 -33.07 -22.42
CA ILE F 192 44.84 -32.12 -21.48
C ILE F 192 45.93 -31.13 -21.09
N ALA F 193 45.85 -29.90 -21.61
CA ALA F 193 46.84 -28.87 -21.36
C ALA F 193 46.15 -27.56 -21.00
N TYR F 194 46.74 -26.83 -20.06
CA TYR F 194 46.23 -25.54 -19.62
C TYR F 194 46.99 -24.42 -20.33
N TYR F 195 46.26 -23.45 -20.88
CA TYR F 195 46.84 -22.36 -21.63
C TYR F 195 46.48 -21.03 -20.99
N SER F 196 47.41 -20.09 -21.01
CA SER F 196 47.21 -18.73 -20.54
C SER F 196 47.24 -17.79 -21.73
N ALA F 197 46.21 -16.96 -21.86
CA ALA F 197 46.12 -16.01 -22.96
C ALA F 197 45.71 -14.65 -22.42
N GLN F 198 45.77 -13.64 -23.28
CA GLN F 198 45.50 -12.26 -22.91
C GLN F 198 44.42 -11.70 -23.82
N VAL F 199 43.37 -11.13 -23.21
CA VAL F 199 42.27 -10.55 -23.98
C VAL F 199 42.77 -9.32 -24.73
N SER F 200 42.39 -9.21 -26.01
CA SER F 200 42.93 -8.14 -26.84
C SER F 200 42.31 -6.79 -26.49
N ASP F 201 41.00 -6.75 -26.23
CA ASP F 201 40.36 -5.48 -25.91
C ASP F 201 40.73 -4.95 -24.53
N SER F 202 41.45 -5.74 -23.73
CA SER F 202 41.83 -5.31 -22.39
C SER F 202 42.73 -4.09 -22.46
N ASP F 203 42.32 -3.02 -21.79
CA ASP F 203 43.12 -1.80 -21.69
C ASP F 203 44.20 -1.89 -20.63
N LYS F 204 44.44 -3.08 -20.07
CA LYS F 204 45.48 -3.28 -19.07
C LYS F 204 46.43 -4.38 -19.50
N LYS F 205 46.87 -4.36 -20.76
CA LYS F 205 47.73 -5.43 -21.27
C LYS F 205 49.10 -5.42 -20.60
N GLU F 206 49.50 -4.32 -19.97
CA GLU F 206 50.80 -4.27 -19.32
C GLU F 206 50.79 -5.04 -18.01
N GLU F 207 49.80 -4.77 -17.15
CA GLU F 207 49.73 -5.43 -15.85
C GLU F 207 49.26 -6.87 -15.96
N THR F 208 48.65 -7.26 -17.07
CA THR F 208 48.17 -8.63 -17.23
C THR F 208 49.29 -9.59 -17.58
N ALA F 209 50.27 -9.15 -18.37
CA ALA F 209 51.39 -10.02 -18.73
C ALA F 209 52.27 -10.35 -17.53
N THR F 210 52.29 -9.46 -16.53
CA THR F 210 53.07 -9.74 -15.32
C THR F 210 52.56 -10.98 -14.60
N PHE F 211 51.25 -11.22 -14.65
CA PHE F 211 50.66 -12.38 -13.99
C PHE F 211 50.68 -13.62 -14.88
N LEU F 212 50.41 -13.46 -16.18
CA LEU F 212 50.40 -14.61 -17.08
C LEU F 212 51.81 -15.21 -17.22
N ASP F 213 52.83 -14.35 -17.25
CA ASP F 213 54.21 -14.84 -17.22
C ASP F 213 54.59 -15.39 -15.86
N PHE F 214 53.92 -14.95 -14.80
CA PHE F 214 54.20 -15.47 -13.46
C PHE F 214 53.68 -16.89 -13.27
N MET F 215 52.66 -17.29 -14.04
CA MET F 215 52.17 -18.66 -13.98
C MET F 215 53.14 -19.67 -14.55
N ASN F 216 54.16 -19.22 -15.29
CA ASN F 216 55.19 -20.11 -15.81
C ASN F 216 56.47 -20.08 -15.00
N LYS F 217 56.67 -19.05 -14.18
CA LYS F 217 57.83 -19.01 -13.29
C LYS F 217 57.72 -20.13 -12.26
N SER F 218 58.88 -20.68 -11.88
CA SER F 218 58.92 -21.90 -11.08
C SER F 218 58.26 -21.74 -9.72
N GLU F 219 58.03 -20.52 -9.26
CA GLU F 219 57.36 -20.33 -7.98
C GLU F 219 55.90 -20.80 -8.04
N ALA F 220 55.21 -20.49 -9.14
CA ALA F 220 53.86 -20.99 -9.35
C ALA F 220 53.85 -22.40 -9.93
N GLN F 221 54.91 -22.79 -10.64
CA GLN F 221 54.97 -24.13 -11.19
C GLN F 221 55.07 -25.20 -10.11
N LYS F 222 55.73 -24.88 -8.99
CA LYS F 222 55.82 -25.85 -7.90
C LYS F 222 54.48 -25.97 -7.18
N ILE F 223 53.66 -24.92 -7.19
CA ILE F 223 52.33 -25.02 -6.60
C ILE F 223 51.43 -25.91 -7.46
N LEU F 224 51.57 -25.80 -8.79
CA LEU F 224 50.89 -26.74 -9.67
C LEU F 224 51.37 -28.17 -9.41
N GLU F 225 52.63 -28.34 -9.05
CA GLU F 225 53.12 -29.66 -8.65
C GLU F 225 52.49 -30.11 -7.33
N LYS F 226 52.25 -29.16 -6.43
CA LYS F 226 51.66 -29.50 -5.13
C LYS F 226 50.26 -30.10 -5.28
N TYR F 227 49.52 -29.67 -6.30
CA TYR F 227 48.14 -30.12 -6.50
C TYR F 227 48.01 -31.20 -7.57
N GLY F 228 49.13 -31.72 -8.08
CA GLY F 228 49.11 -32.85 -8.98
C GLY F 228 49.13 -32.53 -10.45
N PHE F 229 49.25 -31.26 -10.83
CA PHE F 229 49.30 -30.91 -12.25
C PHE F 229 50.61 -31.39 -12.88
N LYS F 230 50.62 -31.42 -14.20
CA LYS F 230 51.79 -31.84 -14.95
C LYS F 230 52.62 -30.64 -15.38
N ALA F 231 53.82 -30.91 -15.88
CA ALA F 231 54.76 -29.86 -16.25
C ALA F 231 54.22 -29.02 -17.40
N ALA F 232 54.83 -27.85 -17.59
CA ALA F 232 54.40 -26.92 -18.62
C ALA F 232 54.71 -27.39 -20.03
N ASN F 233 55.48 -28.47 -20.18
CA ASN F 233 55.85 -29.00 -21.50
C ASN F 233 56.55 -27.94 -22.34
#